data_5QOM
# 
_entry.id   5QOM 
# 
_audit_conform.dict_name       mmcif_pdbx.dic 
_audit_conform.dict_version    5.387 
_audit_conform.dict_location   http://mmcif.pdb.org/dictionaries/ascii/mmcif_pdbx.dic 
# 
loop_
_database_2.database_id 
_database_2.database_code 
_database_2.pdbx_database_accession 
_database_2.pdbx_DOI 
PDB   5QOM         pdb_00005qom 10.2210/pdb5qom/pdb 
WWPDB D_1001402211 ?            ?                   
# 
loop_
_pdbx_audit_revision_history.ordinal 
_pdbx_audit_revision_history.data_content_type 
_pdbx_audit_revision_history.major_revision 
_pdbx_audit_revision_history.minor_revision 
_pdbx_audit_revision_history.revision_date 
1 'Structure model' 1 0 2019-05-08 
2 'Structure model' 1 1 2019-11-20 
3 'Structure model' 1 2 2024-03-06 
# 
_pdbx_audit_revision_details.ordinal             1 
_pdbx_audit_revision_details.revision_ordinal    1 
_pdbx_audit_revision_details.data_content_type   'Structure model' 
_pdbx_audit_revision_details.provider            repository 
_pdbx_audit_revision_details.type                'Initial release' 
_pdbx_audit_revision_details.description         ? 
_pdbx_audit_revision_details.details             ? 
# 
loop_
_pdbx_audit_revision_group.ordinal 
_pdbx_audit_revision_group.revision_ordinal 
_pdbx_audit_revision_group.data_content_type 
_pdbx_audit_revision_group.group 
1 2 'Structure model' 'Data collection'     
2 3 'Structure model' 'Data collection'     
3 3 'Structure model' 'Database references' 
# 
loop_
_pdbx_audit_revision_category.ordinal 
_pdbx_audit_revision_category.revision_ordinal 
_pdbx_audit_revision_category.data_content_type 
_pdbx_audit_revision_category.category 
1 2 'Structure model' diffrn_source  
2 3 'Structure model' chem_comp_atom 
3 3 'Structure model' chem_comp_bond 
4 3 'Structure model' database_2     
# 
loop_
_pdbx_audit_revision_item.ordinal 
_pdbx_audit_revision_item.revision_ordinal 
_pdbx_audit_revision_item.data_content_type 
_pdbx_audit_revision_item.item 
1 2 'Structure model' '_diffrn_source.pdbx_synchrotron_beamline' 
2 2 'Structure model' '_diffrn_source.type'                      
3 3 'Structure model' '_database_2.pdbx_DOI'                     
4 3 'Structure model' '_database_2.pdbx_database_accession'      
# 
_pdbx_database_status.entry_id                        5QOM 
_pdbx_database_status.status_code                     REL 
_pdbx_database_status.status_code_sf                  REL 
_pdbx_database_status.status_code_mr                  ? 
_pdbx_database_status.status_code_cs                  ? 
_pdbx_database_status.recvd_initial_deposition_date   2019-02-22 
_pdbx_database_status.deposit_site                    RCSB 
_pdbx_database_status.process_site                    RCSB 
_pdbx_database_status.SG_entry                        ? 
_pdbx_database_status.pdb_format_compatible           Y 
_pdbx_database_status.methods_development_category    ? 
_pdbx_database_status.status_code_nmr_data            ? 
# 
loop_
_audit_author.name 
_audit_author.pdbx_ordinal 
_audit_author.identifier_ORCID 
'Nelson, E.R.'      1  ? 
'Velupillai, S.'    2  ? 
'Talon, R.'         3  ? 
'Collins, P.M.'     4  ? 
'Krojer, T.'        5  ? 
'Wang, D.'          6  ? 
'Brandao-Neto, J.'  7  ? 
'Douangamath, A.'   8  ? 
'Burgess-Brown, N.' 9  ? 
'Arrowsmith, C.H.'  10 ? 
'Bountra, C.'       11 ? 
'Huber, K.'         12 ? 
'von Delft, F.'     13 ? 
# 
_citation.id                        primary 
_citation.title                     'PanDDA analysis group deposition' 
_citation.journal_abbrev            'To Be Published' 
_citation.journal_volume            ? 
_citation.page_first                ? 
_citation.page_last                 ? 
_citation.year                      ? 
_citation.journal_id_ASTM           ? 
_citation.country                   ? 
_citation.journal_id_ISSN           ? 
_citation.journal_id_CSD            0353 
_citation.book_publisher            ? 
_citation.pdbx_database_id_PubMed   ? 
_citation.pdbx_database_id_DOI      ? 
# 
loop_
_citation_author.citation_id 
_citation_author.name 
_citation_author.identifier_ORCID 
_citation_author.ordinal 
primary 'Nelson, E.R.'      ? 1  
primary 'Velupillai, S.'    ? 2  
primary 'Talon, R.'         ? 3  
primary 'Collins, P.M.'     ? 4  
primary 'Krojer, T.'        ? 5  
primary 'Wang, D.'          ? 6  
primary 'Brandao-Neto, J.'  ? 7  
primary 'Douangamath, A.'   ? 8  
primary 'Burgess-Brown, N.' ? 9  
primary 'Arrowsmith, C.H.'  ? 10 
primary 'Bountra, C.'       ? 11 
primary 'Huber, K.'         ? 12 
primary 'von Delft, F.'     ? 13 
# 
loop_
_entity.id 
_entity.type 
_entity.src_method 
_entity.pdbx_description 
_entity.formula_weight 
_entity.pdbx_number_of_molecules 
_entity.pdbx_ec 
_entity.pdbx_mutation 
_entity.pdbx_fragment 
_entity.details 
1 polymer     man 'DCP2 (NUDT20)'                                19073.738 1  3.6.1.62 ? 'UNP residues 95-260' ? 
2 non-polymer syn 1,2-ETHANEDIOL                                 62.068    2  ?        ? ?                     ? 
3 non-polymer syn 'DIMETHYL SULFOXIDE'                           78.133    1  ?        ? ?                     ? 
4 non-polymer syn 'ACETATE ION'                                  59.044    2  ?        ? ?                     ? 
5 non-polymer syn 'DI(HYDROXYETHYL)ETHER'                        106.120   1  ?        ? ?                     ? 
6 non-polymer syn '3-[(4-methylpiperidin-1-yl)methyl]-1H-indole' 228.333   1  ?        ? ?                     ? 
7 water       nat water                                          18.015    72 ?        ? ?                     ? 
# 
_entity_name_com.entity_id   1 
_entity_name_com.name        
'Nucleoside diphosphate-linked moiety X motif 20, Nudix motif 20, mRNA-decapping enzyme 2, hDpc, m7GpppN-mRNA hydrolase' 
# 
_entity_poly.entity_id                      1 
_entity_poly.type                           'polypeptide(L)' 
_entity_poly.nstd_linkage                   no 
_entity_poly.nstd_monomer                   no 
_entity_poly.pdbx_seq_one_letter_code       
;SMGVPTYGAIILDETLENVLLVQGYLAKSGWGFPKGKVNKEEAPHDCAAREVFEETGFDIKDYICKDDYIELRINDQLAR
LYIIPGIPKDTKFNPKTRREIRNIEWFSIEKLPCHRNDMTPKSKLGLAPNKFFMAIPFIRPLRDWLSRRFGDSSDSDNGF
SSTGSTP
;
_entity_poly.pdbx_seq_one_letter_code_can   
;SMGVPTYGAIILDETLENVLLVQGYLAKSGWGFPKGKVNKEEAPHDCAAREVFEETGFDIKDYICKDDYIELRINDQLAR
LYIIPGIPKDTKFNPKTRREIRNIEWFSIEKLPCHRNDMTPKSKLGLAPNKFFMAIPFIRPLRDWLSRRFGDSSDSDNGF
SSTGSTP
;
_entity_poly.pdbx_strand_id                 A 
_entity_poly.pdbx_target_identifier         ? 
# 
loop_
_pdbx_entity_nonpoly.entity_id 
_pdbx_entity_nonpoly.name 
_pdbx_entity_nonpoly.comp_id 
2 1,2-ETHANEDIOL                                 EDO 
3 'DIMETHYL SULFOXIDE'                           DMS 
4 'ACETATE ION'                                  ACT 
5 'DI(HYDROXYETHYL)ETHER'                        PEG 
6 '3-[(4-methylpiperidin-1-yl)methyl]-1H-indole' LDV 
7 water                                          HOH 
# 
loop_
_entity_poly_seq.entity_id 
_entity_poly_seq.num 
_entity_poly_seq.mon_id 
_entity_poly_seq.hetero 
1 1   SER n 
1 2   MET n 
1 3   GLY n 
1 4   VAL n 
1 5   PRO n 
1 6   THR n 
1 7   TYR n 
1 8   GLY n 
1 9   ALA n 
1 10  ILE n 
1 11  ILE n 
1 12  LEU n 
1 13  ASP n 
1 14  GLU n 
1 15  THR n 
1 16  LEU n 
1 17  GLU n 
1 18  ASN n 
1 19  VAL n 
1 20  LEU n 
1 21  LEU n 
1 22  VAL n 
1 23  GLN n 
1 24  GLY n 
1 25  TYR n 
1 26  LEU n 
1 27  ALA n 
1 28  LYS n 
1 29  SER n 
1 30  GLY n 
1 31  TRP n 
1 32  GLY n 
1 33  PHE n 
1 34  PRO n 
1 35  LYS n 
1 36  GLY n 
1 37  LYS n 
1 38  VAL n 
1 39  ASN n 
1 40  LYS n 
1 41  GLU n 
1 42  GLU n 
1 43  ALA n 
1 44  PRO n 
1 45  HIS n 
1 46  ASP n 
1 47  CYS n 
1 48  ALA n 
1 49  ALA n 
1 50  ARG n 
1 51  GLU n 
1 52  VAL n 
1 53  PHE n 
1 54  GLU n 
1 55  GLU n 
1 56  THR n 
1 57  GLY n 
1 58  PHE n 
1 59  ASP n 
1 60  ILE n 
1 61  LYS n 
1 62  ASP n 
1 63  TYR n 
1 64  ILE n 
1 65  CYS n 
1 66  LYS n 
1 67  ASP n 
1 68  ASP n 
1 69  TYR n 
1 70  ILE n 
1 71  GLU n 
1 72  LEU n 
1 73  ARG n 
1 74  ILE n 
1 75  ASN n 
1 76  ASP n 
1 77  GLN n 
1 78  LEU n 
1 79  ALA n 
1 80  ARG n 
1 81  LEU n 
1 82  TYR n 
1 83  ILE n 
1 84  ILE n 
1 85  PRO n 
1 86  GLY n 
1 87  ILE n 
1 88  PRO n 
1 89  LYS n 
1 90  ASP n 
1 91  THR n 
1 92  LYS n 
1 93  PHE n 
1 94  ASN n 
1 95  PRO n 
1 96  LYS n 
1 97  THR n 
1 98  ARG n 
1 99  ARG n 
1 100 GLU n 
1 101 ILE n 
1 102 ARG n 
1 103 ASN n 
1 104 ILE n 
1 105 GLU n 
1 106 TRP n 
1 107 PHE n 
1 108 SER n 
1 109 ILE n 
1 110 GLU n 
1 111 LYS n 
1 112 LEU n 
1 113 PRO n 
1 114 CYS n 
1 115 HIS n 
1 116 ARG n 
1 117 ASN n 
1 118 ASP n 
1 119 MET n 
1 120 THR n 
1 121 PRO n 
1 122 LYS n 
1 123 SER n 
1 124 LYS n 
1 125 LEU n 
1 126 GLY n 
1 127 LEU n 
1 128 ALA n 
1 129 PRO n 
1 130 ASN n 
1 131 LYS n 
1 132 PHE n 
1 133 PHE n 
1 134 MET n 
1 135 ALA n 
1 136 ILE n 
1 137 PRO n 
1 138 PHE n 
1 139 ILE n 
1 140 ARG n 
1 141 PRO n 
1 142 LEU n 
1 143 ARG n 
1 144 ASP n 
1 145 TRP n 
1 146 LEU n 
1 147 SER n 
1 148 ARG n 
1 149 ARG n 
1 150 PHE n 
1 151 GLY n 
1 152 ASP n 
1 153 SER n 
1 154 SER n 
1 155 ASP n 
1 156 SER n 
1 157 ASP n 
1 158 ASN n 
1 159 GLY n 
1 160 PHE n 
1 161 SER n 
1 162 SER n 
1 163 THR n 
1 164 GLY n 
1 165 SER n 
1 166 THR n 
1 167 PRO n 
# 
_entity_src_gen.entity_id                          1 
_entity_src_gen.pdbx_src_id                        1 
_entity_src_gen.pdbx_alt_source_flag               sample 
_entity_src_gen.pdbx_seq_type                      'Biological sequence' 
_entity_src_gen.pdbx_beg_seq_num                   1 
_entity_src_gen.pdbx_end_seq_num                   167 
_entity_src_gen.gene_src_common_name               Human 
_entity_src_gen.gene_src_genus                     ? 
_entity_src_gen.pdbx_gene_src_gene                 'DCP2, NUDT20' 
_entity_src_gen.gene_src_species                   ? 
_entity_src_gen.gene_src_strain                    ? 
_entity_src_gen.gene_src_tissue                    ? 
_entity_src_gen.gene_src_tissue_fraction           ? 
_entity_src_gen.gene_src_details                   ? 
_entity_src_gen.pdbx_gene_src_fragment             ? 
_entity_src_gen.pdbx_gene_src_scientific_name      'Homo sapiens' 
_entity_src_gen.pdbx_gene_src_ncbi_taxonomy_id     9606 
_entity_src_gen.pdbx_gene_src_variant              ? 
_entity_src_gen.pdbx_gene_src_cell_line            ? 
_entity_src_gen.pdbx_gene_src_atcc                 ? 
_entity_src_gen.pdbx_gene_src_organ                ? 
_entity_src_gen.pdbx_gene_src_organelle            ? 
_entity_src_gen.pdbx_gene_src_cell                 ? 
_entity_src_gen.pdbx_gene_src_cellular_location    ? 
_entity_src_gen.host_org_common_name               ? 
_entity_src_gen.pdbx_host_org_scientific_name      'Escherichia coli' 
_entity_src_gen.pdbx_host_org_ncbi_taxonomy_id     562 
_entity_src_gen.host_org_genus                     ? 
_entity_src_gen.pdbx_host_org_gene                 ? 
_entity_src_gen.pdbx_host_org_organ                ? 
_entity_src_gen.host_org_species                   ? 
_entity_src_gen.pdbx_host_org_tissue               ? 
_entity_src_gen.pdbx_host_org_tissue_fraction      ? 
_entity_src_gen.pdbx_host_org_strain               ? 
_entity_src_gen.pdbx_host_org_variant              ? 
_entity_src_gen.pdbx_host_org_cell_line            ? 
_entity_src_gen.pdbx_host_org_atcc                 ? 
_entity_src_gen.pdbx_host_org_culture_collection   ? 
_entity_src_gen.pdbx_host_org_cell                 ? 
_entity_src_gen.pdbx_host_org_organelle            ? 
_entity_src_gen.pdbx_host_org_cellular_location    ? 
_entity_src_gen.pdbx_host_org_vector_type          ? 
_entity_src_gen.pdbx_host_org_vector               ? 
_entity_src_gen.host_org_details                   ? 
_entity_src_gen.expression_system_id               ? 
_entity_src_gen.plasmid_name                       ? 
_entity_src_gen.plasmid_details                    ? 
_entity_src_gen.pdbx_description                   ? 
# 
loop_
_chem_comp.id 
_chem_comp.type 
_chem_comp.mon_nstd_flag 
_chem_comp.name 
_chem_comp.pdbx_synonyms 
_chem_comp.formula 
_chem_comp.formula_weight 
ACT non-polymer         . 'ACETATE ION'                                  ?                 'C2 H3 O2 -1'    59.044  
ALA 'L-peptide linking' y ALANINE                                        ?                 'C3 H7 N O2'     89.093  
ARG 'L-peptide linking' y ARGININE                                       ?                 'C6 H15 N4 O2 1' 175.209 
ASN 'L-peptide linking' y ASPARAGINE                                     ?                 'C4 H8 N2 O3'    132.118 
ASP 'L-peptide linking' y 'ASPARTIC ACID'                                ?                 'C4 H7 N O4'     133.103 
CYS 'L-peptide linking' y CYSTEINE                                       ?                 'C3 H7 N O2 S'   121.158 
DMS non-polymer         . 'DIMETHYL SULFOXIDE'                           ?                 'C2 H6 O S'      78.133  
EDO non-polymer         . 1,2-ETHANEDIOL                                 'ETHYLENE GLYCOL' 'C2 H6 O2'       62.068  
GLN 'L-peptide linking' y GLUTAMINE                                      ?                 'C5 H10 N2 O3'   146.144 
GLU 'L-peptide linking' y 'GLUTAMIC ACID'                                ?                 'C5 H9 N O4'     147.129 
GLY 'peptide linking'   y GLYCINE                                        ?                 'C2 H5 N O2'     75.067  
HIS 'L-peptide linking' y HISTIDINE                                      ?                 'C6 H10 N3 O2 1' 156.162 
HOH non-polymer         . WATER                                          ?                 'H2 O'           18.015  
ILE 'L-peptide linking' y ISOLEUCINE                                     ?                 'C6 H13 N O2'    131.173 
LDV non-polymer         . '3-[(4-methylpiperidin-1-yl)methyl]-1H-indole' ?                 'C15 H20 N2'     228.333 
LEU 'L-peptide linking' y LEUCINE                                        ?                 'C6 H13 N O2'    131.173 
LYS 'L-peptide linking' y LYSINE                                         ?                 'C6 H15 N2 O2 1' 147.195 
MET 'L-peptide linking' y METHIONINE                                     ?                 'C5 H11 N O2 S'  149.211 
PEG non-polymer         . 'DI(HYDROXYETHYL)ETHER'                        ?                 'C4 H10 O3'      106.120 
PHE 'L-peptide linking' y PHENYLALANINE                                  ?                 'C9 H11 N O2'    165.189 
PRO 'L-peptide linking' y PROLINE                                        ?                 'C5 H9 N O2'     115.130 
SER 'L-peptide linking' y SERINE                                         ?                 'C3 H7 N O3'     105.093 
THR 'L-peptide linking' y THREONINE                                      ?                 'C4 H9 N O3'     119.119 
TRP 'L-peptide linking' y TRYPTOPHAN                                     ?                 'C11 H12 N2 O2'  204.225 
TYR 'L-peptide linking' y TYROSINE                                       ?                 'C9 H11 N O3'    181.189 
VAL 'L-peptide linking' y VALINE                                         ?                 'C5 H11 N O2'    117.146 
# 
loop_
_pdbx_poly_seq_scheme.asym_id 
_pdbx_poly_seq_scheme.entity_id 
_pdbx_poly_seq_scheme.seq_id 
_pdbx_poly_seq_scheme.mon_id 
_pdbx_poly_seq_scheme.ndb_seq_num 
_pdbx_poly_seq_scheme.pdb_seq_num 
_pdbx_poly_seq_scheme.auth_seq_num 
_pdbx_poly_seq_scheme.pdb_mon_id 
_pdbx_poly_seq_scheme.auth_mon_id 
_pdbx_poly_seq_scheme.pdb_strand_id 
_pdbx_poly_seq_scheme.pdb_ins_code 
_pdbx_poly_seq_scheme.hetero 
A 1 1   SER 1   94  ?   ?   ?   A . n 
A 1 2   MET 2   95  ?   ?   ?   A . n 
A 1 3   GLY 3   96  96  GLY GLY A . n 
A 1 4   VAL 4   97  97  VAL VAL A . n 
A 1 5   PRO 5   98  98  PRO PRO A . n 
A 1 6   THR 6   99  99  THR THR A . n 
A 1 7   TYR 7   100 100 TYR TYR A . n 
A 1 8   GLY 8   101 101 GLY GLY A . n 
A 1 9   ALA 9   102 102 ALA ALA A . n 
A 1 10  ILE 10  103 103 ILE ILE A . n 
A 1 11  ILE 11  104 104 ILE ILE A . n 
A 1 12  LEU 12  105 105 LEU LEU A . n 
A 1 13  ASP 13  106 106 ASP ASP A . n 
A 1 14  GLU 14  107 107 GLU GLU A . n 
A 1 15  THR 15  108 108 THR THR A . n 
A 1 16  LEU 16  109 109 LEU LEU A . n 
A 1 17  GLU 17  110 110 GLU GLU A . n 
A 1 18  ASN 18  111 111 ASN ASN A . n 
A 1 19  VAL 19  112 112 VAL VAL A . n 
A 1 20  LEU 20  113 113 LEU LEU A . n 
A 1 21  LEU 21  114 114 LEU LEU A . n 
A 1 22  VAL 22  115 115 VAL VAL A . n 
A 1 23  GLN 23  116 116 GLN GLN A . n 
A 1 24  GLY 24  117 117 GLY GLY A . n 
A 1 25  TYR 25  118 118 TYR TYR A . n 
A 1 26  LEU 26  119 119 LEU LEU A . n 
A 1 27  ALA 27  120 120 ALA ALA A . n 
A 1 28  LYS 28  121 121 LYS LYS A . n 
A 1 29  SER 29  122 122 SER SER A . n 
A 1 30  GLY 30  123 123 GLY GLY A . n 
A 1 31  TRP 31  124 124 TRP TRP A . n 
A 1 32  GLY 32  125 125 GLY GLY A . n 
A 1 33  PHE 33  126 126 PHE PHE A . n 
A 1 34  PRO 34  127 127 PRO PRO A . n 
A 1 35  LYS 35  128 128 LYS LYS A . n 
A 1 36  GLY 36  129 129 GLY GLY A . n 
A 1 37  LYS 37  130 130 LYS LYS A . n 
A 1 38  VAL 38  131 131 VAL VAL A . n 
A 1 39  ASN 39  132 132 ASN ASN A . n 
A 1 40  LYS 40  133 133 LYS LYS A . n 
A 1 41  GLU 41  134 134 GLU GLU A . n 
A 1 42  GLU 42  135 135 GLU GLU A . n 
A 1 43  ALA 43  136 136 ALA ALA A . n 
A 1 44  PRO 44  137 137 PRO PRO A . n 
A 1 45  HIS 45  138 138 HIS HIS A . n 
A 1 46  ASP 46  139 139 ASP ASP A . n 
A 1 47  CYS 47  140 140 CYS CYS A . n 
A 1 48  ALA 48  141 141 ALA ALA A . n 
A 1 49  ALA 49  142 142 ALA ALA A . n 
A 1 50  ARG 50  143 143 ARG ARG A . n 
A 1 51  GLU 51  144 144 GLU GLU A . n 
A 1 52  VAL 52  145 145 VAL VAL A . n 
A 1 53  PHE 53  146 146 PHE PHE A . n 
A 1 54  GLU 54  147 147 GLU GLU A . n 
A 1 55  GLU 55  148 148 GLU GLU A . n 
A 1 56  THR 56  149 149 THR THR A . n 
A 1 57  GLY 57  150 150 GLY GLY A . n 
A 1 58  PHE 58  151 151 PHE PHE A . n 
A 1 59  ASP 59  152 152 ASP ASP A . n 
A 1 60  ILE 60  153 153 ILE ILE A . n 
A 1 61  LYS 61  154 154 LYS LYS A . n 
A 1 62  ASP 62  155 155 ASP ASP A . n 
A 1 63  TYR 63  156 156 TYR TYR A . n 
A 1 64  ILE 64  157 157 ILE ILE A . n 
A 1 65  CYS 65  158 158 CYS CYS A . n 
A 1 66  LYS 66  159 159 LYS LYS A . n 
A 1 67  ASP 67  160 160 ASP ASP A . n 
A 1 68  ASP 68  161 161 ASP ASP A . n 
A 1 69  TYR 69  162 162 TYR TYR A . n 
A 1 70  ILE 70  163 163 ILE ILE A . n 
A 1 71  GLU 71  164 164 GLU GLU A . n 
A 1 72  LEU 72  165 165 LEU LEU A . n 
A 1 73  ARG 73  166 166 ARG ARG A . n 
A 1 74  ILE 74  167 167 ILE ILE A . n 
A 1 75  ASN 75  168 168 ASN ASN A . n 
A 1 76  ASP 76  169 169 ASP ASP A . n 
A 1 77  GLN 77  170 170 GLN GLN A . n 
A 1 78  LEU 78  171 171 LEU LEU A . n 
A 1 79  ALA 79  172 172 ALA ALA A . n 
A 1 80  ARG 80  173 173 ARG ARG A . n 
A 1 81  LEU 81  174 174 LEU LEU A . n 
A 1 82  TYR 82  175 175 TYR TYR A . n 
A 1 83  ILE 83  176 176 ILE ILE A . n 
A 1 84  ILE 84  177 177 ILE ILE A . n 
A 1 85  PRO 85  178 178 PRO PRO A . n 
A 1 86  GLY 86  179 179 GLY GLY A . n 
A 1 87  ILE 87  180 180 ILE ILE A . n 
A 1 88  PRO 88  181 181 PRO PRO A . n 
A 1 89  LYS 89  182 182 LYS LYS A . n 
A 1 90  ASP 90  183 183 ASP ASP A . n 
A 1 91  THR 91  184 184 THR THR A . n 
A 1 92  LYS 92  185 185 LYS LYS A . n 
A 1 93  PHE 93  186 186 PHE PHE A . n 
A 1 94  ASN 94  187 187 ASN ASN A . n 
A 1 95  PRO 95  188 188 PRO PRO A . n 
A 1 96  LYS 96  189 189 LYS LYS A . n 
A 1 97  THR 97  190 190 THR THR A . n 
A 1 98  ARG 98  191 191 ARG ARG A . n 
A 1 99  ARG 99  192 192 ARG ARG A . n 
A 1 100 GLU 100 193 193 GLU GLU A . n 
A 1 101 ILE 101 194 194 ILE ILE A . n 
A 1 102 ARG 102 195 195 ARG ARG A . n 
A 1 103 ASN 103 196 196 ASN ASN A . n 
A 1 104 ILE 104 197 197 ILE ILE A . n 
A 1 105 GLU 105 198 198 GLU GLU A . n 
A 1 106 TRP 106 199 199 TRP TRP A . n 
A 1 107 PHE 107 200 200 PHE PHE A . n 
A 1 108 SER 108 201 201 SER SER A . n 
A 1 109 ILE 109 202 202 ILE ILE A . n 
A 1 110 GLU 110 203 203 GLU GLU A . n 
A 1 111 LYS 111 204 204 LYS LYS A . n 
A 1 112 LEU 112 205 205 LEU LEU A . n 
A 1 113 PRO 113 206 206 PRO PRO A . n 
A 1 114 CYS 114 207 207 CYS CYS A . n 
A 1 115 HIS 115 208 208 HIS HIS A . n 
A 1 116 ARG 116 209 209 ARG ARG A . n 
A 1 117 ASN 117 210 210 ASN ASN A . n 
A 1 118 ASP 118 211 211 ASP ASP A . n 
A 1 119 MET 119 212 212 MET MET A . n 
A 1 120 THR 120 213 213 THR THR A . n 
A 1 121 PRO 121 214 214 PRO PRO A . n 
A 1 122 LYS 122 215 215 LYS LYS A . n 
A 1 123 SER 123 216 216 SER SER A . n 
A 1 124 LYS 124 217 217 LYS LYS A . n 
A 1 125 LEU 125 218 218 LEU LEU A . n 
A 1 126 GLY 126 219 219 GLY GLY A . n 
A 1 127 LEU 127 220 220 LEU LEU A . n 
A 1 128 ALA 128 221 221 ALA ALA A . n 
A 1 129 PRO 129 222 222 PRO PRO A . n 
A 1 130 ASN 130 223 223 ASN ASN A . n 
A 1 131 LYS 131 224 224 LYS LYS A . n 
A 1 132 PHE 132 225 225 PHE PHE A . n 
A 1 133 PHE 133 226 226 PHE PHE A . n 
A 1 134 MET 134 227 227 MET MET A . n 
A 1 135 ALA 135 228 228 ALA ALA A . n 
A 1 136 ILE 136 229 229 ILE ILE A . n 
A 1 137 PRO 137 230 230 PRO PRO A . n 
A 1 138 PHE 138 231 231 PHE PHE A . n 
A 1 139 ILE 139 232 232 ILE ILE A . n 
A 1 140 ARG 140 233 233 ARG ARG A . n 
A 1 141 PRO 141 234 234 PRO PRO A . n 
A 1 142 LEU 142 235 235 LEU LEU A . n 
A 1 143 ARG 143 236 236 ARG ARG A . n 
A 1 144 ASP 144 237 237 ASP ASP A . n 
A 1 145 TRP 145 238 238 TRP TRP A . n 
A 1 146 LEU 146 239 239 LEU LEU A . n 
A 1 147 SER 147 240 240 SER SER A . n 
A 1 148 ARG 148 241 241 ARG ARG A . n 
A 1 149 ARG 149 242 242 ARG ARG A . n 
A 1 150 PHE 150 243 243 PHE PHE A . n 
A 1 151 GLY 151 244 244 GLY GLY A . n 
A 1 152 ASP 152 245 ?   ?   ?   A . n 
A 1 153 SER 153 246 ?   ?   ?   A . n 
A 1 154 SER 154 247 ?   ?   ?   A . n 
A 1 155 ASP 155 248 ?   ?   ?   A . n 
A 1 156 SER 156 249 ?   ?   ?   A . n 
A 1 157 ASP 157 250 ?   ?   ?   A . n 
A 1 158 ASN 158 251 ?   ?   ?   A . n 
A 1 159 GLY 159 252 ?   ?   ?   A . n 
A 1 160 PHE 160 253 ?   ?   ?   A . n 
A 1 161 SER 161 254 ?   ?   ?   A . n 
A 1 162 SER 162 255 ?   ?   ?   A . n 
A 1 163 THR 163 256 ?   ?   ?   A . n 
A 1 164 GLY 164 257 ?   ?   ?   A . n 
A 1 165 SER 165 258 ?   ?   ?   A . n 
A 1 166 THR 166 259 ?   ?   ?   A . n 
A 1 167 PRO 167 260 ?   ?   ?   A . n 
# 
loop_
_pdbx_nonpoly_scheme.asym_id 
_pdbx_nonpoly_scheme.entity_id 
_pdbx_nonpoly_scheme.mon_id 
_pdbx_nonpoly_scheme.ndb_seq_num 
_pdbx_nonpoly_scheme.pdb_seq_num 
_pdbx_nonpoly_scheme.auth_seq_num 
_pdbx_nonpoly_scheme.pdb_mon_id 
_pdbx_nonpoly_scheme.auth_mon_id 
_pdbx_nonpoly_scheme.pdb_strand_id 
_pdbx_nonpoly_scheme.pdb_ins_code 
B 2 EDO 1  301 2   EDO EDO A . 
C 2 EDO 1  302 3   EDO EDO A . 
D 3 DMS 1  303 1   DMS DMS A . 
E 4 ACT 1  304 1   ACT ACT A . 
F 4 ACT 1  305 2   ACT ACT A . 
G 5 PEG 1  306 1   PEG PEG A . 
H 6 LDV 1  307 1   LDV LIG A . 
I 7 HOH 1  401 83  HOH HOH A . 
I 7 HOH 2  402 65  HOH HOH A . 
I 7 HOH 3  403 46  HOH HOH A . 
I 7 HOH 4  404 17  HOH HOH A . 
I 7 HOH 5  405 39  HOH HOH A . 
I 7 HOH 6  406 36  HOH HOH A . 
I 7 HOH 7  407 11  HOH HOH A . 
I 7 HOH 8  408 12  HOH HOH A . 
I 7 HOH 9  409 16  HOH HOH A . 
I 7 HOH 10 410 38  HOH HOH A . 
I 7 HOH 11 411 60  HOH HOH A . 
I 7 HOH 12 412 35  HOH HOH A . 
I 7 HOH 13 413 29  HOH HOH A . 
I 7 HOH 14 414 68  HOH HOH A . 
I 7 HOH 15 415 9   HOH HOH A . 
I 7 HOH 16 416 97  HOH HOH A . 
I 7 HOH 17 417 96  HOH HOH A . 
I 7 HOH 18 418 95  HOH HOH A . 
I 7 HOH 19 419 14  HOH HOH A . 
I 7 HOH 20 420 23  HOH HOH A . 
I 7 HOH 21 421 4   HOH HOH A . 
I 7 HOH 22 422 80  HOH HOH A . 
I 7 HOH 23 423 66  HOH HOH A . 
I 7 HOH 24 424 1   HOH HOH A . 
I 7 HOH 25 425 32  HOH HOH A . 
I 7 HOH 26 426 2   HOH HOH A . 
I 7 HOH 27 427 81  HOH HOH A . 
I 7 HOH 28 428 110 HOH HOH A . 
I 7 HOH 29 429 15  HOH HOH A . 
I 7 HOH 30 430 27  HOH HOH A . 
I 7 HOH 31 431 71  HOH HOH A . 
I 7 HOH 32 432 94  HOH HOH A . 
I 7 HOH 33 433 88  HOH HOH A . 
I 7 HOH 34 434 5   HOH HOH A . 
I 7 HOH 35 435 3   HOH HOH A . 
I 7 HOH 36 436 76  HOH HOH A . 
I 7 HOH 37 437 50  HOH HOH A . 
I 7 HOH 38 438 13  HOH HOH A . 
I 7 HOH 39 439 43  HOH HOH A . 
I 7 HOH 40 440 67  HOH HOH A . 
I 7 HOH 41 441 24  HOH HOH A . 
I 7 HOH 42 442 90  HOH HOH A . 
I 7 HOH 43 443 7   HOH HOH A . 
I 7 HOH 44 444 78  HOH HOH A . 
I 7 HOH 45 445 6   HOH HOH A . 
I 7 HOH 46 446 74  HOH HOH A . 
I 7 HOH 47 447 33  HOH HOH A . 
I 7 HOH 48 448 8   HOH HOH A . 
I 7 HOH 49 449 22  HOH HOH A . 
I 7 HOH 50 450 84  HOH HOH A . 
I 7 HOH 51 451 86  HOH HOH A . 
I 7 HOH 52 452 21  HOH HOH A . 
I 7 HOH 53 453 25  HOH HOH A . 
I 7 HOH 54 454 57  HOH HOH A . 
I 7 HOH 55 455 101 HOH HOH A . 
I 7 HOH 56 456 30  HOH HOH A . 
I 7 HOH 57 457 19  HOH HOH A . 
I 7 HOH 58 458 105 HOH HOH A . 
I 7 HOH 59 459 40  HOH HOH A . 
I 7 HOH 60 460 31  HOH HOH A . 
I 7 HOH 61 461 72  HOH HOH A . 
I 7 HOH 62 462 42  HOH HOH A . 
I 7 HOH 63 463 52  HOH HOH A . 
I 7 HOH 64 464 106 HOH HOH A . 
I 7 HOH 65 465 69  HOH HOH A . 
I 7 HOH 66 466 26  HOH HOH A . 
I 7 HOH 67 467 98  HOH HOH A . 
I 7 HOH 68 468 20  HOH HOH A . 
I 7 HOH 69 469 62  HOH HOH A . 
I 7 HOH 70 470 93  HOH HOH A . 
I 7 HOH 71 471 51  HOH HOH A . 
I 7 HOH 72 472 41  HOH HOH A . 
# 
loop_
_pdbx_unobs_or_zero_occ_atoms.id 
_pdbx_unobs_or_zero_occ_atoms.PDB_model_num 
_pdbx_unobs_or_zero_occ_atoms.polymer_flag 
_pdbx_unobs_or_zero_occ_atoms.occupancy_flag 
_pdbx_unobs_or_zero_occ_atoms.auth_asym_id 
_pdbx_unobs_or_zero_occ_atoms.auth_comp_id 
_pdbx_unobs_or_zero_occ_atoms.auth_seq_id 
_pdbx_unobs_or_zero_occ_atoms.PDB_ins_code 
_pdbx_unobs_or_zero_occ_atoms.auth_atom_id 
_pdbx_unobs_or_zero_occ_atoms.label_alt_id 
_pdbx_unobs_or_zero_occ_atoms.label_asym_id 
_pdbx_unobs_or_zero_occ_atoms.label_comp_id 
_pdbx_unobs_or_zero_occ_atoms.label_seq_id 
_pdbx_unobs_or_zero_occ_atoms.label_atom_id 
1  1 Y 1 A LYS 130 ? CE  ? A LYS 37  CE  
2  1 Y 1 A LYS 130 ? NZ  ? A LYS 37  NZ  
3  1 Y 1 A LYS 133 ? CG  ? A LYS 40  CG  
4  1 Y 1 A LYS 133 ? CD  ? A LYS 40  CD  
5  1 Y 1 A LYS 133 ? CE  ? A LYS 40  CE  
6  1 Y 1 A LYS 133 ? NZ  ? A LYS 40  NZ  
7  1 Y 1 A GLU 134 ? CG  ? A GLU 41  CG  
8  1 Y 1 A GLU 134 ? CD  ? A GLU 41  CD  
9  1 Y 1 A GLU 134 ? OE1 ? A GLU 41  OE1 
10 1 Y 1 A GLU 134 ? OE2 ? A GLU 41  OE2 
11 1 Y 1 A LYS 159 ? CD  ? A LYS 66  CD  
12 1 Y 1 A LYS 159 ? CE  ? A LYS 66  CE  
13 1 Y 1 A LYS 159 ? NZ  ? A LYS 66  NZ  
14 1 Y 1 A LYS 185 ? CE  ? A LYS 92  CE  
15 1 Y 1 A LYS 185 ? NZ  ? A LYS 92  NZ  
16 1 Y 1 A LYS 215 ? CD  ? A LYS 122 CD  
17 1 Y 1 A LYS 215 ? CE  ? A LYS 122 CE  
18 1 Y 1 A LYS 215 ? NZ  ? A LYS 122 NZ  
19 1 Y 1 A LYS 217 ? CE  ? A LYS 124 CE  
20 1 Y 1 A LYS 217 ? NZ  ? A LYS 124 NZ  
21 1 Y 1 A ARG 241 ? CD  ? A ARG 148 CD  
22 1 Y 1 A ARG 241 ? NE  ? A ARG 148 NE  
23 1 Y 1 A ARG 241 ? CZ  ? A ARG 148 CZ  
24 1 Y 1 A ARG 241 ? NH1 ? A ARG 148 NH1 
25 1 Y 1 A ARG 241 ? NH2 ? A ARG 148 NH2 
# 
loop_
_software.pdbx_ordinal 
_software.name 
_software.version 
_software.date 
_software.type 
_software.contact_author 
_software.contact_author_email 
_software.classification 
_software.location 
_software.language 
_software.citation_id 
1 REFMAC      5.8.0189 ?               program 'Garib N. Murshudov' garib@ysbl.york.ac.uk    refinement        
http://www.ccp4.ac.uk/dist/html/refmac5.html        Fortran_77 ? 
2 Aimless     0.5.29   17/10/16        program 'Phil Evans'         ?                        'data scaling'    
http://www.mrc-lmb.cam.ac.uk/harry/pre/aimless.html ?          ? 
3 PDB_EXTRACT 3.23     'SEP. 23, 2016' package PDB                  deposit@deposit.rcsb.org 'data extraction' 
http://sw-tools.pdb.org/apps/PDB_EXTRACT/           C++        ? 
4 XDS         .        ?               program ?                    ?                        'data reduction'  ? ?          ? 
5 REFMAC      .        ?               program ?                    ?                        phasing           ? ?          ? 
# 
_cell.entry_id           5QOM 
_cell.length_a           47.920 
_cell.length_b           61.250 
_cell.length_c           65.570 
_cell.angle_alpha        90.000 
_cell.angle_beta         90.000 
_cell.angle_gamma        90.000 
_cell.Z_PDB              4 
_cell.pdbx_unique_axis   ? 
# 
_symmetry.entry_id                         5QOM 
_symmetry.Int_Tables_number                19 
_symmetry.space_group_name_H-M             'P 21 21 21' 
_symmetry.pdbx_full_space_group_name_H-M   ? 
_symmetry.cell_setting                     ? 
# 
_exptl.crystals_number   1 
_exptl.entry_id          5QOM 
_exptl.method            'X-RAY DIFFRACTION' 
# 
_exptl_crystal.id                    1 
_exptl_crystal.pdbx_mosaicity        0.000 
_exptl_crystal.pdbx_mosaicity_esd    ? 
_exptl_crystal.density_Matthews      2.52 
_exptl_crystal.density_diffrn        ? 
_exptl_crystal.density_meas          ? 
_exptl_crystal.density_meas_temp     ? 
_exptl_crystal.density_percent_sol   51.24 
_exptl_crystal.size_max              ? 
_exptl_crystal.size_mid              ? 
_exptl_crystal.size_min              ? 
_exptl_crystal.size_rad              ? 
_exptl_crystal.description           ? 
# 
_exptl_crystal_grow.crystal_id      1 
_exptl_crystal_grow.method          'VAPOR DIFFUSION, SITTING DROP' 
_exptl_crystal_grow.pH              4.5 
_exptl_crystal_grow.temp            277 
_exptl_crystal_grow.pdbx_details    '0.1 M acetate, pH 4.5, 5-25% PEG3350' 
_exptl_crystal_grow.temp_details    ? 
_exptl_crystal_grow.pdbx_pH_range   ? 
# 
_diffrn.id                     1 
_diffrn.ambient_temp           ? 
_diffrn.crystal_id             1 
_diffrn.ambient_temp_details   ? 
# 
_diffrn_detector.detector               PIXEL 
_diffrn_detector.type                   'DECTRIS PILATUS 2M' 
_diffrn_detector.pdbx_collection_date   2016-12-15 
_diffrn_detector.diffrn_id              1 
_diffrn_detector.details                ? 
# 
_diffrn_radiation.diffrn_id                        1 
_diffrn_radiation.wavelength_id                    1 
_diffrn_radiation.pdbx_diffrn_protocol             'SINGLE WAVELENGTH' 
_diffrn_radiation.pdbx_monochromatic_or_laue_m_l   ? 
_diffrn_radiation.monochromator                    ? 
_diffrn_radiation.pdbx_scattering_type             x-ray 
# 
_diffrn_radiation_wavelength.id           1 
_diffrn_radiation_wavelength.wavelength   0.92819 
_diffrn_radiation_wavelength.wt           1.0 
# 
_diffrn_source.diffrn_id                   1 
_diffrn_source.source                      SYNCHROTRON 
_diffrn_source.type                        'DIAMOND BEAMLINE I04-1' 
_diffrn_source.pdbx_wavelength_list        0.92819 
_diffrn_source.pdbx_synchrotron_site       Diamond 
_diffrn_source.pdbx_synchrotron_beamline   I04-1 
_diffrn_source.pdbx_wavelength             ? 
# 
_reflns.entry_id                     5QOM 
_reflns.pdbx_diffrn_id               1 
_reflns.pdbx_ordinal                 1 
_reflns.observed_criterion_sigma_I   ? 
_reflns.observed_criterion_sigma_F   ? 
_reflns.d_resolution_low             38.690 
_reflns.d_resolution_high            1.870 
_reflns.number_obs                   16469 
_reflns.number_all                   ? 
_reflns.percent_possible_obs         99.600 
_reflns.pdbx_Rmerge_I_obs            0.077 
_reflns.pdbx_Rsym_value              ? 
_reflns.pdbx_netI_over_sigmaI        12.700 
_reflns.B_iso_Wilson_estimate        ? 
_reflns.pdbx_redundancy              6.500 
_reflns.pdbx_Rrim_I_all              0.084 
_reflns.pdbx_Rpim_I_all              0.033 
_reflns.pdbx_CC_half                 0.999 
_reflns.pdbx_netI_over_av_sigmaI     ? 
_reflns.pdbx_number_measured_all     107510 
_reflns.pdbx_scaling_rejects         0 
_reflns.pdbx_chi_squared             ? 
_reflns.Rmerge_F_all                 ? 
_reflns.Rmerge_F_obs                 ? 
_reflns.observed_criterion_F_max     ? 
_reflns.observed_criterion_F_min     ? 
_reflns.observed_criterion_I_max     ? 
_reflns.observed_criterion_I_min     ? 
_reflns.pdbx_d_res_high_opt          ? 
_reflns.pdbx_d_res_low_opt           ? 
_reflns.details                      ? 
# 
loop_
_reflns_shell.pdbx_diffrn_id 
_reflns_shell.pdbx_ordinal 
_reflns_shell.d_res_high 
_reflns_shell.d_res_low 
_reflns_shell.number_measured_obs 
_reflns_shell.number_measured_all 
_reflns_shell.number_unique_obs 
_reflns_shell.pdbx_rejects 
_reflns_shell.Rmerge_I_obs 
_reflns_shell.meanI_over_sigI_obs 
_reflns_shell.pdbx_Rsym_value 
_reflns_shell.pdbx_chi_squared 
_reflns_shell.pdbx_redundancy 
_reflns_shell.percent_possible_obs 
_reflns_shell.pdbx_netI_over_sigmaI_obs 
_reflns_shell.number_possible 
_reflns_shell.number_unique_all 
_reflns_shell.Rmerge_F_all 
_reflns_shell.Rmerge_F_obs 
_reflns_shell.Rmerge_I_all 
_reflns_shell.meanI_over_sigI_all 
_reflns_shell.percent_possible_all 
_reflns_shell.pdbx_Rrim_I_all 
_reflns_shell.pdbx_Rpim_I_all 
_reflns_shell.pdbx_CC_half 
1 1 1.870 1.920  ? 8161 ? ? 1.729 ? ? ? 6.900 ? 1.300  ? 1187 ? ? ? ? 98.900 1.870 0.704 0.598 
1 2 8.360 38.690 ? 1290 ? ? 0.024 ? ? ? 5.900 ? 48.400 ? 220  ? ? ? ? 97.700 0.026 0.011 0.999 
# 
_refine.entry_id                                 5QOM 
_refine.pdbx_refine_id                           'X-RAY DIFFRACTION' 
_refine.ls_d_res_high                            1.8700 
_refine.ls_d_res_low                             44.7600 
_refine.pdbx_ls_sigma_F                          0.000 
_refine.pdbx_data_cutoff_high_absF               ? 
_refine.pdbx_data_cutoff_low_absF                ? 
_refine.ls_percent_reflns_obs                    99.4100 
_refine.ls_number_reflns_obs                     15639 
_refine.ls_number_reflns_all                     ? 
_refine.pdbx_ls_cross_valid_method               THROUGHOUT 
_refine.ls_matrix_type                           ? 
_refine.pdbx_R_Free_selection_details            RANDOM 
_refine.details                                  
'HYDROGENS HAVE BEEN ADDED IN THE RIDING POSITIONS U VALUES : REFINED INDIVIDUALLY' 
_refine.ls_R_factor_all                          ? 
_refine.ls_R_factor_obs                          0.2024 
_refine.ls_R_factor_R_work                       0.2001 
_refine.ls_wR_factor_R_work                      ? 
_refine.ls_R_factor_R_free                       0.2518 
_refine.ls_wR_factor_R_free                      ? 
_refine.ls_percent_reflns_R_free                 4.8000 
_refine.ls_number_reflns_R_free                  794 
_refine.ls_number_reflns_R_work                  ? 
_refine.ls_R_factor_R_free_error                 ? 
_refine.B_iso_mean                               46.2120 
_refine.solvent_model_param_bsol                 ? 
_refine.solvent_model_param_ksol                 ? 
_refine.pdbx_isotropic_thermal_model             ? 
_refine.aniso_B[1][1]                            0.0600 
_refine.aniso_B[2][2]                            -0.0500 
_refine.aniso_B[3][3]                            -0.0000 
_refine.aniso_B[1][2]                            0.0000 
_refine.aniso_B[1][3]                            -0.0000 
_refine.aniso_B[2][3]                            0.0000 
_refine.correlation_coeff_Fo_to_Fc               0.9630 
_refine.correlation_coeff_Fo_to_Fc_free          0.9330 
_refine.overall_SU_R_Cruickshank_DPI             ? 
_refine.pdbx_overall_SU_R_free_Cruickshank_DPI   ? 
_refine.pdbx_overall_SU_R_Blow_DPI               ? 
_refine.pdbx_overall_SU_R_free_Blow_DPI          ? 
_refine.overall_SU_R_free                        ? 
_refine.pdbx_overall_ESU_R                       0.1650 
_refine.pdbx_overall_ESU_R_Free                  0.1570 
_refine.overall_SU_ML                            0.1450 
_refine.overall_SU_B                             5.3030 
_refine.solvent_model_details                    MASK 
_refine.pdbx_solvent_vdw_probe_radii             1.2000 
_refine.pdbx_solvent_ion_probe_radii             0.8000 
_refine.pdbx_solvent_shrinkage_radii             0.8000 
_refine.ls_number_parameters                     ? 
_refine.ls_number_restraints                     ? 
_refine.pdbx_starting_model                      'PDB entry 5MP0' 
_refine.pdbx_method_to_determine_struct          'FOURIER SYNTHESIS' 
_refine.pdbx_stereochemistry_target_values       'MAXIMUM LIKELIHOOD' 
_refine.pdbx_stereochem_target_val_spec_case     ? 
_refine.overall_FOM_work_R_set                   ? 
_refine.B_iso_max                                119.030 
_refine.B_iso_min                                23.230 
_refine.pdbx_overall_phase_error                 ? 
_refine.occupancy_max                            ? 
_refine.occupancy_min                            ? 
_refine.pdbx_diffrn_id                           1 
_refine.pdbx_TLS_residual_ADP_flag               ? 
_refine.pdbx_ls_sigma_I                          ? 
_refine.pdbx_data_cutoff_high_rms_absF           ? 
_refine.ls_R_factor_R_free_error_details         ? 
# 
_refine_hist.cycle_id                         final 
_refine_hist.pdbx_refine_id                   'X-RAY DIFFRACTION' 
_refine_hist.d_res_high                       1.8700 
_refine_hist.d_res_low                        44.7600 
_refine_hist.pdbx_number_atoms_ligand         44 
_refine_hist.number_atoms_solvent             72 
_refine_hist.number_atoms_total               1311 
_refine_hist.pdbx_number_residues_total       149 
_refine_hist.pdbx_B_iso_mean_ligand           70.10 
_refine_hist.pdbx_B_iso_mean_solvent          49.23 
_refine_hist.pdbx_number_atoms_protein        1195 
_refine_hist.pdbx_number_atoms_nucleic_acid   0 
# 
loop_
_refine_ls_restr.pdbx_refine_id 
_refine_ls_restr.type 
_refine_ls_restr.number 
_refine_ls_restr.dev_ideal 
_refine_ls_restr.dev_ideal_target 
_refine_ls_restr.weight 
_refine_ls_restr.pdbx_restraint_function 
'X-RAY DIFFRACTION' r_bond_refined_d       1926 0.016  0.019  ? ? 
'X-RAY DIFFRACTION' r_bond_other_d         1521 0.002  0.020  ? ? 
'X-RAY DIFFRACTION' r_angle_refined_deg    2217 1.822  1.960  ? ? 
'X-RAY DIFFRACTION' r_angle_other_deg      3529 1.074  2.961  ? ? 
'X-RAY DIFFRACTION' r_dihedral_angle_1_deg 208  6.576  5.000  ? ? 
'X-RAY DIFFRACTION' r_dihedral_angle_2_deg 76   34.533 22.105 ? ? 
'X-RAY DIFFRACTION' r_dihedral_angle_3_deg 274  17.476 15.000 ? ? 
'X-RAY DIFFRACTION' r_dihedral_angle_4_deg 19   19.449 15.000 ? ? 
'X-RAY DIFFRACTION' r_chiral_restr         224  0.118  0.200  ? ? 
'X-RAY DIFFRACTION' r_gen_planes_refined   1908 0.009  0.021  ? ? 
'X-RAY DIFFRACTION' r_gen_planes_other     387  0.002  0.020  ? ? 
'X-RAY DIFFRACTION' r_mcbond_it            906  3.457  4.495  ? ? 
'X-RAY DIFFRACTION' r_mcbond_other         882  3.448  4.431  ? ? 
'X-RAY DIFFRACTION' r_mcangle_it           994  5.337  6.488  ? ? 
# 
_refine_ls_shell.d_res_high                       1.8700 
_refine_ls_shell.d_res_low                        1.9190 
_refine_ls_shell.pdbx_total_number_of_bins_used   20 
_refine_ls_shell.percent_reflns_obs               98.6600 
_refine_ls_shell.number_reflns_R_work             1114 
_refine_ls_shell.R_factor_all                     ? 
_refine_ls_shell.R_factor_R_work                  0.3780 
_refine_ls_shell.R_factor_R_free                  0.4010 
_refine_ls_shell.percent_reflns_R_free            ? 
_refine_ls_shell.number_reflns_R_free             66 
_refine_ls_shell.R_factor_R_free_error            ? 
_refine_ls_shell.number_reflns_all                1180 
_refine_ls_shell.number_reflns_obs                ? 
_refine_ls_shell.pdbx_refine_id                   'X-RAY DIFFRACTION' 
# 
_struct.entry_id                  5QOM 
_struct.title                     
'PanDDA analysis group deposition -- Crystal Structure of DCP2 (NUDT20) in complex with FMOPL000576a' 
_struct.pdbx_model_details        ? 
_struct.pdbx_CASP_flag            ? 
_struct.pdbx_model_type_details   ? 
# 
_struct_keywords.entry_id        5QOM 
_struct_keywords.text            'SGC - Diamond I04-1 fragment screening, PanDDA, XChemExplorer, HYDROLASE' 
_struct_keywords.pdbx_keywords   HYDROLASE 
# 
loop_
_struct_asym.id 
_struct_asym.pdbx_blank_PDB_chainid_flag 
_struct_asym.pdbx_modified 
_struct_asym.entity_id 
_struct_asym.details 
A N N 1 ? 
B N N 2 ? 
C N N 2 ? 
D N N 3 ? 
E N N 4 ? 
F N N 4 ? 
G N N 5 ? 
H N N 6 ? 
I N N 7 ? 
# 
_struct_ref.id                         1 
_struct_ref.db_name                    UNP 
_struct_ref.db_code                    DCP2_HUMAN 
_struct_ref.pdbx_db_accession          Q8IU60 
_struct_ref.pdbx_db_isoform            ? 
_struct_ref.entity_id                  1 
_struct_ref.pdbx_seq_one_letter_code   
;MGVPTYGAIILDETLENVLLVQGYLAKSGWGFPKGKVNKEEAPHDCAAREVFEETGFDIKDYICKDDYIELRINDQLARL
YIIPGIPKDTKFNPKTRREIRNIEWFSIEKLPCHRNDMTPKSKLGLAPNKFFMAIPFIRPLRDWLSRRFGDSSDSDNGFS
STGSTP
;
_struct_ref.pdbx_align_begin           95 
# 
_struct_ref_seq.align_id                      1 
_struct_ref_seq.ref_id                        1 
_struct_ref_seq.pdbx_PDB_id_code              5QOM 
_struct_ref_seq.pdbx_strand_id                A 
_struct_ref_seq.seq_align_beg                 2 
_struct_ref_seq.pdbx_seq_align_beg_ins_code   ? 
_struct_ref_seq.seq_align_end                 167 
_struct_ref_seq.pdbx_seq_align_end_ins_code   ? 
_struct_ref_seq.pdbx_db_accession             Q8IU60 
_struct_ref_seq.db_align_beg                  95 
_struct_ref_seq.pdbx_db_align_beg_ins_code    ? 
_struct_ref_seq.db_align_end                  260 
_struct_ref_seq.pdbx_db_align_end_ins_code    ? 
_struct_ref_seq.pdbx_auth_seq_align_beg       95 
_struct_ref_seq.pdbx_auth_seq_align_end       260 
# 
_struct_ref_seq_dif.align_id                     1 
_struct_ref_seq_dif.pdbx_pdb_id_code             5QOM 
_struct_ref_seq_dif.mon_id                       SER 
_struct_ref_seq_dif.pdbx_pdb_strand_id           A 
_struct_ref_seq_dif.seq_num                      1 
_struct_ref_seq_dif.pdbx_pdb_ins_code            ? 
_struct_ref_seq_dif.pdbx_seq_db_name             UNP 
_struct_ref_seq_dif.pdbx_seq_db_accession_code   Q8IU60 
_struct_ref_seq_dif.db_mon_id                    ? 
_struct_ref_seq_dif.pdbx_seq_db_seq_num          ? 
_struct_ref_seq_dif.details                      'expression tag' 
_struct_ref_seq_dif.pdbx_auth_seq_num            94 
_struct_ref_seq_dif.pdbx_ordinal                 1 
# 
_pdbx_struct_assembly.id                   1 
_pdbx_struct_assembly.details              author_and_software_defined_assembly 
_pdbx_struct_assembly.method_details       PISA 
_pdbx_struct_assembly.oligomeric_details   monomeric 
_pdbx_struct_assembly.oligomeric_count     1 
# 
loop_
_pdbx_struct_assembly_prop.biol_id 
_pdbx_struct_assembly_prop.type 
_pdbx_struct_assembly_prop.value 
_pdbx_struct_assembly_prop.details 
1 'ABSA (A^2)' 1200 ? 
1 MORE         10   ? 
1 'SSA (A^2)'  8750 ? 
# 
_pdbx_struct_assembly_gen.assembly_id       1 
_pdbx_struct_assembly_gen.oper_expression   1 
_pdbx_struct_assembly_gen.asym_id_list      A,B,C,D,E,F,G,H,I 
# 
_pdbx_struct_oper_list.id                   1 
_pdbx_struct_oper_list.type                 'identity operation' 
_pdbx_struct_oper_list.name                 1_555 
_pdbx_struct_oper_list.symmetry_operation   x,y,z 
_pdbx_struct_oper_list.matrix[1][1]         1.0000000000 
_pdbx_struct_oper_list.matrix[1][2]         0.0000000000 
_pdbx_struct_oper_list.matrix[1][3]         0.0000000000 
_pdbx_struct_oper_list.vector[1]            0.0000000000 
_pdbx_struct_oper_list.matrix[2][1]         0.0000000000 
_pdbx_struct_oper_list.matrix[2][2]         1.0000000000 
_pdbx_struct_oper_list.matrix[2][3]         0.0000000000 
_pdbx_struct_oper_list.vector[2]            0.0000000000 
_pdbx_struct_oper_list.matrix[3][1]         0.0000000000 
_pdbx_struct_oper_list.matrix[3][2]         0.0000000000 
_pdbx_struct_oper_list.matrix[3][3]         1.0000000000 
_pdbx_struct_oper_list.vector[3]            0.0000000000 
# 
loop_
_struct_conf.conf_type_id 
_struct_conf.id 
_struct_conf.pdbx_PDB_helix_id 
_struct_conf.beg_label_comp_id 
_struct_conf.beg_label_asym_id 
_struct_conf.beg_label_seq_id 
_struct_conf.pdbx_beg_PDB_ins_code 
_struct_conf.end_label_comp_id 
_struct_conf.end_label_asym_id 
_struct_conf.end_label_seq_id 
_struct_conf.pdbx_end_PDB_ins_code 
_struct_conf.beg_auth_comp_id 
_struct_conf.beg_auth_asym_id 
_struct_conf.beg_auth_seq_id 
_struct_conf.end_auth_comp_id 
_struct_conf.end_auth_asym_id 
_struct_conf.end_auth_seq_id 
_struct_conf.pdbx_PDB_helix_class 
_struct_conf.details 
_struct_conf.pdbx_PDB_helix_length 
HELX_P HELX_P1 AA1 TYR A 25  ? SER A 29  ? TYR A 118 SER A 122 5 ? 5  
HELX_P HELX_P2 AA2 ALA A 43  ? GLY A 57  ? ALA A 136 GLY A 150 1 ? 15 
HELX_P HELX_P3 AA3 MET A 119 ? SER A 123 ? MET A 212 SER A 216 5 ? 5  
HELX_P HELX_P4 AA4 ALA A 135 ? PRO A 137 ? ALA A 228 PRO A 230 5 ? 3  
HELX_P HELX_P5 AA5 PHE A 138 ? PHE A 150 ? PHE A 231 PHE A 243 1 ? 13 
# 
_struct_conf_type.id          HELX_P 
_struct_conf_type.criteria    ? 
_struct_conf_type.reference   ? 
# 
loop_
_struct_sheet.id 
_struct_sheet.type 
_struct_sheet.number_strands 
_struct_sheet.details 
AA1 ? 4 ? 
AA2 ? 3 ? 
# 
loop_
_struct_sheet_order.sheet_id 
_struct_sheet_order.range_id_1 
_struct_sheet_order.range_id_2 
_struct_sheet_order.offset 
_struct_sheet_order.sense 
AA1 1 2 ? anti-parallel 
AA1 2 3 ? parallel      
AA1 3 4 ? anti-parallel 
AA2 1 2 ? anti-parallel 
AA2 2 3 ? anti-parallel 
# 
loop_
_struct_sheet_range.sheet_id 
_struct_sheet_range.id 
_struct_sheet_range.beg_label_comp_id 
_struct_sheet_range.beg_label_asym_id 
_struct_sheet_range.beg_label_seq_id 
_struct_sheet_range.pdbx_beg_PDB_ins_code 
_struct_sheet_range.end_label_comp_id 
_struct_sheet_range.end_label_asym_id 
_struct_sheet_range.end_label_seq_id 
_struct_sheet_range.pdbx_end_PDB_ins_code 
_struct_sheet_range.beg_auth_comp_id 
_struct_sheet_range.beg_auth_asym_id 
_struct_sheet_range.beg_auth_seq_id 
_struct_sheet_range.end_auth_comp_id 
_struct_sheet_range.end_auth_asym_id 
_struct_sheet_range.end_auth_seq_id 
AA1 1 LYS A 35  ? LYS A 37  ? LYS A 128 LYS A 130 
AA1 2 THR A 6   ? ILE A 11  ? THR A 99  ILE A 104 
AA1 3 LEU A 78  ? ILE A 84  ? LEU A 171 ILE A 177 
AA1 4 TYR A 69  ? ARG A 73  ? TYR A 162 ARG A 166 
AA2 1 TRP A 31  ? GLY A 32  ? TRP A 124 GLY A 125 
AA2 2 ASN A 18  ? GLN A 23  ? ASN A 111 GLN A 116 
AA2 3 ASN A 103 ? SER A 108 ? ASN A 196 SER A 201 
# 
loop_
_pdbx_struct_sheet_hbond.sheet_id 
_pdbx_struct_sheet_hbond.range_id_1 
_pdbx_struct_sheet_hbond.range_id_2 
_pdbx_struct_sheet_hbond.range_1_label_atom_id 
_pdbx_struct_sheet_hbond.range_1_label_comp_id 
_pdbx_struct_sheet_hbond.range_1_label_asym_id 
_pdbx_struct_sheet_hbond.range_1_label_seq_id 
_pdbx_struct_sheet_hbond.range_1_PDB_ins_code 
_pdbx_struct_sheet_hbond.range_1_auth_atom_id 
_pdbx_struct_sheet_hbond.range_1_auth_comp_id 
_pdbx_struct_sheet_hbond.range_1_auth_asym_id 
_pdbx_struct_sheet_hbond.range_1_auth_seq_id 
_pdbx_struct_sheet_hbond.range_2_label_atom_id 
_pdbx_struct_sheet_hbond.range_2_label_comp_id 
_pdbx_struct_sheet_hbond.range_2_label_asym_id 
_pdbx_struct_sheet_hbond.range_2_label_seq_id 
_pdbx_struct_sheet_hbond.range_2_PDB_ins_code 
_pdbx_struct_sheet_hbond.range_2_auth_atom_id 
_pdbx_struct_sheet_hbond.range_2_auth_comp_id 
_pdbx_struct_sheet_hbond.range_2_auth_asym_id 
_pdbx_struct_sheet_hbond.range_2_auth_seq_id 
AA1 1 2 O GLY A 36 ? O GLY A 129 N TYR A 7   ? N TYR A 100 
AA1 2 3 N ILE A 10 ? N ILE A 103 O ILE A 84  ? O ILE A 177 
AA1 3 4 O ALA A 79 ? O ALA A 172 N LEU A 72  ? N LEU A 165 
AA2 1 2 O GLY A 32 ? O GLY A 125 N VAL A 22  ? N VAL A 115 
AA2 2 3 N GLN A 23 ? N GLN A 116 O ASN A 103 ? O ASN A 196 
# 
loop_
_struct_site.id 
_struct_site.pdbx_evidence_code 
_struct_site.pdbx_auth_asym_id 
_struct_site.pdbx_auth_comp_id 
_struct_site.pdbx_auth_seq_id 
_struct_site.pdbx_auth_ins_code 
_struct_site.pdbx_num_residues 
_struct_site.details 
AC1 Software A EDO 301 ? 4  'binding site for residue EDO A 301' 
AC2 Software A EDO 302 ? 4  'binding site for residue EDO A 302' 
AC3 Software A DMS 303 ? 2  'binding site for residue DMS A 303' 
AC4 Software A ACT 304 ? 4  'binding site for residue ACT A 304' 
AC5 Software A ACT 305 ? 4  'binding site for residue ACT A 305' 
AC6 Software A PEG 306 ? 8  'binding site for residue PEG A 306' 
AC7 Software A LDV 307 ? 10 'binding site for residue LDV A 307' 
# 
loop_
_struct_site_gen.id 
_struct_site_gen.site_id 
_struct_site_gen.pdbx_num_res 
_struct_site_gen.label_comp_id 
_struct_site_gen.label_asym_id 
_struct_site_gen.label_seq_id 
_struct_site_gen.pdbx_auth_ins_code 
_struct_site_gen.auth_comp_id 
_struct_site_gen.auth_asym_id 
_struct_site_gen.auth_seq_id 
_struct_site_gen.label_atom_id 
_struct_site_gen.label_alt_id 
_struct_site_gen.symmetry 
_struct_site_gen.details 
1  AC1 4  ALA A 49  ? ALA A 142 . ? 1_555 ? 
2  AC1 4  ASP A 59  ? ASP A 152 . ? 1_555 ? 
3  AC1 4  HOH I .   ? HOH A 403 . ? 1_555 ? 
4  AC1 4  HOH I .   ? HOH A 416 . ? 1_555 ? 
5  AC2 4  ASN A 130 ? ASN A 223 . ? 1_555 ? 
6  AC2 4  LYS A 131 ? LYS A 224 . ? 1_555 ? 
7  AC2 4  ACT F .   ? ACT A 305 . ? 1_555 ? 
8  AC2 4  HOH I .   ? HOH A 457 . ? 1_555 ? 
9  AC3 2  ASN A 18  ? ASN A 111 . ? 1_555 ? 
10 AC3 2  TRP A 106 ? TRP A 199 . ? 1_555 ? 
11 AC4 4  SER A 29  ? SER A 122 . ? 1_555 ? 
12 AC4 4  TYR A 63  ? TYR A 156 . ? 3_357 ? 
13 AC4 4  ARG A 102 ? ARG A 195 . ? 1_555 ? 
14 AC4 4  HOH I .   ? HOH A 414 . ? 1_555 ? 
15 AC5 4  ARG A 116 ? ARG A 209 . ? 1_555 ? 
16 AC5 4  PRO A 129 ? PRO A 222 . ? 1_555 ? 
17 AC5 4  ASN A 130 ? ASN A 223 . ? 1_555 ? 
18 AC5 4  EDO C .   ? EDO A 302 . ? 1_555 ? 
19 AC6 8  VAL A 22  ? VAL A 115 . ? 1_555 ? 
20 AC6 8  GLY A 24  ? GLY A 117 . ? 1_555 ? 
21 AC6 8  LYS A 28  ? LYS A 121 . ? 1_555 ? 
22 AC6 8  GLY A 30  ? GLY A 123 . ? 1_555 ? 
23 AC6 8  GLY A 32  ? GLY A 125 . ? 1_555 ? 
24 AC6 8  LYS A 35  ? LYS A 128 . ? 1_555 ? 
25 AC6 8  GLU A 55  ? GLU A 148 . ? 1_555 ? 
26 AC6 8  MET A 134 ? MET A 227 . ? 1_555 ? 
27 AC7 10 PHE A 93  ? PHE A 186 . ? 1_555 ? 
28 AC7 10 ASN A 94  ? ASN A 187 . ? 1_555 ? 
29 AC7 10 PRO A 95  ? PRO A 188 . ? 1_555 ? 
30 AC7 10 ARG A 98  ? ARG A 191 . ? 1_555 ? 
31 AC7 10 ARG A 102 ? ARG A 195 . ? 1_555 ? 
32 AC7 10 ASN A 103 ? ASN A 196 . ? 1_555 ? 
33 AC7 10 ILE A 104 ? ILE A 197 . ? 1_555 ? 
34 AC7 10 GLU A 105 ? GLU A 198 . ? 1_555 ? 
35 AC7 10 TRP A 106 ? TRP A 199 . ? 1_555 ? 
36 AC7 10 HOH I .   ? HOH A 428 . ? 1_555 ? 
# 
loop_
_pdbx_validate_close_contact.id 
_pdbx_validate_close_contact.PDB_model_num 
_pdbx_validate_close_contact.auth_atom_id_1 
_pdbx_validate_close_contact.auth_asym_id_1 
_pdbx_validate_close_contact.auth_comp_id_1 
_pdbx_validate_close_contact.auth_seq_id_1 
_pdbx_validate_close_contact.PDB_ins_code_1 
_pdbx_validate_close_contact.label_alt_id_1 
_pdbx_validate_close_contact.auth_atom_id_2 
_pdbx_validate_close_contact.auth_asym_id_2 
_pdbx_validate_close_contact.auth_comp_id_2 
_pdbx_validate_close_contact.auth_seq_id_2 
_pdbx_validate_close_contact.PDB_ins_code_2 
_pdbx_validate_close_contact.label_alt_id_2 
_pdbx_validate_close_contact.dist 
1 1 OH A TYR 118 ? ? O A HOH 401 ? ? 2.02 
2 1 O  A HOH 419 ? ? O A HOH 470 ? ? 2.16 
# 
_pdbx_validate_rmsd_angle.id                         1 
_pdbx_validate_rmsd_angle.PDB_model_num              1 
_pdbx_validate_rmsd_angle.auth_atom_id_1             CB 
_pdbx_validate_rmsd_angle.auth_asym_id_1             A 
_pdbx_validate_rmsd_angle.auth_comp_id_1             ASP 
_pdbx_validate_rmsd_angle.auth_seq_id_1              152 
_pdbx_validate_rmsd_angle.PDB_ins_code_1             ? 
_pdbx_validate_rmsd_angle.label_alt_id_1             ? 
_pdbx_validate_rmsd_angle.auth_atom_id_2             CG 
_pdbx_validate_rmsd_angle.auth_asym_id_2             A 
_pdbx_validate_rmsd_angle.auth_comp_id_2             ASP 
_pdbx_validate_rmsd_angle.auth_seq_id_2              152 
_pdbx_validate_rmsd_angle.PDB_ins_code_2             ? 
_pdbx_validate_rmsd_angle.label_alt_id_2             ? 
_pdbx_validate_rmsd_angle.auth_atom_id_3             OD1 
_pdbx_validate_rmsd_angle.auth_asym_id_3             A 
_pdbx_validate_rmsd_angle.auth_comp_id_3             ASP 
_pdbx_validate_rmsd_angle.auth_seq_id_3              152 
_pdbx_validate_rmsd_angle.PDB_ins_code_3             ? 
_pdbx_validate_rmsd_angle.label_alt_id_3             ? 
_pdbx_validate_rmsd_angle.angle_value                124.54 
_pdbx_validate_rmsd_angle.angle_target_value         118.30 
_pdbx_validate_rmsd_angle.angle_deviation            6.24 
_pdbx_validate_rmsd_angle.angle_standard_deviation   0.90 
_pdbx_validate_rmsd_angle.linker_flag                N 
# 
loop_
_pdbx_validate_torsion.id 
_pdbx_validate_torsion.PDB_model_num 
_pdbx_validate_torsion.auth_comp_id 
_pdbx_validate_torsion.auth_asym_id 
_pdbx_validate_torsion.auth_seq_id 
_pdbx_validate_torsion.PDB_ins_code 
_pdbx_validate_torsion.label_alt_id 
_pdbx_validate_torsion.phi 
_pdbx_validate_torsion.psi 
1 1 LEU A 119 ? ? 59.68 -106.95 
2 1 GLU A 134 ? ? 74.06 -9.30   
3 1 SER A 216 ? ? 34.55 41.22   
# 
_phasing.method   MR 
# 
loop_
_pdbx_unobs_or_zero_occ_residues.id 
_pdbx_unobs_or_zero_occ_residues.PDB_model_num 
_pdbx_unobs_or_zero_occ_residues.polymer_flag 
_pdbx_unobs_or_zero_occ_residues.occupancy_flag 
_pdbx_unobs_or_zero_occ_residues.auth_asym_id 
_pdbx_unobs_or_zero_occ_residues.auth_comp_id 
_pdbx_unobs_or_zero_occ_residues.auth_seq_id 
_pdbx_unobs_or_zero_occ_residues.PDB_ins_code 
_pdbx_unobs_or_zero_occ_residues.label_asym_id 
_pdbx_unobs_or_zero_occ_residues.label_comp_id 
_pdbx_unobs_or_zero_occ_residues.label_seq_id 
1  1 Y 1 A SER 94  ? A SER 1   
2  1 Y 1 A MET 95  ? A MET 2   
3  1 Y 1 A ASP 245 ? A ASP 152 
4  1 Y 1 A SER 246 ? A SER 153 
5  1 Y 1 A SER 247 ? A SER 154 
6  1 Y 1 A ASP 248 ? A ASP 155 
7  1 Y 1 A SER 249 ? A SER 156 
8  1 Y 1 A ASP 250 ? A ASP 157 
9  1 Y 1 A ASN 251 ? A ASN 158 
10 1 Y 1 A GLY 252 ? A GLY 159 
11 1 Y 1 A PHE 253 ? A PHE 160 
12 1 Y 1 A SER 254 ? A SER 161 
13 1 Y 1 A SER 255 ? A SER 162 
14 1 Y 1 A THR 256 ? A THR 163 
15 1 Y 1 A GLY 257 ? A GLY 164 
16 1 Y 1 A SER 258 ? A SER 165 
17 1 Y 1 A THR 259 ? A THR 166 
18 1 Y 1 A PRO 260 ? A PRO 167 
# 
loop_
_chem_comp_atom.comp_id 
_chem_comp_atom.atom_id 
_chem_comp_atom.type_symbol 
_chem_comp_atom.pdbx_aromatic_flag 
_chem_comp_atom.pdbx_stereo_config 
_chem_comp_atom.pdbx_ordinal 
ACT C    C N N 1   
ACT O    O N N 2   
ACT OXT  O N N 3   
ACT CH3  C N N 4   
ACT H1   H N N 5   
ACT H2   H N N 6   
ACT H3   H N N 7   
ALA N    N N N 8   
ALA CA   C N S 9   
ALA C    C N N 10  
ALA O    O N N 11  
ALA CB   C N N 12  
ALA OXT  O N N 13  
ALA H    H N N 14  
ALA H2   H N N 15  
ALA HA   H N N 16  
ALA HB1  H N N 17  
ALA HB2  H N N 18  
ALA HB3  H N N 19  
ALA HXT  H N N 20  
ARG N    N N N 21  
ARG CA   C N S 22  
ARG C    C N N 23  
ARG O    O N N 24  
ARG CB   C N N 25  
ARG CG   C N N 26  
ARG CD   C N N 27  
ARG NE   N N N 28  
ARG CZ   C N N 29  
ARG NH1  N N N 30  
ARG NH2  N N N 31  
ARG OXT  O N N 32  
ARG H    H N N 33  
ARG H2   H N N 34  
ARG HA   H N N 35  
ARG HB2  H N N 36  
ARG HB3  H N N 37  
ARG HG2  H N N 38  
ARG HG3  H N N 39  
ARG HD2  H N N 40  
ARG HD3  H N N 41  
ARG HE   H N N 42  
ARG HH11 H N N 43  
ARG HH12 H N N 44  
ARG HH21 H N N 45  
ARG HH22 H N N 46  
ARG HXT  H N N 47  
ASN N    N N N 48  
ASN CA   C N S 49  
ASN C    C N N 50  
ASN O    O N N 51  
ASN CB   C N N 52  
ASN CG   C N N 53  
ASN OD1  O N N 54  
ASN ND2  N N N 55  
ASN OXT  O N N 56  
ASN H    H N N 57  
ASN H2   H N N 58  
ASN HA   H N N 59  
ASN HB2  H N N 60  
ASN HB3  H N N 61  
ASN HD21 H N N 62  
ASN HD22 H N N 63  
ASN HXT  H N N 64  
ASP N    N N N 65  
ASP CA   C N S 66  
ASP C    C N N 67  
ASP O    O N N 68  
ASP CB   C N N 69  
ASP CG   C N N 70  
ASP OD1  O N N 71  
ASP OD2  O N N 72  
ASP OXT  O N N 73  
ASP H    H N N 74  
ASP H2   H N N 75  
ASP HA   H N N 76  
ASP HB2  H N N 77  
ASP HB3  H N N 78  
ASP HD2  H N N 79  
ASP HXT  H N N 80  
CYS N    N N N 81  
CYS CA   C N R 82  
CYS C    C N N 83  
CYS O    O N N 84  
CYS CB   C N N 85  
CYS SG   S N N 86  
CYS OXT  O N N 87  
CYS H    H N N 88  
CYS H2   H N N 89  
CYS HA   H N N 90  
CYS HB2  H N N 91  
CYS HB3  H N N 92  
CYS HG   H N N 93  
CYS HXT  H N N 94  
DMS S    S N N 95  
DMS O    O N N 96  
DMS C1   C N N 97  
DMS C2   C N N 98  
DMS H11  H N N 99  
DMS H12  H N N 100 
DMS H13  H N N 101 
DMS H21  H N N 102 
DMS H22  H N N 103 
DMS H23  H N N 104 
EDO C1   C N N 105 
EDO O1   O N N 106 
EDO C2   C N N 107 
EDO O2   O N N 108 
EDO H11  H N N 109 
EDO H12  H N N 110 
EDO HO1  H N N 111 
EDO H21  H N N 112 
EDO H22  H N N 113 
EDO HO2  H N N 114 
GLN N    N N N 115 
GLN CA   C N S 116 
GLN C    C N N 117 
GLN O    O N N 118 
GLN CB   C N N 119 
GLN CG   C N N 120 
GLN CD   C N N 121 
GLN OE1  O N N 122 
GLN NE2  N N N 123 
GLN OXT  O N N 124 
GLN H    H N N 125 
GLN H2   H N N 126 
GLN HA   H N N 127 
GLN HB2  H N N 128 
GLN HB3  H N N 129 
GLN HG2  H N N 130 
GLN HG3  H N N 131 
GLN HE21 H N N 132 
GLN HE22 H N N 133 
GLN HXT  H N N 134 
GLU N    N N N 135 
GLU CA   C N S 136 
GLU C    C N N 137 
GLU O    O N N 138 
GLU CB   C N N 139 
GLU CG   C N N 140 
GLU CD   C N N 141 
GLU OE1  O N N 142 
GLU OE2  O N N 143 
GLU OXT  O N N 144 
GLU H    H N N 145 
GLU H2   H N N 146 
GLU HA   H N N 147 
GLU HB2  H N N 148 
GLU HB3  H N N 149 
GLU HG2  H N N 150 
GLU HG3  H N N 151 
GLU HE2  H N N 152 
GLU HXT  H N N 153 
GLY N    N N N 154 
GLY CA   C N N 155 
GLY C    C N N 156 
GLY O    O N N 157 
GLY OXT  O N N 158 
GLY H    H N N 159 
GLY H2   H N N 160 
GLY HA2  H N N 161 
GLY HA3  H N N 162 
GLY HXT  H N N 163 
HIS N    N N N 164 
HIS CA   C N S 165 
HIS C    C N N 166 
HIS O    O N N 167 
HIS CB   C N N 168 
HIS CG   C Y N 169 
HIS ND1  N Y N 170 
HIS CD2  C Y N 171 
HIS CE1  C Y N 172 
HIS NE2  N Y N 173 
HIS OXT  O N N 174 
HIS H    H N N 175 
HIS H2   H N N 176 
HIS HA   H N N 177 
HIS HB2  H N N 178 
HIS HB3  H N N 179 
HIS HD1  H N N 180 
HIS HD2  H N N 181 
HIS HE1  H N N 182 
HIS HE2  H N N 183 
HIS HXT  H N N 184 
HOH O    O N N 185 
HOH H1   H N N 186 
HOH H2   H N N 187 
ILE N    N N N 188 
ILE CA   C N S 189 
ILE C    C N N 190 
ILE O    O N N 191 
ILE CB   C N S 192 
ILE CG1  C N N 193 
ILE CG2  C N N 194 
ILE CD1  C N N 195 
ILE OXT  O N N 196 
ILE H    H N N 197 
ILE H2   H N N 198 
ILE HA   H N N 199 
ILE HB   H N N 200 
ILE HG12 H N N 201 
ILE HG13 H N N 202 
ILE HG21 H N N 203 
ILE HG22 H N N 204 
ILE HG23 H N N 205 
ILE HD11 H N N 206 
ILE HD12 H N N 207 
ILE HD13 H N N 208 
ILE HXT  H N N 209 
LDV N1   N N N 210 
LDV C4   C N N 211 
LDV C5   C N N 212 
LDV C6   C N N 213 
LDV C7   C N N 214 
LDV C8   C Y N 215 
LDV C10  C Y N 216 
LDV C13  C Y N 217 
LDV C15  C Y N 218 
LDV C1   C N N 219 
LDV C11  C Y N 220 
LDV C12  C Y N 221 
LDV C14  C Y N 222 
LDV C2   C N N 223 
LDV C3   C N N 224 
LDV C9   C Y N 225 
LDV N2   N Y N 226 
LDV H2   H N N 227 
LDV H3   H N N 228 
LDV H4   H N N 229 
LDV H5   H N N 230 
LDV H6   H N N 231 
LDV H7   H N N 232 
LDV H8   H N N 233 
LDV H9   H N N 234 
LDV H10  H N N 235 
LDV H11  H N N 236 
LDV H12  H N N 237 
LDV H13  H N N 238 
LDV H14  H N N 239 
LDV H15  H N N 240 
LDV H16  H N N 241 
LDV H17  H N N 242 
LDV H18  H N N 243 
LDV H19  H N N 244 
LDV H20  H N N 245 
LDV H21  H N N 246 
LEU N    N N N 247 
LEU CA   C N S 248 
LEU C    C N N 249 
LEU O    O N N 250 
LEU CB   C N N 251 
LEU CG   C N N 252 
LEU CD1  C N N 253 
LEU CD2  C N N 254 
LEU OXT  O N N 255 
LEU H    H N N 256 
LEU H2   H N N 257 
LEU HA   H N N 258 
LEU HB2  H N N 259 
LEU HB3  H N N 260 
LEU HG   H N N 261 
LEU HD11 H N N 262 
LEU HD12 H N N 263 
LEU HD13 H N N 264 
LEU HD21 H N N 265 
LEU HD22 H N N 266 
LEU HD23 H N N 267 
LEU HXT  H N N 268 
LYS N    N N N 269 
LYS CA   C N S 270 
LYS C    C N N 271 
LYS O    O N N 272 
LYS CB   C N N 273 
LYS CG   C N N 274 
LYS CD   C N N 275 
LYS CE   C N N 276 
LYS NZ   N N N 277 
LYS OXT  O N N 278 
LYS H    H N N 279 
LYS H2   H N N 280 
LYS HA   H N N 281 
LYS HB2  H N N 282 
LYS HB3  H N N 283 
LYS HG2  H N N 284 
LYS HG3  H N N 285 
LYS HD2  H N N 286 
LYS HD3  H N N 287 
LYS HE2  H N N 288 
LYS HE3  H N N 289 
LYS HZ1  H N N 290 
LYS HZ2  H N N 291 
LYS HZ3  H N N 292 
LYS HXT  H N N 293 
MET N    N N N 294 
MET CA   C N S 295 
MET C    C N N 296 
MET O    O N N 297 
MET CB   C N N 298 
MET CG   C N N 299 
MET SD   S N N 300 
MET CE   C N N 301 
MET OXT  O N N 302 
MET H    H N N 303 
MET H2   H N N 304 
MET HA   H N N 305 
MET HB2  H N N 306 
MET HB3  H N N 307 
MET HG2  H N N 308 
MET HG3  H N N 309 
MET HE1  H N N 310 
MET HE2  H N N 311 
MET HE3  H N N 312 
MET HXT  H N N 313 
PEG C1   C N N 314 
PEG O1   O N N 315 
PEG C2   C N N 316 
PEG O2   O N N 317 
PEG C3   C N N 318 
PEG C4   C N N 319 
PEG O4   O N N 320 
PEG H11  H N N 321 
PEG H12  H N N 322 
PEG HO1  H N N 323 
PEG H21  H N N 324 
PEG H22  H N N 325 
PEG H31  H N N 326 
PEG H32  H N N 327 
PEG H41  H N N 328 
PEG H42  H N N 329 
PEG HO4  H N N 330 
PHE N    N N N 331 
PHE CA   C N S 332 
PHE C    C N N 333 
PHE O    O N N 334 
PHE CB   C N N 335 
PHE CG   C Y N 336 
PHE CD1  C Y N 337 
PHE CD2  C Y N 338 
PHE CE1  C Y N 339 
PHE CE2  C Y N 340 
PHE CZ   C Y N 341 
PHE OXT  O N N 342 
PHE H    H N N 343 
PHE H2   H N N 344 
PHE HA   H N N 345 
PHE HB2  H N N 346 
PHE HB3  H N N 347 
PHE HD1  H N N 348 
PHE HD2  H N N 349 
PHE HE1  H N N 350 
PHE HE2  H N N 351 
PHE HZ   H N N 352 
PHE HXT  H N N 353 
PRO N    N N N 354 
PRO CA   C N S 355 
PRO C    C N N 356 
PRO O    O N N 357 
PRO CB   C N N 358 
PRO CG   C N N 359 
PRO CD   C N N 360 
PRO OXT  O N N 361 
PRO H    H N N 362 
PRO HA   H N N 363 
PRO HB2  H N N 364 
PRO HB3  H N N 365 
PRO HG2  H N N 366 
PRO HG3  H N N 367 
PRO HD2  H N N 368 
PRO HD3  H N N 369 
PRO HXT  H N N 370 
SER N    N N N 371 
SER CA   C N S 372 
SER C    C N N 373 
SER O    O N N 374 
SER CB   C N N 375 
SER OG   O N N 376 
SER OXT  O N N 377 
SER H    H N N 378 
SER H2   H N N 379 
SER HA   H N N 380 
SER HB2  H N N 381 
SER HB3  H N N 382 
SER HG   H N N 383 
SER HXT  H N N 384 
THR N    N N N 385 
THR CA   C N S 386 
THR C    C N N 387 
THR O    O N N 388 
THR CB   C N R 389 
THR OG1  O N N 390 
THR CG2  C N N 391 
THR OXT  O N N 392 
THR H    H N N 393 
THR H2   H N N 394 
THR HA   H N N 395 
THR HB   H N N 396 
THR HG1  H N N 397 
THR HG21 H N N 398 
THR HG22 H N N 399 
THR HG23 H N N 400 
THR HXT  H N N 401 
TRP N    N N N 402 
TRP CA   C N S 403 
TRP C    C N N 404 
TRP O    O N N 405 
TRP CB   C N N 406 
TRP CG   C Y N 407 
TRP CD1  C Y N 408 
TRP CD2  C Y N 409 
TRP NE1  N Y N 410 
TRP CE2  C Y N 411 
TRP CE3  C Y N 412 
TRP CZ2  C Y N 413 
TRP CZ3  C Y N 414 
TRP CH2  C Y N 415 
TRP OXT  O N N 416 
TRP H    H N N 417 
TRP H2   H N N 418 
TRP HA   H N N 419 
TRP HB2  H N N 420 
TRP HB3  H N N 421 
TRP HD1  H N N 422 
TRP HE1  H N N 423 
TRP HE3  H N N 424 
TRP HZ2  H N N 425 
TRP HZ3  H N N 426 
TRP HH2  H N N 427 
TRP HXT  H N N 428 
TYR N    N N N 429 
TYR CA   C N S 430 
TYR C    C N N 431 
TYR O    O N N 432 
TYR CB   C N N 433 
TYR CG   C Y N 434 
TYR CD1  C Y N 435 
TYR CD2  C Y N 436 
TYR CE1  C Y N 437 
TYR CE2  C Y N 438 
TYR CZ   C Y N 439 
TYR OH   O N N 440 
TYR OXT  O N N 441 
TYR H    H N N 442 
TYR H2   H N N 443 
TYR HA   H N N 444 
TYR HB2  H N N 445 
TYR HB3  H N N 446 
TYR HD1  H N N 447 
TYR HD2  H N N 448 
TYR HE1  H N N 449 
TYR HE2  H N N 450 
TYR HH   H N N 451 
TYR HXT  H N N 452 
VAL N    N N N 453 
VAL CA   C N S 454 
VAL C    C N N 455 
VAL O    O N N 456 
VAL CB   C N N 457 
VAL CG1  C N N 458 
VAL CG2  C N N 459 
VAL OXT  O N N 460 
VAL H    H N N 461 
VAL H2   H N N 462 
VAL HA   H N N 463 
VAL HB   H N N 464 
VAL HG11 H N N 465 
VAL HG12 H N N 466 
VAL HG13 H N N 467 
VAL HG21 H N N 468 
VAL HG22 H N N 469 
VAL HG23 H N N 470 
VAL HXT  H N N 471 
# 
loop_
_chem_comp_bond.comp_id 
_chem_comp_bond.atom_id_1 
_chem_comp_bond.atom_id_2 
_chem_comp_bond.value_order 
_chem_comp_bond.pdbx_aromatic_flag 
_chem_comp_bond.pdbx_stereo_config 
_chem_comp_bond.pdbx_ordinal 
ACT C   O    doub N N 1   
ACT C   OXT  sing N N 2   
ACT C   CH3  sing N N 3   
ACT CH3 H1   sing N N 4   
ACT CH3 H2   sing N N 5   
ACT CH3 H3   sing N N 6   
ALA N   CA   sing N N 7   
ALA N   H    sing N N 8   
ALA N   H2   sing N N 9   
ALA CA  C    sing N N 10  
ALA CA  CB   sing N N 11  
ALA CA  HA   sing N N 12  
ALA C   O    doub N N 13  
ALA C   OXT  sing N N 14  
ALA CB  HB1  sing N N 15  
ALA CB  HB2  sing N N 16  
ALA CB  HB3  sing N N 17  
ALA OXT HXT  sing N N 18  
ARG N   CA   sing N N 19  
ARG N   H    sing N N 20  
ARG N   H2   sing N N 21  
ARG CA  C    sing N N 22  
ARG CA  CB   sing N N 23  
ARG CA  HA   sing N N 24  
ARG C   O    doub N N 25  
ARG C   OXT  sing N N 26  
ARG CB  CG   sing N N 27  
ARG CB  HB2  sing N N 28  
ARG CB  HB3  sing N N 29  
ARG CG  CD   sing N N 30  
ARG CG  HG2  sing N N 31  
ARG CG  HG3  sing N N 32  
ARG CD  NE   sing N N 33  
ARG CD  HD2  sing N N 34  
ARG CD  HD3  sing N N 35  
ARG NE  CZ   sing N N 36  
ARG NE  HE   sing N N 37  
ARG CZ  NH1  sing N N 38  
ARG CZ  NH2  doub N N 39  
ARG NH1 HH11 sing N N 40  
ARG NH1 HH12 sing N N 41  
ARG NH2 HH21 sing N N 42  
ARG NH2 HH22 sing N N 43  
ARG OXT HXT  sing N N 44  
ASN N   CA   sing N N 45  
ASN N   H    sing N N 46  
ASN N   H2   sing N N 47  
ASN CA  C    sing N N 48  
ASN CA  CB   sing N N 49  
ASN CA  HA   sing N N 50  
ASN C   O    doub N N 51  
ASN C   OXT  sing N N 52  
ASN CB  CG   sing N N 53  
ASN CB  HB2  sing N N 54  
ASN CB  HB3  sing N N 55  
ASN CG  OD1  doub N N 56  
ASN CG  ND2  sing N N 57  
ASN ND2 HD21 sing N N 58  
ASN ND2 HD22 sing N N 59  
ASN OXT HXT  sing N N 60  
ASP N   CA   sing N N 61  
ASP N   H    sing N N 62  
ASP N   H2   sing N N 63  
ASP CA  C    sing N N 64  
ASP CA  CB   sing N N 65  
ASP CA  HA   sing N N 66  
ASP C   O    doub N N 67  
ASP C   OXT  sing N N 68  
ASP CB  CG   sing N N 69  
ASP CB  HB2  sing N N 70  
ASP CB  HB3  sing N N 71  
ASP CG  OD1  doub N N 72  
ASP CG  OD2  sing N N 73  
ASP OD2 HD2  sing N N 74  
ASP OXT HXT  sing N N 75  
CYS N   CA   sing N N 76  
CYS N   H    sing N N 77  
CYS N   H2   sing N N 78  
CYS CA  C    sing N N 79  
CYS CA  CB   sing N N 80  
CYS CA  HA   sing N N 81  
CYS C   O    doub N N 82  
CYS C   OXT  sing N N 83  
CYS CB  SG   sing N N 84  
CYS CB  HB2  sing N N 85  
CYS CB  HB3  sing N N 86  
CYS SG  HG   sing N N 87  
CYS OXT HXT  sing N N 88  
DMS S   O    doub N N 89  
DMS S   C1   sing N N 90  
DMS S   C2   sing N N 91  
DMS C1  H11  sing N N 92  
DMS C1  H12  sing N N 93  
DMS C1  H13  sing N N 94  
DMS C2  H21  sing N N 95  
DMS C2  H22  sing N N 96  
DMS C2  H23  sing N N 97  
EDO C1  O1   sing N N 98  
EDO C1  C2   sing N N 99  
EDO C1  H11  sing N N 100 
EDO C1  H12  sing N N 101 
EDO O1  HO1  sing N N 102 
EDO C2  O2   sing N N 103 
EDO C2  H21  sing N N 104 
EDO C2  H22  sing N N 105 
EDO O2  HO2  sing N N 106 
GLN N   CA   sing N N 107 
GLN N   H    sing N N 108 
GLN N   H2   sing N N 109 
GLN CA  C    sing N N 110 
GLN CA  CB   sing N N 111 
GLN CA  HA   sing N N 112 
GLN C   O    doub N N 113 
GLN C   OXT  sing N N 114 
GLN CB  CG   sing N N 115 
GLN CB  HB2  sing N N 116 
GLN CB  HB3  sing N N 117 
GLN CG  CD   sing N N 118 
GLN CG  HG2  sing N N 119 
GLN CG  HG3  sing N N 120 
GLN CD  OE1  doub N N 121 
GLN CD  NE2  sing N N 122 
GLN NE2 HE21 sing N N 123 
GLN NE2 HE22 sing N N 124 
GLN OXT HXT  sing N N 125 
GLU N   CA   sing N N 126 
GLU N   H    sing N N 127 
GLU N   H2   sing N N 128 
GLU CA  C    sing N N 129 
GLU CA  CB   sing N N 130 
GLU CA  HA   sing N N 131 
GLU C   O    doub N N 132 
GLU C   OXT  sing N N 133 
GLU CB  CG   sing N N 134 
GLU CB  HB2  sing N N 135 
GLU CB  HB3  sing N N 136 
GLU CG  CD   sing N N 137 
GLU CG  HG2  sing N N 138 
GLU CG  HG3  sing N N 139 
GLU CD  OE1  doub N N 140 
GLU CD  OE2  sing N N 141 
GLU OE2 HE2  sing N N 142 
GLU OXT HXT  sing N N 143 
GLY N   CA   sing N N 144 
GLY N   H    sing N N 145 
GLY N   H2   sing N N 146 
GLY CA  C    sing N N 147 
GLY CA  HA2  sing N N 148 
GLY CA  HA3  sing N N 149 
GLY C   O    doub N N 150 
GLY C   OXT  sing N N 151 
GLY OXT HXT  sing N N 152 
HIS N   CA   sing N N 153 
HIS N   H    sing N N 154 
HIS N   H2   sing N N 155 
HIS CA  C    sing N N 156 
HIS CA  CB   sing N N 157 
HIS CA  HA   sing N N 158 
HIS C   O    doub N N 159 
HIS C   OXT  sing N N 160 
HIS CB  CG   sing N N 161 
HIS CB  HB2  sing N N 162 
HIS CB  HB3  sing N N 163 
HIS CG  ND1  sing Y N 164 
HIS CG  CD2  doub Y N 165 
HIS ND1 CE1  doub Y N 166 
HIS ND1 HD1  sing N N 167 
HIS CD2 NE2  sing Y N 168 
HIS CD2 HD2  sing N N 169 
HIS CE1 NE2  sing Y N 170 
HIS CE1 HE1  sing N N 171 
HIS NE2 HE2  sing N N 172 
HIS OXT HXT  sing N N 173 
HOH O   H1   sing N N 174 
HOH O   H2   sing N N 175 
ILE N   CA   sing N N 176 
ILE N   H    sing N N 177 
ILE N   H2   sing N N 178 
ILE CA  C    sing N N 179 
ILE CA  CB   sing N N 180 
ILE CA  HA   sing N N 181 
ILE C   O    doub N N 182 
ILE C   OXT  sing N N 183 
ILE CB  CG1  sing N N 184 
ILE CB  CG2  sing N N 185 
ILE CB  HB   sing N N 186 
ILE CG1 CD1  sing N N 187 
ILE CG1 HG12 sing N N 188 
ILE CG1 HG13 sing N N 189 
ILE CG2 HG21 sing N N 190 
ILE CG2 HG22 sing N N 191 
ILE CG2 HG23 sing N N 192 
ILE CD1 HD11 sing N N 193 
ILE CD1 HD12 sing N N 194 
ILE CD1 HD13 sing N N 195 
ILE OXT HXT  sing N N 196 
LDV C1  C2   sing N N 197 
LDV C6  C2   sing N N 198 
LDV C6  C5   sing N N 199 
LDV C2  C3   sing N N 200 
LDV C5  N1   sing N N 201 
LDV C3  C4   sing N N 202 
LDV C9  N2   sing Y N 203 
LDV C9  C8   doub Y N 204 
LDV N2  C10  sing Y N 205 
LDV N1  C4   sing N N 206 
LDV N1  C7   sing N N 207 
LDV C8  C7   sing N N 208 
LDV C8  C11  sing Y N 209 
LDV C10 C11  doub Y N 210 
LDV C10 C15  sing Y N 211 
LDV C11 C12  sing Y N 212 
LDV C15 C14  doub Y N 213 
LDV C14 C13  sing Y N 214 
LDV C12 C13  doub Y N 215 
LDV C4  H2   sing N N 216 
LDV C4  H3   sing N N 217 
LDV C5  H4   sing N N 218 
LDV C5  H5   sing N N 219 
LDV C6  H6   sing N N 220 
LDV C6  H7   sing N N 221 
LDV C7  H8   sing N N 222 
LDV C7  H9   sing N N 223 
LDV C13 H10  sing N N 224 
LDV C15 H11  sing N N 225 
LDV C1  H12  sing N N 226 
LDV C1  H13  sing N N 227 
LDV C1  H14  sing N N 228 
LDV C12 H15  sing N N 229 
LDV C14 H16  sing N N 230 
LDV C2  H17  sing N N 231 
LDV C3  H18  sing N N 232 
LDV C3  H19  sing N N 233 
LDV C9  H20  sing N N 234 
LDV N2  H21  sing N N 235 
LEU N   CA   sing N N 236 
LEU N   H    sing N N 237 
LEU N   H2   sing N N 238 
LEU CA  C    sing N N 239 
LEU CA  CB   sing N N 240 
LEU CA  HA   sing N N 241 
LEU C   O    doub N N 242 
LEU C   OXT  sing N N 243 
LEU CB  CG   sing N N 244 
LEU CB  HB2  sing N N 245 
LEU CB  HB3  sing N N 246 
LEU CG  CD1  sing N N 247 
LEU CG  CD2  sing N N 248 
LEU CG  HG   sing N N 249 
LEU CD1 HD11 sing N N 250 
LEU CD1 HD12 sing N N 251 
LEU CD1 HD13 sing N N 252 
LEU CD2 HD21 sing N N 253 
LEU CD2 HD22 sing N N 254 
LEU CD2 HD23 sing N N 255 
LEU OXT HXT  sing N N 256 
LYS N   CA   sing N N 257 
LYS N   H    sing N N 258 
LYS N   H2   sing N N 259 
LYS CA  C    sing N N 260 
LYS CA  CB   sing N N 261 
LYS CA  HA   sing N N 262 
LYS C   O    doub N N 263 
LYS C   OXT  sing N N 264 
LYS CB  CG   sing N N 265 
LYS CB  HB2  sing N N 266 
LYS CB  HB3  sing N N 267 
LYS CG  CD   sing N N 268 
LYS CG  HG2  sing N N 269 
LYS CG  HG3  sing N N 270 
LYS CD  CE   sing N N 271 
LYS CD  HD2  sing N N 272 
LYS CD  HD3  sing N N 273 
LYS CE  NZ   sing N N 274 
LYS CE  HE2  sing N N 275 
LYS CE  HE3  sing N N 276 
LYS NZ  HZ1  sing N N 277 
LYS NZ  HZ2  sing N N 278 
LYS NZ  HZ3  sing N N 279 
LYS OXT HXT  sing N N 280 
MET N   CA   sing N N 281 
MET N   H    sing N N 282 
MET N   H2   sing N N 283 
MET CA  C    sing N N 284 
MET CA  CB   sing N N 285 
MET CA  HA   sing N N 286 
MET C   O    doub N N 287 
MET C   OXT  sing N N 288 
MET CB  CG   sing N N 289 
MET CB  HB2  sing N N 290 
MET CB  HB3  sing N N 291 
MET CG  SD   sing N N 292 
MET CG  HG2  sing N N 293 
MET CG  HG3  sing N N 294 
MET SD  CE   sing N N 295 
MET CE  HE1  sing N N 296 
MET CE  HE2  sing N N 297 
MET CE  HE3  sing N N 298 
MET OXT HXT  sing N N 299 
PEG C1  O1   sing N N 300 
PEG C1  C2   sing N N 301 
PEG C1  H11  sing N N 302 
PEG C1  H12  sing N N 303 
PEG O1  HO1  sing N N 304 
PEG C2  O2   sing N N 305 
PEG C2  H21  sing N N 306 
PEG C2  H22  sing N N 307 
PEG O2  C3   sing N N 308 
PEG C3  C4   sing N N 309 
PEG C3  H31  sing N N 310 
PEG C3  H32  sing N N 311 
PEG C4  O4   sing N N 312 
PEG C4  H41  sing N N 313 
PEG C4  H42  sing N N 314 
PEG O4  HO4  sing N N 315 
PHE N   CA   sing N N 316 
PHE N   H    sing N N 317 
PHE N   H2   sing N N 318 
PHE CA  C    sing N N 319 
PHE CA  CB   sing N N 320 
PHE CA  HA   sing N N 321 
PHE C   O    doub N N 322 
PHE C   OXT  sing N N 323 
PHE CB  CG   sing N N 324 
PHE CB  HB2  sing N N 325 
PHE CB  HB3  sing N N 326 
PHE CG  CD1  doub Y N 327 
PHE CG  CD2  sing Y N 328 
PHE CD1 CE1  sing Y N 329 
PHE CD1 HD1  sing N N 330 
PHE CD2 CE2  doub Y N 331 
PHE CD2 HD2  sing N N 332 
PHE CE1 CZ   doub Y N 333 
PHE CE1 HE1  sing N N 334 
PHE CE2 CZ   sing Y N 335 
PHE CE2 HE2  sing N N 336 
PHE CZ  HZ   sing N N 337 
PHE OXT HXT  sing N N 338 
PRO N   CA   sing N N 339 
PRO N   CD   sing N N 340 
PRO N   H    sing N N 341 
PRO CA  C    sing N N 342 
PRO CA  CB   sing N N 343 
PRO CA  HA   sing N N 344 
PRO C   O    doub N N 345 
PRO C   OXT  sing N N 346 
PRO CB  CG   sing N N 347 
PRO CB  HB2  sing N N 348 
PRO CB  HB3  sing N N 349 
PRO CG  CD   sing N N 350 
PRO CG  HG2  sing N N 351 
PRO CG  HG3  sing N N 352 
PRO CD  HD2  sing N N 353 
PRO CD  HD3  sing N N 354 
PRO OXT HXT  sing N N 355 
SER N   CA   sing N N 356 
SER N   H    sing N N 357 
SER N   H2   sing N N 358 
SER CA  C    sing N N 359 
SER CA  CB   sing N N 360 
SER CA  HA   sing N N 361 
SER C   O    doub N N 362 
SER C   OXT  sing N N 363 
SER CB  OG   sing N N 364 
SER CB  HB2  sing N N 365 
SER CB  HB3  sing N N 366 
SER OG  HG   sing N N 367 
SER OXT HXT  sing N N 368 
THR N   CA   sing N N 369 
THR N   H    sing N N 370 
THR N   H2   sing N N 371 
THR CA  C    sing N N 372 
THR CA  CB   sing N N 373 
THR CA  HA   sing N N 374 
THR C   O    doub N N 375 
THR C   OXT  sing N N 376 
THR CB  OG1  sing N N 377 
THR CB  CG2  sing N N 378 
THR CB  HB   sing N N 379 
THR OG1 HG1  sing N N 380 
THR CG2 HG21 sing N N 381 
THR CG2 HG22 sing N N 382 
THR CG2 HG23 sing N N 383 
THR OXT HXT  sing N N 384 
TRP N   CA   sing N N 385 
TRP N   H    sing N N 386 
TRP N   H2   sing N N 387 
TRP CA  C    sing N N 388 
TRP CA  CB   sing N N 389 
TRP CA  HA   sing N N 390 
TRP C   O    doub N N 391 
TRP C   OXT  sing N N 392 
TRP CB  CG   sing N N 393 
TRP CB  HB2  sing N N 394 
TRP CB  HB3  sing N N 395 
TRP CG  CD1  doub Y N 396 
TRP CG  CD2  sing Y N 397 
TRP CD1 NE1  sing Y N 398 
TRP CD1 HD1  sing N N 399 
TRP CD2 CE2  doub Y N 400 
TRP CD2 CE3  sing Y N 401 
TRP NE1 CE2  sing Y N 402 
TRP NE1 HE1  sing N N 403 
TRP CE2 CZ2  sing Y N 404 
TRP CE3 CZ3  doub Y N 405 
TRP CE3 HE3  sing N N 406 
TRP CZ2 CH2  doub Y N 407 
TRP CZ2 HZ2  sing N N 408 
TRP CZ3 CH2  sing Y N 409 
TRP CZ3 HZ3  sing N N 410 
TRP CH2 HH2  sing N N 411 
TRP OXT HXT  sing N N 412 
TYR N   CA   sing N N 413 
TYR N   H    sing N N 414 
TYR N   H2   sing N N 415 
TYR CA  C    sing N N 416 
TYR CA  CB   sing N N 417 
TYR CA  HA   sing N N 418 
TYR C   O    doub N N 419 
TYR C   OXT  sing N N 420 
TYR CB  CG   sing N N 421 
TYR CB  HB2  sing N N 422 
TYR CB  HB3  sing N N 423 
TYR CG  CD1  doub Y N 424 
TYR CG  CD2  sing Y N 425 
TYR CD1 CE1  sing Y N 426 
TYR CD1 HD1  sing N N 427 
TYR CD2 CE2  doub Y N 428 
TYR CD2 HD2  sing N N 429 
TYR CE1 CZ   doub Y N 430 
TYR CE1 HE1  sing N N 431 
TYR CE2 CZ   sing Y N 432 
TYR CE2 HE2  sing N N 433 
TYR CZ  OH   sing N N 434 
TYR OH  HH   sing N N 435 
TYR OXT HXT  sing N N 436 
VAL N   CA   sing N N 437 
VAL N   H    sing N N 438 
VAL N   H2   sing N N 439 
VAL CA  C    sing N N 440 
VAL CA  CB   sing N N 441 
VAL CA  HA   sing N N 442 
VAL C   O    doub N N 443 
VAL C   OXT  sing N N 444 
VAL CB  CG1  sing N N 445 
VAL CB  CG2  sing N N 446 
VAL CB  HB   sing N N 447 
VAL CG1 HG11 sing N N 448 
VAL CG1 HG12 sing N N 449 
VAL CG1 HG13 sing N N 450 
VAL CG2 HG21 sing N N 451 
VAL CG2 HG22 sing N N 452 
VAL CG2 HG23 sing N N 453 
VAL OXT HXT  sing N N 454 
# 
_pdbx_deposit_group.group_id            G_1002061 
_pdbx_deposit_group.group_description   
;XDomainX of XOrganismX DCP2 (NUDT20) screened against the XXX Fragment Library by X-ray Crystallography at the XChem facility of Diamond Light Source beamline I04-1
;
_pdbx_deposit_group.group_title         'PanDDA analysis group deposition' 
_pdbx_deposit_group.group_type          'changed state' 
# 
_pdbx_related_exp_data_set.ordinal              1 
_pdbx_related_exp_data_set.data_reference       10.5281/zenodo.1437589 
_pdbx_related_exp_data_set.metadata_reference   10.5281/zenodo.1437589 
_pdbx_related_exp_data_set.data_set_type        'other data' 
_pdbx_related_exp_data_set.details              'Complete PanDDA analysis' 
# 
_atom_sites.entry_id                    5QOM 
_atom_sites.fract_transf_matrix[1][1]   -0.00578995 
_atom_sites.fract_transf_matrix[1][2]   0.01749977 
_atom_sites.fract_transf_matrix[1][3]   -0.00978305 
_atom_sites.fract_transf_matrix[2][1]   0.00111353 
_atom_sites.fract_transf_matrix[2][2]   0.00822759 
_atom_sites.fract_transf_matrix[2][3]   0.01405837 
_atom_sites.fract_transf_matrix[3][1]   0.01461526 
_atom_sites.fract_transf_matrix[3][2]   0.00315589 
_atom_sites.fract_transf_matrix[3][3]   -0.00300461 
_atom_sites.fract_transf_vector[1]      -0.880868 
_atom_sites.fract_transf_vector[2]      0.221728 
_atom_sites.fract_transf_vector[3]      1.167847 
# 
loop_
_atom_type.symbol 
C 
N 
O 
S 
# 
loop_
_atom_site.group_PDB 
_atom_site.id 
_atom_site.type_symbol 
_atom_site.label_atom_id 
_atom_site.label_alt_id 
_atom_site.label_comp_id 
_atom_site.label_asym_id 
_atom_site.label_entity_id 
_atom_site.label_seq_id 
_atom_site.pdbx_PDB_ins_code 
_atom_site.Cartn_x 
_atom_site.Cartn_y 
_atom_site.Cartn_z 
_atom_site.occupancy 
_atom_site.B_iso_or_equiv 
_atom_site.pdbx_formal_charge 
_atom_site.auth_seq_id 
_atom_site.auth_comp_id 
_atom_site.auth_asym_id 
_atom_site.auth_atom_id 
_atom_site.pdbx_PDB_model_num 
ATOM   1    N N   . GLY A 1 3   ? -4.353  17.033  -8.369  1.00 80.89  ? 96  GLY A N   1 
ATOM   2    C CA  . GLY A 1 3   ? -3.217  16.322  -7.707  1.00 81.71  ? 96  GLY A CA  1 
ATOM   3    C C   . GLY A 1 3   ? -2.313  15.590  -8.699  1.00 74.74  ? 96  GLY A C   1 
ATOM   4    O O   . GLY A 1 3   ? -2.775  15.068  -9.727  1.00 76.36  ? 96  GLY A O   1 
ATOM   5    N N   . VAL A 1 4   ? -1.017  15.581  -8.384  1.00 70.33  ? 97  VAL A N   1 
ATOM   6    C CA  . VAL A 1 4   ? -0.005  14.788  -9.110  1.00 66.67  ? 97  VAL A CA  1 
ATOM   7    C C   . VAL A 1 4   ? -0.277  13.313  -8.781  1.00 56.79  ? 97  VAL A C   1 
ATOM   8    O O   . VAL A 1 4   ? -0.347  12.989  -7.607  1.00 46.07  ? 97  VAL A O   1 
ATOM   9    C CB  . VAL A 1 4   ? 1.412   15.139  -8.595  1.00 69.10  ? 97  VAL A CB  1 
ATOM   10   C CG1 . VAL A 1 4   ? 2.463   14.159  -9.083  1.00 65.28  ? 97  VAL A CG1 1 
ATOM   11   C CG2 . VAL A 1 4   ? 1.786   16.558  -9.002  1.00 77.30  ? 97  VAL A CG2 1 
ATOM   12   N N   . PRO A 1 5   ? -0.415  12.431  -9.786  1.00 50.19  ? 98  PRO A N   1 
ATOM   13   C CA  . PRO A 1 5   ? -0.738  11.023  -9.411  1.00 50.28  ? 98  PRO A CA  1 
ATOM   14   C C   . PRO A 1 5   ? 0.354   10.345  -8.551  1.00 45.22  ? 98  PRO A C   1 
ATOM   15   O O   . PRO A 1 5   ? 1.495   10.806  -8.531  1.00 42.67  ? 98  PRO A O   1 
ATOM   16   C CB  . PRO A 1 5   ? -0.979  10.311  -10.755 1.00 52.72  ? 98  PRO A CB  1 
ATOM   17   C CG  . PRO A 1 5   ? -0.816  11.355  -11.839 1.00 49.50  ? 98  PRO A CG  1 
ATOM   18   C CD  . PRO A 1 5   ? -0.458  12.676  -11.231 1.00 47.46  ? 98  PRO A CD  1 
ATOM   19   N N   . THR A 1 6   ? -0.027  9.312   -7.775  1.00 42.76  ? 99  THR A N   1 
ATOM   20   C CA  . THR A 1 6   ? 0.938   8.506   -7.020  1.00 39.18  ? 99  THR A CA  1 
ATOM   21   C C   . THR A 1 6   ? 0.962   7.071   -7.497  1.00 33.56  ? 99  THR A C   1 
ATOM   22   O O   . THR A 1 6   ? -0.060  6.527   -7.953  1.00 36.43  ? 99  THR A O   1 
ATOM   23   C CB  . THR A 1 6   ? 0.673   8.549   -5.486  1.00 44.85  ? 99  THR A CB  1 
ATOM   24   O OG1 . THR A 1 6   ? -0.676  8.154   -5.220  1.00 42.41  ? 99  THR A OG1 1 
ATOM   25   C CG2 . THR A 1 6   ? 0.905   9.943   -4.930  1.00 46.18  ? 99  THR A CG2 1 
ATOM   26   N N   . TYR A 1 7   ? 2.131   6.434   -7.333  1.00 37.14  ? 100 TYR A N   1 
ATOM   27   C CA  . TYR A 1 7   ? 2.364   5.064   -7.787  1.00 33.87  ? 100 TYR A CA  1 
ATOM   28   C C   . TYR A 1 7   ? 3.098   4.280   -6.732  1.00 29.43  ? 100 TYR A C   1 
ATOM   29   O O   . TYR A 1 7   ? 3.941   4.846   -6.049  1.00 29.49  ? 100 TYR A O   1 
ATOM   30   C CB  . TYR A 1 7   ? 3.164   5.089   -9.146  1.00 36.15  ? 100 TYR A CB  1 
ATOM   31   C CG  . TYR A 1 7   ? 2.367   5.774   -10.272 1.00 35.19  ? 100 TYR A CG  1 
ATOM   32   C CD1 . TYR A 1 7   ? 1.285   5.139   -10.856 1.00 38.37  ? 100 TYR A CD1 1 
ATOM   33   C CD2 . TYR A 1 7   ? 2.695   7.074   -10.722 1.00 41.06  ? 100 TYR A CD2 1 
ATOM   34   C CE1 . TYR A 1 7   ? 0.533   5.759   -11.851 1.00 45.42  ? 100 TYR A CE1 1 
ATOM   35   C CE2 . TYR A 1 7   ? 1.950   7.715   -11.712 1.00 40.18  ? 100 TYR A CE2 1 
ATOM   36   C CZ  . TYR A 1 7   ? 0.893   7.068   -12.290 1.00 43.82  ? 100 TYR A CZ  1 
ATOM   37   O OH  . TYR A 1 7   ? 0.155   7.687   -13.280 1.00 46.86  ? 100 TYR A OH  1 
ATOM   38   N N   . GLY A 1 8   ? 2.813   2.982   -6.622  1.00 29.76  ? 101 GLY A N   1 
ATOM   39   C CA  . GLY A 1 8   ? 3.503   2.089   -5.685  1.00 29.19  ? 101 GLY A CA  1 
ATOM   40   C C   . GLY A 1 8   ? 3.061   0.643   -5.827  1.00 25.38  ? 101 GLY A C   1 
ATOM   41   O O   . GLY A 1 8   ? 2.714   0.212   -6.953  1.00 26.67  ? 101 GLY A O   1 
ATOM   42   N N   . ALA A 1 9   ? 3.136   -0.119  -4.743  1.00 27.07  ? 102 ALA A N   1 
ATOM   43   C CA  . ALA A 1 9   ? 2.872   -1.615  -4.755  1.00 26.15  ? 102 ALA A CA  1 
ATOM   44   C C   . ALA A 1 9   ? 2.209   -2.183  -3.524  1.00 25.51  ? 102 ALA A C   1 
ATOM   45   O O   . ALA A 1 9   ? 2.421   -1.694  -2.402  1.00 24.61  ? 102 ALA A O   1 
ATOM   46   C CB  . ALA A 1 9   ? 4.146   -2.414  -5.004  1.00 28.55  ? 102 ALA A CB  1 
ATOM   47   N N   . ILE A 1 10  ? 1.352   -3.184  -3.790  1.00 25.35  ? 103 ILE A N   1 
ATOM   48   C CA  . ILE A 1 10  ? 0.815   -4.108  -2.812  1.00 25.74  ? 103 ILE A CA  1 
ATOM   49   C C   . ILE A 1 10  ? 1.628   -5.354  -2.998  1.00 23.23  ? 103 ILE A C   1 
ATOM   50   O O   . ILE A 1 10  ? 1.475   -6.083  -4.027  1.00 25.88  ? 103 ILE A O   1 
ATOM   51   C CB  . ILE A 1 10  ? -0.697  -4.404  -3.082  1.00 27.52  ? 103 ILE A CB  1 
ATOM   52   C CG1 . ILE A 1 10  ? -1.479  -3.090  -3.050  1.00 28.63  ? 103 ILE A CG1 1 
ATOM   53   C CG2 . ILE A 1 10  ? -1.218  -5.488  -2.117  1.00 27.56  ? 103 ILE A CG2 1 
ATOM   54   C CD1 . ILE A 1 10  ? -2.987  -3.236  -3.481  1.00 31.76  ? 103 ILE A CD1 1 
ATOM   55   N N   . ILE A 1 11  ? 2.540   -5.583  -2.072  1.00 26.01  ? 104 ILE A N   1 
ATOM   56   C CA  . ILE A 1 11  ? 3.396   -6.725  -2.044  1.00 23.86  ? 104 ILE A CA  1 
ATOM   57   C C   . ILE A 1 11  ? 2.761   -7.796  -1.128  1.00 24.36  ? 104 ILE A C   1 
ATOM   58   O O   . ILE A 1 11  ? 2.490   -7.498  -0.003  1.00 25.25  ? 104 ILE A O   1 
ATOM   59   C CB  . ILE A 1 11  ? 4.815   -6.382  -1.540  1.00 25.29  ? 104 ILE A CB  1 
ATOM   60   C CG1 . ILE A 1 11  ? 5.507   -5.506  -2.561  1.00 25.54  ? 104 ILE A CG1 1 
ATOM   61   C CG2 . ILE A 1 11  ? 5.626   -7.635  -1.234  1.00 29.86  ? 104 ILE A CG2 1 
ATOM   62   C CD1 . ILE A 1 11  ? 6.740   -4.792  -2.034  1.00 29.13  ? 104 ILE A CD1 1 
ATOM   63   N N   . LEU A 1 12  ? 2.563   -9.011  -1.640  1.00 26.35  ? 105 LEU A N   1 
ATOM   64   C CA  . LEU A 1 12  ? 2.014   -10.146 -0.889  1.00 28.18  ? 105 LEU A CA  1 
ATOM   65   C C   . LEU A 1 12  ? 3.049   -11.289 -0.750  1.00 30.48  ? 105 LEU A C   1 
ATOM   66   O O   . LEU A 1 12  ? 4.004   -11.415 -1.548  1.00 31.86  ? 105 LEU A O   1 
ATOM   67   C CB  . LEU A 1 12  ? 0.774   -10.650 -1.557  1.00 31.25  ? 105 LEU A CB  1 
ATOM   68   C CG  . LEU A 1 12  ? -0.435  -9.687  -1.790  1.00 32.71  ? 105 LEU A CG  1 
ATOM   69   C CD1 . LEU A 1 12  ? -0.643  -9.364  -3.235  1.00 38.00  ? 105 LEU A CD1 1 
ATOM   70   C CD2 . LEU A 1 12  ? -1.734  -10.358 -1.351  1.00 40.29  ? 105 LEU A CD2 1 
ATOM   71   N N   . ASP A 1 13  ? 2.867   -12.134 0.268   1.00 30.83  ? 106 ASP A N   1 
ATOM   72   C CA  . ASP A 1 13  ? 3.791   -13.266 0.473   1.00 35.42  ? 106 ASP A CA  1 
ATOM   73   C C   . ASP A 1 13  ? 3.398   -14.458 -0.363  1.00 34.08  ? 106 ASP A C   1 
ATOM   74   O O   . ASP A 1 13  ? 2.526   -14.376 -1.235  1.00 30.11  ? 106 ASP A O   1 
ATOM   75   C CB  . ASP A 1 13  ? 3.895   -13.597 1.955   1.00 40.03  ? 106 ASP A CB  1 
ATOM   76   C CG  . ASP A 1 13  ? 2.584   -14.105 2.552   1.00 35.99  ? 106 ASP A CG  1 
ATOM   77   O OD1 . ASP A 1 13  ? 1.475   -13.955 1.979   1.00 37.10  ? 106 ASP A OD1 1 
ATOM   78   O OD2 . ASP A 1 13  ? 2.686   -14.491 3.691   1.00 46.19  ? 106 ASP A OD2 1 
ATOM   79   N N   . GLU A 1 14  ? 4.028   -15.594 -0.086  1.00 36.22  ? 107 GLU A N   1 
ATOM   80   C CA  . GLU A 1 14  ? 3.819   -16.804 -0.880  1.00 40.36  ? 107 GLU A CA  1 
ATOM   81   C C   . GLU A 1 14  ? 2.426   -17.416 -0.669  1.00 41.18  ? 107 GLU A C   1 
ATOM   82   O O   . GLU A 1 14  ? 1.835   -17.946 -1.629  1.00 37.90  ? 107 GLU A O   1 
ATOM   83   C CB  . GLU A 1 14  ? 4.973   -17.850 -0.691  1.00 46.82  ? 107 GLU A CB  1 
ATOM   84   C CG  . GLU A 1 14  ? 5.337   -18.191 0.749   1.00 51.89  ? 107 GLU A CG  1 
ATOM   85   C CD  . GLU A 1 14  ? 6.549   -17.430 1.299   1.00 57.51  ? 107 GLU A CD  1 
ATOM   86   O OE1 . GLU A 1 14  ? 6.376   -16.472 2.080   1.00 55.12  ? 107 GLU A OE1 1 
ATOM   87   O OE2 . GLU A 1 14  ? 7.693   -17.781 0.941   1.00 71.29  ? 107 GLU A OE2 1 
ATOM   88   N N   . THR A 1 15  ? 1.852   -17.250 0.531   1.00 36.68  ? 108 THR A N   1 
ATOM   89   C CA  . THR A 1 15  ? 0.562   -17.852 0.848   1.00 34.80  ? 108 THR A CA  1 
ATOM   90   C C   . THR A 1 15  ? -0.618  -16.984 0.472   1.00 36.04  ? 108 THR A C   1 
ATOM   91   O O   . THR A 1 15  ? -1.775  -17.438 0.602   1.00 34.99  ? 108 THR A O   1 
ATOM   92   C CB  . THR A 1 15  ? 0.422   -18.182 2.361   1.00 42.30  ? 108 THR A CB  1 
ATOM   93   O OG1 . THR A 1 15  ? 0.296   -16.979 3.142   1.00 39.11  ? 108 THR A OG1 1 
ATOM   94   C CG2 . THR A 1 15  ? 1.627   -19.000 2.821   1.00 47.21  ? 108 THR A CG2 1 
ATOM   95   N N   . LEU A 1 16  ? -0.339  -15.752 0.007   1.00 34.64  ? 109 LEU A N   1 
ATOM   96   C CA  . LEU A 1 16  ? -1.394  -14.711 -0.288  1.00 36.07  ? 109 LEU A CA  1 
ATOM   97   C C   . LEU A 1 16  ? -2.255  -14.206 0.942   1.00 35.59  ? 109 LEU A C   1 
ATOM   98   O O   . LEU A 1 16  ? -3.332  -13.571 0.731   1.00 38.26  ? 109 LEU A O   1 
ATOM   99   C CB  . LEU A 1 16  ? -2.331  -15.130 -1.407  1.00 38.04  ? 109 LEU A CB  1 
ATOM   100  C CG  . LEU A 1 16  ? -1.678  -15.707 -2.656  1.00 40.22  ? 109 LEU A CG  1 
ATOM   101  C CD1 . LEU A 1 16  ? -2.690  -16.193 -3.696  1.00 48.13  ? 109 LEU A CD1 1 
ATOM   102  C CD2 . LEU A 1 16  ? -0.795  -14.624 -3.232  1.00 41.71  ? 109 LEU A CD2 1 
ATOM   103  N N   . GLU A 1 17  ? -1.765  -14.480 2.154   0.50 37.54  ? 110 GLU A N   1 
ATOM   104  C CA  . GLU A 1 17  ? -2.436  -14.126 3.425   0.50 39.22  ? 110 GLU A CA  1 
ATOM   105  C C   . GLU A 1 17  ? -2.050  -12.741 3.940   0.50 37.12  ? 110 GLU A C   1 
ATOM   106  O O   . GLU A 1 17  ? -2.873  -12.064 4.596   0.50 36.90  ? 110 GLU A O   1 
ATOM   107  C CB  . GLU A 1 17  ? -2.032  -15.113 4.534   0.50 42.31  ? 110 GLU A CB  1 
ATOM   108  C CG  . GLU A 1 17  ? -2.608  -16.521 4.462   0.50 47.30  ? 110 GLU A CG  1 
ATOM   109  C CD  . GLU A 1 17  ? -2.050  -17.420 5.566   0.50 49.17  ? 110 GLU A CD  1 
ATOM   110  O OE1 . GLU A 1 17  ? -0.841  -17.753 5.523   0.50 49.27  ? 110 GLU A OE1 1 
ATOM   111  O OE2 . GLU A 1 17  ? -2.816  -17.784 6.483   0.50 47.44  ? 110 GLU A OE2 1 
ATOM   112  N N   . ASN A 1 18  ? -0.798  -12.354 3.667   1.00 34.25  ? 111 ASN A N   1 
ATOM   113  C CA  . ASN A 1 18  ? -0.129  -11.192 4.244   1.00 32.98  ? 111 ASN A CA  1 
ATOM   114  C C   . ASN A 1 18  ? 0.310   -10.117 3.191   1.00 36.35  ? 111 ASN A C   1 
ATOM   115  O O   . ASN A 1 18  ? 0.699   -10.485 2.064   1.00 32.37  ? 111 ASN A O   1 
ATOM   116  C CB  . ASN A 1 18  ? 1.078   -11.687 5.038   1.00 34.40  ? 111 ASN A CB  1 
ATOM   117  C CG  . ASN A 1 18  ? 0.683   -12.752 6.067   1.00 45.14  ? 111 ASN A CG  1 
ATOM   118  O OD1 . ASN A 1 18  ? -0.156  -12.499 6.937   1.00 47.34  ? 111 ASN A OD1 1 
ATOM   119  N ND2 . ASN A 1 18  ? 1.193   -13.968 5.893   1.00 41.77  ? 111 ASN A ND2 1 
ATOM   120  N N   . VAL A 1 19  ? 0.182   -8.823  3.566   1.00 32.80  ? 112 VAL A N   1 
ATOM   121  C CA  . VAL A 1 19  ? 0.627   -7.681  2.754   1.00 29.36  ? 112 VAL A CA  1 
ATOM   122  C C   . VAL A 1 19  ? 1.671   -6.931  3.517   1.00 24.69  ? 112 VAL A C   1 
ATOM   123  O O   . VAL A 1 19  ? 1.645   -6.904  4.749   1.00 26.71  ? 112 VAL A O   1 
ATOM   124  C CB  . VAL A 1 19  ? -0.478  -6.712  2.355   1.00 31.94  ? 112 VAL A CB  1 
ATOM   125  C CG1 . VAL A 1 19  ? -1.387  -7.378  1.377   1.00 35.16  ? 112 VAL A CG1 1 
ATOM   126  C CG2 . VAL A 1 19  ? -1.307  -6.241  3.581   1.00 32.88  ? 112 VAL A CG2 1 
ATOM   127  N N   . LEU A 1 20  ? 2.599   -6.318  2.779   1.00 23.94  ? 113 LEU A N   1 
ATOM   128  C CA  . LEU A 1 20  ? 3.712   -5.541  3.377   1.00 26.27  ? 113 LEU A CA  1 
ATOM   129  C C   . LEU A 1 20  ? 3.262   -4.027  3.495   1.00 28.68  ? 113 LEU A C   1 
ATOM   130  O O   . LEU A 1 20  ? 2.954   -3.390  2.488   1.00 28.32  ? 113 LEU A O   1 
ATOM   131  C CB  . LEU A 1 20  ? 4.995   -5.657  2.479   1.00 25.37  ? 113 LEU A CB  1 
ATOM   132  C CG  . LEU A 1 20  ? 6.266   -5.108  3.145   1.00 27.98  ? 113 LEU A CG  1 
ATOM   133  C CD1 . LEU A 1 20  ? 6.764   -6.059  4.263   1.00 32.45  ? 113 LEU A CD1 1 
ATOM   134  C CD2 . LEU A 1 20  ? 7.352   -4.794  2.136   1.00 30.99  ? 113 LEU A CD2 1 
ATOM   135  N N   . LEU A 1 21  ? 3.199   -3.486  4.722   1.00 29.52  ? 114 LEU A N   1 
ATOM   136  C CA  . LEU A 1 21  ? 2.901   -2.064  4.968   1.00 27.44  ? 114 LEU A CA  1 
ATOM   137  C C   . LEU A 1 21  ? 4.135   -1.416  5.539   1.00 26.67  ? 114 LEU A C   1 
ATOM   138  O O   . LEU A 1 21  ? 4.983   -2.081  6.144   1.00 29.71  ? 114 LEU A O   1 
ATOM   139  C CB  . LEU A 1 21  ? 1.693   -1.848  5.896   1.00 25.55  ? 114 LEU A CB  1 
ATOM   140  C CG  . LEU A 1 21  ? 0.425   -2.587  5.514   1.00 27.56  ? 114 LEU A CG  1 
ATOM   141  C CD1 . LEU A 1 21  ? -0.642  -2.323  6.524   1.00 27.00  ? 114 LEU A CD1 1 
ATOM   142  C CD2 . LEU A 1 21  ? -0.080  -2.250  4.147   1.00 31.09  ? 114 LEU A CD2 1 
ATOM   143  N N   . VAL A 1 22  ? 4.195   -0.114  5.318   1.00 27.61  ? 115 VAL A N   1 
ATOM   144  C CA  . VAL A 1 22  ? 5.172   0.814   5.862   1.00 28.25  ? 115 VAL A CA  1 
ATOM   145  C C   . VAL A 1 22  ? 4.539   1.853   6.793   1.00 29.68  ? 115 VAL A C   1 
ATOM   146  O O   . VAL A 1 22  ? 3.368   2.273   6.595   1.00 29.35  ? 115 VAL A O   1 
ATOM   147  C CB  . VAL A 1 22  ? 6.022   1.474   4.725   1.00 28.64  ? 115 VAL A CB  1 
ATOM   148  C CG1 . VAL A 1 22  ? 6.695   0.422   3.882   1.00 32.14  ? 115 VAL A CG1 1 
ATOM   149  C CG2 . VAL A 1 22  ? 5.233   2.433   3.811   1.00 32.52  ? 115 VAL A CG2 1 
ATOM   150  N N   . GLN A 1 23  ? 5.314   2.303   7.784   1.00 28.32  ? 116 GLN A N   1 
ATOM   151  C CA  . GLN A 1 23  ? 4.857   3.252   8.801   1.00 27.38  ? 116 GLN A CA  1 
ATOM   152  C C   . GLN A 1 23  ? 5.688   4.520   8.651   1.00 29.01  ? 116 GLN A C   1 
ATOM   153  O O   . GLN A 1 23  ? 6.934   4.461   8.702   1.00 29.92  ? 116 GLN A O   1 
ATOM   154  C CB  . GLN A 1 23  ? 4.966   2.696   10.212  1.00 30.15  ? 116 GLN A CB  1 
ATOM   155  C CG  . GLN A 1 23  ? 4.370   3.552   11.335  1.00 29.40  ? 116 GLN A CG  1 
ATOM   156  C CD  . GLN A 1 23  ? 4.568   2.992   12.707  1.00 29.04  ? 116 GLN A CD  1 
ATOM   157  O OE1 . GLN A 1 23  ? 5.569   2.272   13.003  1.00 30.80  ? 116 GLN A OE1 1 
ATOM   158  N NE2 . GLN A 1 23  ? 3.584   3.293   13.588  1.00 31.15  ? 116 GLN A NE2 1 
ATOM   159  N N   . GLY A 1 24  ? 5.008   5.632   8.383   1.00 32.90  ? 117 GLY A N   1 
ATOM   160  C CA  . GLY A 1 24  ? 5.765   6.924   8.192   1.00 37.92  ? 117 GLY A CA  1 
ATOM   161  C C   . GLY A 1 24  ? 5.863   7.717   9.542   1.00 39.15  ? 117 GLY A C   1 
ATOM   162  O O   . GLY A 1 24  ? 5.697   7.156   10.644  1.00 37.74  ? 117 GLY A O   1 
ATOM   163  N N   . TYR A 1 25  ? 6.006   9.033   9.421   1.00 42.70  ? 118 TYR A N   1 
ATOM   164  C CA  . TYR A 1 25  ? 6.122   9.972   10.538  1.00 42.75  ? 118 TYR A CA  1 
ATOM   165  C C   . TYR A 1 25  ? 5.170   11.143  10.344  1.00 48.81  ? 118 TYR A C   1 
ATOM   166  O O   . TYR A 1 25  ? 4.753   11.421  9.221   1.00 47.55  ? 118 TYR A O   1 
ATOM   167  C CB  . TYR A 1 25  ? 7.526   10.552  10.571  1.00 41.51  ? 118 TYR A CB  1 
ATOM   168  C CG  . TYR A 1 25  ? 8.610   9.571   11.006  1.00 38.39  ? 118 TYR A CG  1 
ATOM   169  C CD1 . TYR A 1 25  ? 8.629   9.055   12.291  1.00 44.09  ? 118 TYR A CD1 1 
ATOM   170  C CD2 . TYR A 1 25  ? 9.615   9.173   10.139  1.00 43.73  ? 118 TYR A CD2 1 
ATOM   171  C CE1 . TYR A 1 25  ? 9.625   8.190   12.696  1.00 38.80  ? 118 TYR A CE1 1 
ATOM   172  C CE2 . TYR A 1 25  ? 10.600  8.289   10.538  1.00 40.40  ? 118 TYR A CE2 1 
ATOM   173  C CZ  . TYR A 1 25  ? 10.581  7.809   11.825  1.00 40.09  ? 118 TYR A CZ  1 
ATOM   174  O OH  . TYR A 1 25  ? 11.551  6.934   12.265  1.00 43.27  ? 118 TYR A OH  1 
ATOM   175  N N   . LEU A 1 26  ? 4.852   11.831  11.438  0.50 48.93  ? 119 LEU A N   1 
ATOM   176  C CA  . LEU A 1 26  ? 4.179   13.136  11.397  0.50 51.63  ? 119 LEU A CA  1 
ATOM   177  C C   . LEU A 1 26  ? 2.814   13.095  10.706  0.50 49.38  ? 119 LEU A C   1 
ATOM   178  O O   . LEU A 1 26  ? 1.849   12.575  11.259  0.50 48.85  ? 119 LEU A O   1 
ATOM   179  C CB  . LEU A 1 26  ? 5.090   14.183  10.725  0.50 53.61  ? 119 LEU A CB  1 
ATOM   180  C CG  . LEU A 1 26  ? 6.512   14.283  11.298  0.50 54.87  ? 119 LEU A CG  1 
ATOM   181  C CD1 . LEU A 1 26  ? 7.270   15.448  10.693  0.50 54.70  ? 119 LEU A CD1 1 
ATOM   182  C CD2 . LEU A 1 26  ? 6.465   14.416  12.814  0.50 57.43  ? 119 LEU A CD2 1 
ATOM   183  N N   . ALA A 1 27  ? 2.733   13.641  9.498   0.50 49.90  ? 120 ALA A N   1 
ATOM   184  C CA  . ALA A 1 27  ? 1.481   13.614  8.753   0.50 51.22  ? 120 ALA A CA  1 
ATOM   185  C C   . ALA A 1 27  ? 1.197   12.207  8.228   0.50 49.16  ? 120 ALA A C   1 
ATOM   186  O O   . ALA A 1 27  ? 0.038   11.845  7.999   0.50 50.69  ? 120 ALA A O   1 
ATOM   187  C CB  . ALA A 1 27  ? 1.515   14.615  7.609   0.50 52.85  ? 120 ALA A CB  1 
ATOM   188  N N   . LYS A 1 28  ? 2.258   11.423  8.043   0.50 46.32  ? 121 LYS A N   1 
ATOM   189  C CA  . LYS A 1 28  ? 2.134   10.062  7.522   0.50 46.37  ? 121 LYS A CA  1 
ATOM   190  C C   . LYS A 1 28  ? 2.367   9.019   8.620   0.50 45.78  ? 121 LYS A C   1 
ATOM   191  O O   . LYS A 1 28  ? 2.914   7.950   8.363   0.50 42.31  ? 121 LYS A O   1 
ATOM   192  C CB  . LYS A 1 28  ? 3.150   9.842   6.402   0.50 47.22  ? 121 LYS A CB  1 
ATOM   193  C CG  . LYS A 1 28  ? 3.010   10.790  5.221   0.50 46.77  ? 121 LYS A CG  1 
ATOM   194  C CD  . LYS A 1 28  ? 4.111   10.545  4.206   0.50 46.56  ? 121 LYS A CD  1 
ATOM   195  C CE  . LYS A 1 28  ? 3.816   11.221  2.877   0.50 48.89  ? 121 LYS A CE  1 
ATOM   196  N NZ  . LYS A 1 28  ? 4.989   11.214  1.965   0.50 47.66  ? 121 LYS A NZ  1 
ATOM   197  N N   . SER A 1 29  ? 1.927   9.329   9.836   0.50 45.33  ? 122 SER A N   1 
ATOM   198  C CA  . SER A 1 29  ? 2.346   8.582   11.011  0.50 46.21  ? 122 SER A CA  1 
ATOM   199  C C   . SER A 1 29  ? 1.788   7.158   11.226  0.50 48.60  ? 122 SER A C   1 
ATOM   200  O O   . SER A 1 29  ? 2.271   6.429   12.126  0.50 52.13  ? 122 SER A O   1 
ATOM   201  C CB  . SER A 1 29  ? 2.058   9.388   12.264  0.50 43.86  ? 122 SER A CB  1 
ATOM   202  O OG  . SER A 1 29  ? 2.834   8.845   13.300  0.50 45.64  ? 122 SER A OG  1 
ATOM   203  N N   . GLY A 1 30  ? 0.776   6.774   10.459  1.00 44.98  ? 123 GLY A N   1 
ATOM   204  C CA  . GLY A 1 30  ? 0.235   5.410   10.515  1.00 40.91  ? 123 GLY A CA  1 
ATOM   205  C C   . GLY A 1 30  ? 0.826   4.500   9.443   1.00 34.65  ? 123 GLY A C   1 
ATOM   206  O O   . GLY A 1 30  ? 1.921   4.743   8.874   1.00 34.58  ? 123 GLY A O   1 
ATOM   207  N N   . TRP A 1 31  ? 0.080   3.444   9.165   1.00 31.65  ? 124 TRP A N   1 
ATOM   208  C CA  . TRP A 1 31  ? 0.575   2.422   8.251   1.00 31.61  ? 124 TRP A CA  1 
ATOM   209  C C   . TRP A 1 31  ? -0.089  2.528   6.901   1.00 32.99  ? 124 TRP A C   1 
ATOM   210  O O   . TRP A 1 31  ? -1.337  2.708   6.842   1.00 31.55  ? 124 TRP A O   1 
ATOM   211  C CB  . TRP A 1 31  ? 0.278   1.041   8.812   1.00 30.47  ? 124 TRP A CB  1 
ATOM   212  C CG  . TRP A 1 31  ? 1.074   0.665   10.072  1.00 30.95  ? 124 TRP A CG  1 
ATOM   213  C CD1 . TRP A 1 31  ? 0.675   0.794   11.376  1.00 28.81  ? 124 TRP A CD1 1 
ATOM   214  C CD2 . TRP A 1 31  ? 2.370   0.075   10.113  1.00 28.54  ? 124 TRP A CD2 1 
ATOM   215  N NE1 . TRP A 1 31  ? 1.671   0.357   12.235  1.00 30.00  ? 124 TRP A NE1 1 
ATOM   216  C CE2 . TRP A 1 31  ? 2.705   -0.120  11.477  1.00 28.07  ? 124 TRP A CE2 1 
ATOM   217  C CE3 . TRP A 1 31  ? 3.275   -0.361  9.115   1.00 28.42  ? 124 TRP A CE3 1 
ATOM   218  C CZ2 . TRP A 1 31  ? 3.887   -0.723  11.869  1.00 28.62  ? 124 TRP A CZ2 1 
ATOM   219  C CZ3 . TRP A 1 31  ? 4.475   -0.934  9.513   1.00 30.05  ? 124 TRP A CZ3 1 
ATOM   220  C CH2 . TRP A 1 31  ? 4.786   -1.089  10.868  1.00 28.89  ? 124 TRP A CH2 1 
ATOM   221  N N   . GLY A 1 32  ? 0.675   2.335   5.822   1.00 27.39  ? 125 GLY A N   1 
ATOM   222  C CA  . GLY A 1 32  ? 0.073   2.327   4.481   1.00 29.82  ? 125 GLY A CA  1 
ATOM   223  C C   . GLY A 1 32  ? 0.916   1.551   3.465   1.00 30.35  ? 125 GLY A C   1 
ATOM   224  O O   . GLY A 1 32  ? 2.009   1.101   3.832   1.00 27.11  ? 125 GLY A O   1 
ATOM   225  N N   . PHE A 1 33  ? 0.429   1.428   2.202   1.00 28.85  ? 126 PHE A N   1 
ATOM   226  C CA  . PHE A 1 33  ? 1.199   0.770   1.152   1.00 26.17  ? 126 PHE A CA  1 
ATOM   227  C C   . PHE A 1 33  ? 2.300   1.758   0.685   1.00 26.99  ? 126 PHE A C   1 
ATOM   228  O O   . PHE A 1 33  ? 2.107   2.979   0.728   1.00 29.37  ? 126 PHE A O   1 
ATOM   229  C CB  . PHE A 1 33  ? 0.321   0.414   -0.005  1.00 24.49  ? 126 PHE A CB  1 
ATOM   230  C CG  . PHE A 1 33  ? -0.693  -0.583  0.360   1.00 24.51  ? 126 PHE A CG  1 
ATOM   231  C CD1 . PHE A 1 33  ? -0.313  -1.889  0.564   1.00 24.49  ? 126 PHE A CD1 1 
ATOM   232  C CD2 . PHE A 1 33  ? -2.004  -0.218  0.607   1.00 28.03  ? 126 PHE A CD2 1 
ATOM   233  C CE1 . PHE A 1 33  ? -1.197  -2.843  0.918   1.00 26.80  ? 126 PHE A CE1 1 
ATOM   234  C CE2 . PHE A 1 33  ? -2.922  -1.180  1.006   1.00 26.89  ? 126 PHE A CE2 1 
ATOM   235  C CZ  . PHE A 1 33  ? -2.510  -2.509  1.131   1.00 27.78  ? 126 PHE A CZ  1 
ATOM   236  N N   . PRO A 1 34  ? 3.469   1.230   0.307   1.00 27.36  ? 127 PRO A N   1 
ATOM   237  C CA  . PRO A 1 34  ? 4.557   2.077   -0.169  1.00 28.24  ? 127 PRO A CA  1 
ATOM   238  C C   . PRO A 1 34  ? 4.239   2.674   -1.538  1.00 32.25  ? 127 PRO A C   1 
ATOM   239  O O   . PRO A 1 34  ? 3.829   1.940   -2.458  1.00 29.22  ? 127 PRO A O   1 
ATOM   240  C CB  . PRO A 1 34  ? 5.760   1.132   -0.184  1.00 27.40  ? 127 PRO A CB  1 
ATOM   241  C CG  . PRO A 1 34  ? 5.138   -0.202  -0.380  1.00 29.92  ? 127 PRO A CG  1 
ATOM   242  C CD  . PRO A 1 34  ? 3.918   -0.156  0.483   1.00 25.13  ? 127 PRO A CD  1 
ATOM   243  N N   . LYS A 1 35  ? 4.341   4.027   -1.630  1.00 32.52  ? 128 LYS A N   1 
ATOM   244  C CA  . LYS A 1 35  ? 3.916   4.789   -2.787  1.00 31.88  ? 128 LYS A CA  1 
ATOM   245  C C   . LYS A 1 35  ? 4.349   6.203   -2.662  1.00 35.36  ? 128 LYS A C   1 
ATOM   246  O O   . LYS A 1 35  ? 4.702   6.644   -1.580  1.00 35.30  ? 128 LYS A O   1 
ATOM   247  C CB  . LYS A 1 35  ? 2.403   4.778   -3.001  1.00 33.36  ? 128 LYS A CB  1 
ATOM   248  C CG  . LYS A 1 35  ? 1.533   5.527   -1.962  1.00 32.84  ? 128 LYS A CG  1 
ATOM   249  C CD  . LYS A 1 35  ? 0.096   5.358   -2.374  1.00 39.30  ? 128 LYS A CD  1 
ATOM   250  C CE  . LYS A 1 35  ? -0.946  5.962   -1.468  1.00 46.94  ? 128 LYS A CE  1 
ATOM   251  N NZ  . LYS A 1 35  ? -0.424  7.128   -0.729  1.00 54.31  ? 128 LYS A NZ  1 
ATOM   252  N N   . GLY A 1 36  ? 4.336   6.892   -3.794  1.00 36.89  ? 129 GLY A N   1 
ATOM   253  C CA  . GLY A 1 36  ? 4.636   8.310   -3.846  1.00 38.56  ? 129 GLY A CA  1 
ATOM   254  C C   . GLY A 1 36  ? 4.405   8.981   -5.200  1.00 39.03  ? 129 GLY A C   1 
ATOM   255  O O   . GLY A 1 36  ? 4.005   8.362   -6.188  1.00 40.11  ? 129 GLY A O   1 
ATOM   256  N N   . LYS A 1 37  ? 4.669   10.288  -5.218  1.00 39.55  ? 130 LYS A N   1 
ATOM   257  C CA  . LYS A 1 37  ? 4.299   11.203  -6.312  1.00 40.44  ? 130 LYS A CA  1 
ATOM   258  C C   . LYS A 1 37  ? 5.214   11.006  -7.537  1.00 38.33  ? 130 LYS A C   1 
ATOM   259  O O   . LYS A 1 37  ? 6.417   10.891  -7.391  1.00 39.60  ? 130 LYS A O   1 
ATOM   260  C CB  . LYS A 1 37  ? 4.387   12.686  -5.849  1.00 48.30  ? 130 LYS A CB  1 
ATOM   261  C CG  . LYS A 1 37  ? 3.067   13.346  -5.405  1.00 50.63  ? 130 LYS A CG  1 
ATOM   262  C CD  . LYS A 1 37  ? 3.344   14.716  -4.739  1.00 51.15  ? 130 LYS A CD  1 
ATOM   263  N N   . VAL A 1 38  ? 4.612   10.932  -8.717  1.00 40.30  ? 131 VAL A N   1 
ATOM   264  C CA  . VAL A 1 38  ? 5.352   10.751  -9.991  1.00 46.82  ? 131 VAL A CA  1 
ATOM   265  C C   . VAL A 1 38  ? 6.177   12.007  -10.323 1.00 53.13  ? 131 VAL A C   1 
ATOM   266  O O   . VAL A 1 38  ? 5.656   13.107  -10.117 1.00 48.20  ? 131 VAL A O   1 
ATOM   267  C CB  . VAL A 1 38  ? 4.379   10.440  -11.123 1.00 47.67  ? 131 VAL A CB  1 
ATOM   268  C CG1 . VAL A 1 38  ? 3.497   11.644  -11.501 1.00 51.01  ? 131 VAL A CG1 1 
ATOM   269  C CG2 . VAL A 1 38  ? 5.108   9.831   -12.329 1.00 48.59  ? 131 VAL A CG2 1 
ATOM   270  N N   . ASN A 1 39  ? 7.437   11.834  -10.786 1.00 51.49  ? 132 ASN A N   1 
ATOM   271  C CA  . ASN A 1 39  ? 8.307   12.968  -11.283 1.00 52.76  ? 132 ASN A CA  1 
ATOM   272  C C   . ASN A 1 39  ? 7.870   13.359  -12.701 1.00 53.81  ? 132 ASN A C   1 
ATOM   273  O O   . ASN A 1 39  ? 7.288   12.528  -13.423 1.00 53.92  ? 132 ASN A O   1 
ATOM   274  C CB  . ASN A 1 39  ? 9.804   12.585  -11.307 1.00 49.55  ? 132 ASN A CB  1 
ATOM   275  C CG  . ASN A 1 39  ? 10.412  12.430  -9.924  1.00 52.26  ? 132 ASN A CG  1 
ATOM   276  O OD1 . ASN A 1 39  ? 10.061  13.157  -9.009  1.00 59.77  ? 132 ASN A OD1 1 
ATOM   277  N ND2 . ASN A 1 39  ? 11.358  11.502  -9.768  1.00 50.34  ? 132 ASN A ND2 1 
ATOM   278  N N   . LYS A 1 40  ? 8.131   14.612  -13.121 1.00 62.19  ? 133 LYS A N   1 
ATOM   279  C CA  . LYS A 1 40  ? 7.842   15.062  -14.527 1.00 58.19  ? 133 LYS A CA  1 
ATOM   280  C C   . LYS A 1 40  ? 8.541   14.149  -15.580 1.00 53.44  ? 133 LYS A C   1 
ATOM   281  O O   . LYS A 1 40  ? 9.713   13.823  -15.436 1.00 54.04  ? 133 LYS A O   1 
ATOM   282  C CB  . LYS A 1 40  ? 8.253   16.549  -14.715 1.00 64.19  ? 133 LYS A CB  1 
ATOM   283  N N   . GLU A 1 41  ? 7.789   13.709  -16.590 1.00 55.61  ? 134 GLU A N   1 
ATOM   284  C CA  . GLU A 1 41  ? 8.239   12.769  -17.629 1.00 60.98  ? 134 GLU A CA  1 
ATOM   285  C C   . GLU A 1 41  ? 8.397   11.266  -17.235 1.00 68.68  ? 134 GLU A C   1 
ATOM   286  O O   . GLU A 1 41  ? 8.544   10.441  -18.160 1.00 65.53  ? 134 GLU A O   1 
ATOM   287  C CB  . GLU A 1 41  ? 9.510   13.286  -18.360 1.00 62.53  ? 134 GLU A CB  1 
ATOM   288  N N   . GLU A 1 42  ? 8.306   10.902  -15.928 1.00 60.85  ? 135 GLU A N   1 
ATOM   289  C CA  . GLU A 1 42  ? 8.547   9.504   -15.415 1.00 47.89  ? 135 GLU A CA  1 
ATOM   290  C C   . GLU A 1 42  ? 7.346   8.604   -15.740 1.00 48.04  ? 135 GLU A C   1 
ATOM   291  O O   . GLU A 1 42  ? 6.223   9.030   -15.598 1.00 50.27  ? 135 GLU A O   1 
ATOM   292  C CB  . GLU A 1 42  ? 8.882   9.548   -13.898 1.00 50.08  ? 135 GLU A CB  1 
ATOM   293  C CG  . GLU A 1 42  ? 9.205   8.223   -13.152 1.00 46.69  ? 135 GLU A CG  1 
ATOM   294  C CD  . GLU A 1 42  ? 9.476   8.428   -11.683 1.00 41.78  ? 135 GLU A CD  1 
ATOM   295  O OE1 . GLU A 1 42  ? 8.748   9.233   -11.071 1.00 46.98  ? 135 GLU A OE1 1 
ATOM   296  O OE2 . GLU A 1 42  ? 10.450  7.845   -11.098 1.00 42.85  ? 135 GLU A OE2 1 
ATOM   297  N N   . ALA A 1 43  ? 7.575   7.377   -16.240 1.00 46.64  ? 136 ALA A N   1 
ATOM   298  C CA  . ALA A 1 43  ? 6.464   6.434   -16.533 1.00 47.81  ? 136 ALA A CA  1 
ATOM   299  C C   . ALA A 1 43  ? 5.887   5.827   -15.219 1.00 39.57  ? 136 ALA A C   1 
ATOM   300  O O   . ALA A 1 43  ? 6.580   5.806   -14.217 1.00 38.28  ? 136 ALA A O   1 
ATOM   301  C CB  . ALA A 1 43  ? 6.896   5.325   -17.486 1.00 43.34  ? 136 ALA A CB  1 
ATOM   302  N N   . PRO A 1 44  ? 4.623   5.405   -15.246 1.00 46.11  ? 137 PRO A N   1 
ATOM   303  C CA  . PRO A 1 44  ? 3.999   4.872   -14.013 1.00 47.12  ? 137 PRO A CA  1 
ATOM   304  C C   . PRO A 1 44  ? 4.752   3.722   -13.348 1.00 43.74  ? 137 PRO A C   1 
ATOM   305  O O   . PRO A 1 44  ? 5.011   3.794   -12.135 1.00 41.79  ? 137 PRO A O   1 
ATOM   306  C CB  . PRO A 1 44  ? 2.607   4.441   -14.504 1.00 48.22  ? 137 PRO A CB  1 
ATOM   307  C CG  . PRO A 1 44  ? 2.258   5.493   -15.513 1.00 49.18  ? 137 PRO A CG  1 
ATOM   308  C CD  . PRO A 1 44  ? 3.588   5.775   -16.237 1.00 46.27  ? 137 PRO A CD  1 
ATOM   309  N N   . HIS A 1 45  ? 5.133   2.715   -14.137 1.00 40.62  ? 138 HIS A N   1 
ATOM   310  C CA  . HIS A 1 45  ? 5.837   1.526   -13.640 1.00 43.89  ? 138 HIS A CA  1 
ATOM   311  C C   . HIS A 1 45  ? 7.212   1.851   -13.083 1.00 38.70  ? 138 HIS A C   1 
ATOM   312  O O   . HIS A 1 45  ? 7.648   1.234   -12.100 1.00 34.13  ? 138 HIS A O   1 
ATOM   313  C CB  . HIS A 1 45  ? 5.886   0.372   -14.688 1.00 48.52  ? 138 HIS A CB  1 
ATOM   314  C CG  . HIS A 1 45  ? 6.798   0.625   -15.858 1.00 57.33  ? 138 HIS A CG  1 
ATOM   315  N ND1 . HIS A 1 45  ? 6.455   1.457   -16.906 1.00 59.03  ? 138 HIS A ND1 1 
ATOM   316  C CD2 . HIS A 1 45  ? 8.031   0.140   -16.154 1.00 57.96  ? 138 HIS A CD2 1 
ATOM   317  C CE1 . HIS A 1 45  ? 7.438   1.483   -17.790 1.00 58.62  ? 138 HIS A CE1 1 
ATOM   318  N NE2 . HIS A 1 45  ? 8.405   0.693   -17.359 1.00 62.33  ? 138 HIS A NE2 1 
ATOM   319  N N   . ASP A 1 46  ? 7.887   2.838   -13.672 1.00 38.29  ? 139 ASP A N   1 
ATOM   320  C CA  . ASP A 1 46  ? 9.149   3.286   -13.104 1.00 38.56  ? 139 ASP A CA  1 
ATOM   321  C C   . ASP A 1 46  ? 9.076   4.051   -11.744 1.00 33.25  ? 139 ASP A C   1 
ATOM   322  O O   . ASP A 1 46  ? 9.950   3.917   -10.874 1.00 41.06  ? 139 ASP A O   1 
ATOM   323  C CB  . ASP A 1 46  ? 9.806   4.215   -14.103 1.00 42.88  ? 139 ASP A CB  1 
ATOM   324  C CG  . ASP A 1 46  ? 10.448  3.469   -15.279 1.00 45.50  ? 139 ASP A CG  1 
ATOM   325  O OD1 . ASP A 1 46  ? 10.862  2.270   -15.200 1.00 45.41  ? 139 ASP A OD1 1 
ATOM   326  O OD2 . ASP A 1 46  ? 10.502  4.140   -16.314 1.00 49.75  ? 139 ASP A OD2 1 
ATOM   327  N N   . CYS A 1 47  ? 8.089   4.931   -11.612 1.00 32.96  ? 140 CYS A N   1 
ATOM   328  C CA  . CYS A 1 47  ? 7.829   5.653   -10.375 1.00 33.46  ? 140 CYS A CA  1 
ATOM   329  C C   . CYS A 1 47  ? 7.510   4.596   -9.265  1.00 33.58  ? 140 CYS A C   1 
ATOM   330  O O   . CYS A 1 47  ? 8.013   4.698   -8.108  1.00 31.53  ? 140 CYS A O   1 
ATOM   331  C CB  . CYS A 1 47  ? 6.610   6.606   -10.565 1.00 35.56  ? 140 CYS A CB  1 
ATOM   332  S SG  . CYS A 1 47  ? 6.053   7.361   -9.005  1.00 39.70  ? 140 CYS A SG  1 
ATOM   333  N N   . ALA A 1 48  ? 6.670   3.611   -9.626  1.00 34.86  ? 141 ALA A N   1 
ATOM   334  C CA  . ALA A 1 48  ? 6.262   2.582   -8.668  1.00 31.74  ? 141 ALA A CA  1 
ATOM   335  C C   . ALA A 1 48  ? 7.530   1.878   -8.110  1.00 33.14  ? 141 ALA A C   1 
ATOM   336  O O   . ALA A 1 48  ? 7.704   1.765   -6.900  1.00 30.76  ? 141 ALA A O   1 
ATOM   337  C CB  . ALA A 1 48  ? 5.308   1.612   -9.320  1.00 30.80  ? 141 ALA A CB  1 
ATOM   338  N N   . ALA A 1 49  ? 8.448   1.462   -8.979  1.00 30.87  ? 142 ALA A N   1 
ATOM   339  C CA  . ALA A 1 49  ? 9.679   0.790   -8.548  1.00 31.95  ? 142 ALA A CA  1 
ATOM   340  C C   . ALA A 1 49  ? 10.605  1.687   -7.720  1.00 30.70  ? 142 ALA A C   1 
ATOM   341  O O   . ALA A 1 49  ? 11.186  1.235   -6.694  1.00 32.31  ? 142 ALA A O   1 
ATOM   342  C CB  . ALA A 1 49  ? 10.436  0.222   -9.726  1.00 33.80  ? 142 ALA A CB  1 
ATOM   343  N N   . ARG A 1 50  ? 10.668  2.950   -8.090  1.00 33.66  ? 143 ARG A N   1 
ATOM   344  C CA  . ARG A 1 50  ? 11.514  3.930   -7.379  1.00 34.67  ? 143 ARG A CA  1 
ATOM   345  C C   . ARG A 1 50  ? 11.017  4.154   -5.952  1.00 32.89  ? 143 ARG A C   1 
ATOM   346  O O   . ARG A 1 50  ? 11.753  4.055   -4.987  1.00 32.54  ? 143 ARG A O   1 
ATOM   347  C CB  . ARG A 1 50  ? 11.523  5.255   -8.154  1.00 39.21  ? 143 ARG A CB  1 
ATOM   348  C CG  . ARG A 1 50  ? 12.571  6.243   -7.613  1.00 40.64  ? 143 ARG A CG  1 
ATOM   349  C CD  . ARG A 1 50  ? 12.573  7.619   -8.260  1.00 39.29  ? 143 ARG A CD  1 
ATOM   350  N NE  . ARG A 1 50  ? 11.237  8.169   -8.560  1.00 41.41  ? 143 ARG A NE  1 
ATOM   351  C CZ  . ARG A 1 50  ? 10.445  8.835   -7.709  1.00 38.31  ? 143 ARG A CZ  1 
ATOM   352  N NH1 . ARG A 1 50  ? 10.814  9.102   -6.468  1.00 42.66  ? 143 ARG A NH1 1 
ATOM   353  N NH2 . ARG A 1 50  ? 9.280   9.281   -8.125  1.00 41.81  ? 143 ARG A NH2 1 
ATOM   354  N N   . GLU A 1 51  ? 9.733   4.427   -5.816  1.00 32.30  ? 144 GLU A N   1 
ATOM   355  C CA  . GLU A 1 51  ? 9.175   4.671   -4.499  1.00 32.08  ? 144 GLU A CA  1 
ATOM   356  C C   . GLU A 1 51  ? 9.300   3.461   -3.620  1.00 32.21  ? 144 GLU A C   1 
ATOM   357  O O   . GLU A 1 51  ? 9.678   3.567   -2.434  1.00 31.42  ? 144 GLU A O   1 
ATOM   358  C CB  . GLU A 1 51  ? 7.733   5.075   -4.612  1.00 37.21  ? 144 GLU A CB  1 
ATOM   359  C CG  . GLU A 1 51  ? 7.570   6.415   -5.236  1.00 39.62  ? 144 GLU A CG  1 
ATOM   360  C CD  . GLU A 1 51  ? 7.898   7.588   -4.327  1.00 46.11  ? 144 GLU A CD  1 
ATOM   361  O OE1 . GLU A 1 51  ? 8.269   7.406   -3.161  1.00 42.33  ? 144 GLU A OE1 1 
ATOM   362  O OE2 . GLU A 1 51  ? 7.734   8.731   -4.815  1.00 51.70  ? 144 GLU A OE2 1 
ATOM   363  N N   . VAL A 1 52  ? 8.985   2.284   -4.158  1.00 28.12  ? 145 VAL A N   1 
ATOM   364  C CA  . VAL A 1 52  ? 9.063   1.094   -3.303  1.00 30.42  ? 145 VAL A CA  1 
ATOM   365  C C   . VAL A 1 52  ? 10.527  0.828   -2.907  1.00 30.92  ? 145 VAL A C   1 
ATOM   366  O O   . VAL A 1 52  ? 10.793  0.443   -1.763  1.00 36.37  ? 145 VAL A O   1 
ATOM   367  C CB  . VAL A 1 52  ? 8.415   -0.108  -4.017  1.00 30.36  ? 145 VAL A CB  1 
ATOM   368  C CG1 . VAL A 1 52  ? 8.726   -1.368  -3.296  1.00 33.14  ? 145 VAL A CG1 1 
ATOM   369  C CG2 . VAL A 1 52  ? 6.916   0.152   -4.235  1.00 30.93  ? 145 VAL A CG2 1 
ATOM   370  N N   . PHE A 1 53  ? 11.468  1.031   -3.843  1.00 33.21  ? 146 PHE A N   1 
ATOM   371  C CA  . PHE A 1 53  ? 12.887  0.818   -3.496  1.00 31.01  ? 146 PHE A CA  1 
ATOM   372  C C   . PHE A 1 53  ? 13.333  1.888   -2.438  1.00 36.19  ? 146 PHE A C   1 
ATOM   373  O O   . PHE A 1 53  ? 14.025  1.572   -1.496  1.00 36.67  ? 146 PHE A O   1 
ATOM   374  C CB  . PHE A 1 53  ? 13.780  0.887   -4.720  1.00 37.56  ? 146 PHE A CB  1 
ATOM   375  C CG  . PHE A 1 53  ? 15.214  0.492   -4.416  1.00 36.09  ? 146 PHE A CG  1 
ATOM   376  C CD1 . PHE A 1 53  ? 15.546  -0.821  -4.234  1.00 44.31  ? 146 PHE A CD1 1 
ATOM   377  C CD2 . PHE A 1 53  ? 16.195  1.465   -4.226  1.00 47.32  ? 146 PHE A CD2 1 
ATOM   378  C CE1 . PHE A 1 53  ? 16.863  -1.206  -3.902  1.00 51.10  ? 146 PHE A CE1 1 
ATOM   379  C CE2 . PHE A 1 53  ? 17.513  1.110   -3.896  1.00 52.64  ? 146 PHE A CE2 1 
ATOM   380  C CZ  . PHE A 1 53  ? 17.846  -0.240  -3.733  1.00 50.46  ? 146 PHE A CZ  1 
ATOM   381  N N   . GLU A 1 54  ? 12.883  3.133   -2.562  1.00 38.06  ? 147 GLU A N   1 
ATOM   382  C CA  . GLU A 1 54  ? 13.268  4.186   -1.564  1.00 41.61  ? 147 GLU A CA  1 
ATOM   383  C C   . GLU A 1 54  ? 12.726  3.895   -0.165  1.00 42.14  ? 147 GLU A C   1 
ATOM   384  O O   . GLU A 1 54  ? 13.411  4.115   0.849   1.00 36.74  ? 147 GLU A O   1 
ATOM   385  C CB  . GLU A 1 54  ? 12.716  5.541   -2.010  1.00 46.99  ? 147 GLU A CB  1 
ATOM   386  C CG  . GLU A 1 54  ? 13.484  6.249   -3.135  1.00 51.05  ? 147 GLU A CG  1 
ATOM   387  C CD  . GLU A 1 54  ? 12.822  7.580   -3.585  1.00 55.88  ? 147 GLU A CD  1 
ATOM   388  O OE1 . GLU A 1 54  ? 11.771  8.009   -3.005  1.00 59.50  ? 147 GLU A OE1 1 
ATOM   389  O OE2 . GLU A 1 54  ? 13.348  8.208   -4.543  1.00 60.35  ? 147 GLU A OE2 1 
ATOM   390  N N   . GLU A 1 55  ? 11.489  3.377   -0.127  1.00 34.03  ? 148 GLU A N   1 
ATOM   391  C CA  . GLU A 1 55  ? 10.807  3.087   1.115   1.00 33.58  ? 148 GLU A CA  1 
ATOM   392  C C   . GLU A 1 55  ? 11.063  1.709   1.733   1.00 36.76  ? 148 GLU A C   1 
ATOM   393  O O   . GLU A 1 55  ? 10.735  1.526   2.898   1.00 39.57  ? 148 GLU A O   1 
ATOM   394  C CB  . GLU A 1 55  ? 9.320   3.315   0.929   1.00 30.90  ? 148 GLU A CB  1 
ATOM   395  C CG  . GLU A 1 55  ? 9.005   4.760   0.599   1.00 32.70  ? 148 GLU A CG  1 
ATOM   396  C CD  . GLU A 1 55  ? 7.506   5.000   0.520   1.00 37.21  ? 148 GLU A CD  1 
ATOM   397  O OE1 . GLU A 1 55  ? 6.726   4.208   1.111   1.00 35.68  ? 148 GLU A OE1 1 
ATOM   398  O OE2 . GLU A 1 55  ? 7.121   5.936   -0.180  1.00 42.97  ? 148 GLU A OE2 1 
ATOM   399  N N   . THR A 1 56  ? 11.525  0.710   0.950   1.00 37.86  ? 149 THR A N   1 
ATOM   400  C CA  . THR A 1 56  ? 11.679  -0.684  1.469   1.00 34.66  ? 149 THR A CA  1 
ATOM   401  C C   . THR A 1 56  ? 13.007  -1.320  1.175   1.00 34.38  ? 149 THR A C   1 
ATOM   402  O O   . THR A 1 56  ? 13.321  -2.357  1.765   1.00 35.45  ? 149 THR A O   1 
ATOM   403  C CB  . THR A 1 56  ? 10.630  -1.652  0.877   1.00 36.33  ? 149 THR A CB  1 
ATOM   404  O OG1 . THR A 1 56  ? 10.972  -1.916  -0.490  1.00 31.46  ? 149 THR A OG1 1 
ATOM   405  C CG2 . THR A 1 56  ? 9.117   -1.013  0.970   1.00 30.75  ? 149 THR A CG2 1 
ATOM   406  N N   . GLY A 1 57  ? 13.733  -0.810  0.193   1.00 37.91  ? 150 GLY A N   1 
ATOM   407  C CA  . GLY A 1 57  ? 14.990  -1.452  -0.182  1.00 38.82  ? 150 GLY A CA  1 
ATOM   408  C C   . GLY A 1 57  ? 14.781  -2.700  -1.044  1.00 42.50  ? 150 GLY A C   1 
ATOM   409  O O   . GLY A 1 57  ? 15.752  -3.380  -1.372  1.00 39.97  ? 150 GLY A O   1 
ATOM   410  N N   . PHE A 1 58  ? 13.547  -2.998  -1.458  1.00 36.19  ? 151 PHE A N   1 
ATOM   411  C CA  . PHE A 1 58  ? 13.293  -4.156  -2.318  1.00 35.44  ? 151 PHE A CA  1 
ATOM   412  C C   . PHE A 1 58  ? 12.999  -3.640  -3.707  1.00 35.73  ? 151 PHE A C   1 
ATOM   413  O O   . PHE A 1 58  ? 12.236  -2.666  -3.862  1.00 39.23  ? 151 PHE A O   1 
ATOM   414  C CB  . PHE A 1 58  ? 12.161  -5.037  -1.731  1.00 36.07  ? 151 PHE A CB  1 
ATOM   415  C CG  . PHE A 1 58  ? 11.846  -6.284  -2.568  1.00 36.93  ? 151 PHE A CG  1 
ATOM   416  C CD1 . PHE A 1 58  ? 12.629  -7.418  -2.472  1.00 39.42  ? 151 PHE A CD1 1 
ATOM   417  C CD2 . PHE A 1 58  ? 10.757  -6.300  -3.456  1.00 40.06  ? 151 PHE A CD2 1 
ATOM   418  C CE1 . PHE A 1 58  ? 12.355  -8.543  -3.223  1.00 39.90  ? 151 PHE A CE1 1 
ATOM   419  C CE2 . PHE A 1 58  ? 10.482  -7.418  -4.243  1.00 40.21  ? 151 PHE A CE2 1 
ATOM   420  C CZ  . PHE A 1 58  ? 11.317  -8.540  -4.125  1.00 42.35  ? 151 PHE A CZ  1 
ATOM   421  N N   . ASP A 1 59  ? 13.638  -4.242  -4.733  1.00 33.83  ? 152 ASP A N   1 
ATOM   422  C CA  . ASP A 1 59  ? 13.482  -3.828  -6.132  1.00 38.09  ? 152 ASP A CA  1 
ATOM   423  C C   . ASP A 1 59  ? 12.430  -4.655  -6.861  1.00 38.94  ? 152 ASP A C   1 
ATOM   424  O O   . ASP A 1 59  ? 12.625  -5.860  -7.047  1.00 34.95  ? 152 ASP A O   1 
ATOM   425  C CB  . ASP A 1 59  ? 14.829  -3.938  -6.901  1.00 37.07  ? 152 ASP A CB  1 
ATOM   426  C CG  . ASP A 1 59  ? 14.789  -3.345  -8.296  1.00 39.13  ? 152 ASP A CG  1 
ATOM   427  O OD1 . ASP A 1 59  ? 13.758  -2.858  -8.838  1.00 39.42  ? 152 ASP A OD1 1 
ATOM   428  O OD2 . ASP A 1 59  ? 15.865  -3.391  -8.901  1.00 45.86  ? 152 ASP A OD2 1 
ATOM   429  N N   . ILE A 1 60  ? 11.340  -4.016  -7.303  1.00 34.02  ? 153 ILE A N   1 
ATOM   430  C CA  . ILE A 1 60  ? 10.229  -4.759  -7.885  1.00 34.13  ? 153 ILE A CA  1 
ATOM   431  C C   . ILE A 1 60  ? 10.236  -4.816  -9.426  1.00 32.44  ? 153 ILE A C   1 
ATOM   432  O O   . ILE A 1 60  ? 9.296   -5.297  -10.033 1.00 32.98  ? 153 ILE A O   1 
ATOM   433  C CB  . ILE A 1 60  ? 8.831   -4.246  -7.443  1.00 32.34  ? 153 ILE A CB  1 
ATOM   434  C CG1 . ILE A 1 60  ? 8.545   -2.794  -7.904  1.00 32.60  ? 153 ILE A CG1 1 
ATOM   435  C CG2 . ILE A 1 60  ? 8.616   -4.439  -5.961  1.00 34.80  ? 153 ILE A CG2 1 
ATOM   436  C CD1 . ILE A 1 60  ? 7.108   -2.398  -7.617  1.00 32.68  ? 153 ILE A CD1 1 
ATOM   437  N N   . LYS A 1 61  ? 11.276  -4.291  -10.050 1.00 34.11  ? 154 LYS A N   1 
ATOM   438  C CA  . LYS A 1 61  ? 11.229  -4.000  -11.444 1.00 39.91  ? 154 LYS A CA  1 
ATOM   439  C C   . LYS A 1 61  ? 10.990  -5.282  -12.254 1.00 34.70  ? 154 LYS A C   1 
ATOM   440  O O   . LYS A 1 61  ? 10.178  -5.260  -13.177 1.00 34.71  ? 154 LYS A O   1 
ATOM   441  C CB  . LYS A 1 61  ? 12.507  -3.227  -11.873 1.00 40.36  ? 154 LYS A CB  1 
ATOM   442  C CG  . LYS A 1 61  ? 13.028  -3.479  -13.266 1.00 58.16  ? 154 LYS A CG  1 
ATOM   443  C CD  . LYS A 1 61  ? 14.286  -2.652  -13.599 1.00 62.00  ? 154 LYS A CD  1 
ATOM   444  C CE  . LYS A 1 61  ? 15.538  -2.985  -12.747 1.00 72.12  ? 154 LYS A CE  1 
ATOM   445  N NZ  . LYS A 1 61  ? 16.273  -4.254  -13.095 1.00 76.64  ? 154 LYS A NZ  1 
ATOM   446  N N   . ASP A 1 62  ? 11.644  -6.380  -11.861 1.00 35.43  ? 155 ASP A N   1 
ATOM   447  C CA  . ASP A 1 62  ? 11.578  -7.583  -12.648 1.00 32.14  ? 155 ASP A CA  1 
ATOM   448  C C   . ASP A 1 62  ? 10.313  -8.354  -12.377 1.00 38.28  ? 155 ASP A C   1 
ATOM   449  O O   . ASP A 1 62  ? 10.045  -9.334  -13.110 1.00 38.02  ? 155 ASP A O   1 
ATOM   450  C CB  . ASP A 1 62  ? 12.799  -8.484  -12.419 1.00 41.72  ? 155 ASP A CB  1 
ATOM   451  C CG  . ASP A 1 62  ? 14.070  -7.877  -12.979 1.00 41.07  ? 155 ASP A CG  1 
ATOM   452  O OD1 . ASP A 1 62  ? 13.989  -7.036  -13.877 1.00 45.89  ? 155 ASP A OD1 1 
ATOM   453  O OD2 . ASP A 1 62  ? 15.136  -8.253  -12.522 1.00 46.57  ? 155 ASP A OD2 1 
ATOM   454  N N   . TYR A 1 63  ? 9.517   -7.913  -11.380 1.00 34.39  ? 156 TYR A N   1 
ATOM   455  C CA  . TYR A 1 63  ? 8.220   -8.596  -11.040 1.00 34.47  ? 156 TYR A CA  1 
ATOM   456  C C   . TYR A 1 63  ? 6.949   -7.869  -11.426 1.00 32.24  ? 156 TYR A C   1 
ATOM   457  O O   . TYR A 1 63  ? 5.863   -8.476  -11.469 1.00 36.01  ? 156 TYR A O   1 
ATOM   458  C CB  . TYR A 1 63  ? 8.138   -8.828  -9.571  1.00 34.28  ? 156 TYR A CB  1 
ATOM   459  C CG  . TYR A 1 63  ? 9.320   -9.466  -9.086  1.00 36.56  ? 156 TYR A CG  1 
ATOM   460  C CD1 . TYR A 1 63  ? 9.647   -10.735 -9.549  1.00 47.22  ? 156 TYR A CD1 1 
ATOM   461  C CD2 . TYR A 1 63  ? 10.200  -8.805  -8.291  1.00 42.33  ? 156 TYR A CD2 1 
ATOM   462  C CE1 . TYR A 1 63  ? 10.782  -11.360 -9.144  1.00 48.56  ? 156 TYR A CE1 1 
ATOM   463  C CE2 . TYR A 1 63  ? 11.359  -9.415  -7.859  1.00 43.43  ? 156 TYR A CE2 1 
ATOM   464  C CZ  . TYR A 1 63  ? 11.612  -10.698 -8.271  1.00 51.16  ? 156 TYR A CZ  1 
ATOM   465  O OH  . TYR A 1 63  ? 12.732  -11.300 -7.884  1.00 59.06  ? 156 TYR A OH  1 
ATOM   466  N N   . ILE A 1 64  ? 7.044   -6.571  -11.666 1.00 34.02  ? 157 ILE A N   1 
ATOM   467  C CA  . ILE A 1 64  ? 5.836   -5.800  -12.083 1.00 38.33  ? 157 ILE A CA  1 
ATOM   468  C C   . ILE A 1 64  ? 5.169   -6.342  -13.317 1.00 39.28  ? 157 ILE A C   1 
ATOM   469  O O   . ILE A 1 64  ? 5.857   -6.605  -14.296 1.00 42.05  ? 157 ILE A O   1 
ATOM   470  C CB  . ILE A 1 64  ? 6.153   -4.325  -12.417 1.00 40.15  ? 157 ILE A CB  1 
ATOM   471  C CG1 . ILE A 1 64  ? 6.478   -3.554  -11.162 1.00 49.39  ? 157 ILE A CG1 1 
ATOM   472  C CG2 . ILE A 1 64  ? 4.926   -3.616  -12.979 1.00 42.61  ? 157 ILE A CG2 1 
ATOM   473  C CD1 . ILE A 1 64  ? 6.937   -2.110  -11.373 1.00 53.91  ? 157 ILE A CD1 1 
ATOM   474  N N   A CYS A 1 65  ? 3.853   -6.556  -13.262 0.25 37.22  ? 158 CYS A N   1 
ATOM   475  N N   B CYS A 1 65  ? 3.847   -6.469  -13.280 0.25 40.54  ? 158 CYS A N   1 
ATOM   476  C CA  A CYS A 1 65  ? 3.049   -6.814  -14.462 0.25 37.86  ? 158 CYS A CA  1 
ATOM   477  C CA  B CYS A 1 65  ? 3.045   -6.848  -14.439 0.25 43.28  ? 158 CYS A CA  1 
ATOM   478  C C   A CYS A 1 65  ? 2.222   -5.576  -14.725 0.25 40.76  ? 158 CYS A C   1 
ATOM   479  C C   B CYS A 1 65  ? 2.143   -5.659  -14.769 0.25 44.20  ? 158 CYS A C   1 
ATOM   480  O O   A CYS A 1 65  ? 1.452   -5.139  -13.867 0.25 37.15  ? 158 CYS A O   1 
ATOM   481  O O   B CYS A 1 65  ? 1.228   -5.349  -14.000 0.25 41.59  ? 158 CYS A O   1 
ATOM   482  C CB  A CYS A 1 65  ? 2.136   -8.020  -14.289 0.25 35.42  ? 158 CYS A CB  1 
ATOM   483  C CB  B CYS A 1 65  ? 2.245   -8.103  -14.099 0.25 44.28  ? 158 CYS A CB  1 
ATOM   484  S SG  A CYS A 1 65  ? 2.989   -9.533  -13.828 0.25 33.54  ? 158 CYS A SG  1 
ATOM   485  S SG  B CYS A 1 65  ? 1.181   -8.743  -15.405 0.25 49.88  ? 158 CYS A SG  1 
ATOM   486  N N   . LYS A 1 66  ? 2.389   -4.997  -15.909 1.00 44.46  ? 159 LYS A N   1 
ATOM   487  C CA  . LYS A 1 66  ? 1.743   -3.694  -16.244 1.00 47.45  ? 159 LYS A CA  1 
ATOM   488  C C   . LYS A 1 66  ? 0.224   -3.638  -16.223 1.00 43.25  ? 159 LYS A C   1 
ATOM   489  O O   . LYS A 1 66  ? -0.348  -2.584  -15.988 1.00 44.57  ? 159 LYS A O   1 
ATOM   490  C CB  . LYS A 1 66  ? 2.186   -3.206  -17.603 1.00 55.34  ? 159 LYS A CB  1 
ATOM   491  C CG  . LYS A 1 66  ? 1.517   -3.979  -18.725 1.00 59.86  ? 159 LYS A CG  1 
ATOM   492  N N   . ASP A 1 67  ? -0.412  -4.771  -16.397 1.00 43.06  ? 160 ASP A N   1 
ATOM   493  C CA  . ASP A 1 67  ? -1.861  -4.845  -16.267 1.00 48.53  ? 160 ASP A CA  1 
ATOM   494  C C   . ASP A 1 67  ? -2.384  -5.289  -14.904 1.00 46.31  ? 160 ASP A C   1 
ATOM   495  O O   . ASP A 1 67  ? -3.585  -5.314  -14.719 1.00 39.20  ? 160 ASP A O   1 
ATOM   496  C CB  . ASP A 1 67  ? -2.373  -5.771  -17.361 1.00 61.88  ? 160 ASP A CB  1 
ATOM   497  C CG  . ASP A 1 67  ? -2.028  -5.225  -18.765 1.00 73.51  ? 160 ASP A CG  1 
ATOM   498  O OD1 . ASP A 1 67  ? -2.789  -4.344  -19.242 1.00 72.79  ? 160 ASP A OD1 1 
ATOM   499  O OD2 . ASP A 1 67  ? -0.969  -5.610  -19.337 1.00 73.18  ? 160 ASP A OD2 1 
ATOM   500  N N   . ASP A 1 68  ? -1.519  -5.548  -13.916 1.00 36.72  ? 161 ASP A N   1 
ATOM   501  C CA  . ASP A 1 68  ? -2.015  -6.010  -12.613 1.00 39.80  ? 161 ASP A CA  1 
ATOM   502  C C   . ASP A 1 68  ? -1.823  -4.943  -11.526 1.00 33.42  ? 161 ASP A C   1 
ATOM   503  O O   . ASP A 1 68  ? -0.700  -4.771  -10.958 1.00 31.17  ? 161 ASP A O   1 
ATOM   504  C CB  . ASP A 1 68  ? -1.307  -7.288  -12.178 1.00 41.93  ? 161 ASP A CB  1 
ATOM   505  C CG  . ASP A 1 68  ? -1.574  -8.455  -13.076 1.00 45.38  ? 161 ASP A CG  1 
ATOM   506  O OD1 . ASP A 1 68  ? -2.492  -8.445  -13.900 1.00 37.71  ? 161 ASP A OD1 1 
ATOM   507  O OD2 . ASP A 1 68  ? -0.849  -9.427  -12.896 1.00 40.14  ? 161 ASP A OD2 1 
ATOM   508  N N   . TYR A 1 69  ? -2.872  -4.170  -11.330 1.00 34.95  ? 162 TYR A N   1 
ATOM   509  C CA  . TYR A 1 69  ? -2.889  -3.072  -10.353 1.00 33.33  ? 162 TYR A CA  1 
ATOM   510  C C   . TYR A 1 69  ? -4.306  -2.774  -9.885  1.00 37.07  ? 162 TYR A C   1 
ATOM   511  O O   . TYR A 1 69  ? -5.311  -3.199  -10.500 1.00 42.72  ? 162 TYR A O   1 
ATOM   512  C CB  . TYR A 1 69  ? -2.196  -1.804  -10.893 1.00 32.68  ? 162 TYR A CB  1 
ATOM   513  C CG  . TYR A 1 69  ? -2.886  -1.208  -12.114 1.00 40.08  ? 162 TYR A CG  1 
ATOM   514  C CD1 . TYR A 1 69  ? -4.103  -0.480  -12.002 1.00 40.98  ? 162 TYR A CD1 1 
ATOM   515  C CD2 . TYR A 1 69  ? -2.384  -1.463  -13.388 1.00 40.70  ? 162 TYR A CD2 1 
ATOM   516  C CE1 . TYR A 1 69  ? -4.752  0.000   -13.121 1.00 42.35  ? 162 TYR A CE1 1 
ATOM   517  C CE2 . TYR A 1 69  ? -3.031  -0.994  -14.520 1.00 43.62  ? 162 TYR A CE2 1 
ATOM   518  C CZ  . TYR A 1 69  ? -4.191  -0.256  -14.371 1.00 51.42  ? 162 TYR A CZ  1 
ATOM   519  O OH  . TYR A 1 69  ? -4.781  0.212   -15.497 1.00 56.51  ? 162 TYR A OH  1 
ATOM   520  N N   . ILE A 1 70  ? -4.370  -2.062  -8.778  1.00 35.93  ? 163 ILE A N   1 
ATOM   521  C CA  . ILE A 1 70  ? -5.580  -1.436  -8.277  1.00 41.48  ? 163 ILE A CA  1 
ATOM   522  C C   . ILE A 1 70  ? -5.410  0.084   -8.276  1.00 36.96  ? 163 ILE A C   1 
ATOM   523  O O   . ILE A 1 70  ? -4.412  0.620   -7.759  1.00 36.68  ? 163 ILE A O   1 
ATOM   524  C CB  . ILE A 1 70  ? -5.859  -1.989  -6.866  1.00 48.01  ? 163 ILE A CB  1 
ATOM   525  C CG1 . ILE A 1 70  ? -6.495  -3.357  -7.017  1.00 51.26  ? 163 ILE A CG1 1 
ATOM   526  C CG2 . ILE A 1 70  ? -6.822  -1.118  -6.086  1.00 56.87  ? 163 ILE A CG2 1 
ATOM   527  C CD1 . ILE A 1 70  ? -6.469  -4.163  -5.733  1.00 55.35  ? 163 ILE A CD1 1 
ATOM   528  N N   . GLU A 1 71  ? -6.409  0.806   -8.796  1.00 33.84  ? 164 GLU A N   1 
ATOM   529  C CA  . GLU A 1 71  ? -6.285  2.274   -8.941  1.00 36.06  ? 164 GLU A CA  1 
ATOM   530  C C   . GLU A 1 71  ? -7.510  2.963   -8.310  1.00 39.46  ? 164 GLU A C   1 
ATOM   531  O O   . GLU A 1 71  ? -8.612  2.487   -8.477  1.00 38.41  ? 164 GLU A O   1 
ATOM   532  C CB  . GLU A 1 71  ? -6.120  2.607   -10.371 1.00 39.76  ? 164 GLU A CB  1 
ATOM   533  C CG  . GLU A 1 71  ? -6.113  4.065   -10.775 1.00 51.69  ? 164 GLU A CG  1 
ATOM   534  C CD  . GLU A 1 71  ? -5.835  4.149   -12.265 1.00 55.39  ? 164 GLU A CD  1 
ATOM   535  O OE1 . GLU A 1 71  ? -6.692  3.619   -13.003 1.00 57.05  ? 164 GLU A OE1 1 
ATOM   536  O OE2 . GLU A 1 71  ? -4.757  4.666   -12.659 1.00 53.20  ? 164 GLU A OE2 1 
ATOM   537  N N   . LEU A 1 72  ? -7.257  3.973   -7.496  1.00 38.56  ? 165 LEU A N   1 
ATOM   538  C CA  . LEU A 1 72  ? -8.308  4.674   -6.761  1.00 40.36  ? 165 LEU A CA  1 
ATOM   539  C C   . LEU A 1 72  ? -8.146  6.146   -6.915  1.00 41.71  ? 165 LEU A C   1 
ATOM   540  O O   . LEU A 1 72  ? -7.028  6.686   -6.932  1.00 39.95  ? 165 LEU A O   1 
ATOM   541  C CB  . LEU A 1 72  ? -8.324  4.356   -5.235  1.00 38.56  ? 165 LEU A CB  1 
ATOM   542  C CG  . LEU A 1 72  ? -8.796  2.972   -4.828  1.00 44.46  ? 165 LEU A CG  1 
ATOM   543  C CD1 . LEU A 1 72  ? -8.911  2.851   -3.311  1.00 45.62  ? 165 LEU A CD1 1 
ATOM   544  C CD2 . LEU A 1 72  ? -10.108 2.568   -5.507  1.00 50.58  ? 165 LEU A CD2 1 
ATOM   545  N N   . ARG A 1 73  ? -9.291  6.829   -6.958  1.00 43.79  ? 166 ARG A N   1 
ATOM   546  C CA  . ARG A 1 73  ? -9.273  8.257   -6.909  1.00 44.77  ? 166 ARG A CA  1 
ATOM   547  C C   . ARG A 1 73  ? -9.731  8.707   -5.523  1.00 41.48  ? 166 ARG A C   1 
ATOM   548  O O   . ARG A 1 73  ? -10.832 8.430   -5.074  1.00 42.80  ? 166 ARG A O   1 
ATOM   549  C CB  . ARG A 1 73  ? -10.123 8.883   -8.022  1.00 52.37  ? 166 ARG A CB  1 
ATOM   550  C CG  . ARG A 1 73  ? -9.692  10.321  -8.298  1.00 59.96  ? 166 ARG A CG  1 
ATOM   551  C CD  . ARG A 1 73  ? -10.592 11.121  -9.259  1.00 72.66  ? 166 ARG A CD  1 
ATOM   552  N NE  . ARG A 1 73  ? -12.024 11.044  -8.893  1.00 66.60  ? 166 ARG A NE  1 
ATOM   553  C CZ  . ARG A 1 73  ? -13.005 10.568  -9.669  1.00 74.00  ? 166 ARG A CZ  1 
ATOM   554  N NH1 . ARG A 1 73  ? -12.800 10.150  -10.923 1.00 73.42  ? 166 ARG A NH1 1 
ATOM   555  N NH2 . ARG A 1 73  ? -14.244 10.539  -9.198  1.00 79.53  ? 166 ARG A NH2 1 
ATOM   556  N N   . ILE A 1 74  ? -8.860  9.445   -4.873  1.00 37.94  ? 167 ILE A N   1 
ATOM   557  C CA  . ILE A 1 74  ? -9.032  9.891   -3.524  1.00 41.45  ? 167 ILE A CA  1 
ATOM   558  C C   . ILE A 1 74  ? -8.849  11.401  -3.511  1.00 41.93  ? 167 ILE A C   1 
ATOM   559  O O   . ILE A 1 74  ? -7.717  11.880  -3.592  1.00 39.68  ? 167 ILE A O   1 
ATOM   560  C CB  . ILE A 1 74  ? -7.959  9.194   -2.627  1.00 43.29  ? 167 ILE A CB  1 
ATOM   561  C CG1 . ILE A 1 74  ? -8.348  7.709   -2.383  1.00 47.57  ? 167 ILE A CG1 1 
ATOM   562  C CG2 . ILE A 1 74  ? -7.864  9.852   -1.269  1.00 44.43  ? 167 ILE A CG2 1 
ATOM   563  C CD1 . ILE A 1 74  ? -7.159  6.826   -2.046  1.00 50.19  ? 167 ILE A CD1 1 
ATOM   564  N N   . ASN A 1 75  ? -9.962  12.137  -3.417  1.00 44.64  ? 168 ASN A N   1 
ATOM   565  C CA  . ASN A 1 75  ? -9.999  13.608  -3.464  1.00 47.91  ? 168 ASN A CA  1 
ATOM   566  C C   . ASN A 1 75  ? -9.322  14.199  -4.688  1.00 43.51  ? 168 ASN A C   1 
ATOM   567  O O   . ASN A 1 75  ? -8.466  15.046  -4.560  1.00 50.15  ? 168 ASN A O   1 
ATOM   568  C CB  . ASN A 1 75  ? -9.390  14.206  -2.174  1.00 49.62  ? 168 ASN A CB  1 
ATOM   569  C CG  . ASN A 1 75  ? -10.115 13.731  -0.906  1.00 52.05  ? 168 ASN A CG  1 
ATOM   570  O OD1 . ASN A 1 75  ? -11.331 13.587  -0.884  1.00 56.48  ? 168 ASN A OD1 1 
ATOM   571  N ND2 . ASN A 1 75  ? -9.356  13.449  0.138   1.00 57.07  ? 168 ASN A ND2 1 
ATOM   572  N N   . ASP A 1 76  ? -9.724  13.734  -5.857  1.00 50.90  ? 169 ASP A N   1 
ATOM   573  C CA  . ASP A 1 76  ? -9.134  14.118  -7.176  1.00 64.15  ? 169 ASP A CA  1 
ATOM   574  C C   . ASP A 1 76  ? -7.612  13.953  -7.260  1.00 65.38  ? 169 ASP A C   1 
ATOM   575  O O   . ASP A 1 76  ? -6.921  14.743  -7.879  1.00 74.41  ? 169 ASP A O   1 
ATOM   576  C CB  . ASP A 1 76  ? -9.631  15.498  -7.679  1.00 66.54  ? 169 ASP A CB  1 
ATOM   577  C CG  . ASP A 1 76  ? -11.123 15.472  -8.022  1.00 75.43  ? 169 ASP A CG  1 
ATOM   578  O OD1 . ASP A 1 76  ? -11.945 15.436  -7.070  1.00 69.28  ? 169 ASP A OD1 1 
ATOM   579  O OD2 . ASP A 1 76  ? -11.479 15.437  -9.226  1.00 94.68  ? 169 ASP A OD2 1 
ATOM   580  N N   . GLN A 1 77  ? -7.117  12.908  -6.604  1.00 62.34  ? 170 GLN A N   1 
ATOM   581  C CA  . GLN A 1 77  ? -5.748  12.436  -6.770  1.00 61.88  ? 170 GLN A CA  1 
ATOM   582  C C   . GLN A 1 77  ? -5.840  10.924  -7.008  1.00 57.98  ? 170 GLN A C   1 
ATOM   583  O O   . GLN A 1 77  ? -6.412  10.141  -6.202  1.00 47.59  ? 170 GLN A O   1 
ATOM   584  C CB  . GLN A 1 77  ? -4.887  12.822  -5.578  1.00 60.88  ? 170 GLN A CB  1 
ATOM   585  C CG  . GLN A 1 77  ? -3.765  11.848  -5.241  1.00 74.97  ? 170 GLN A CG  1 
ATOM   586  C CD  . GLN A 1 77  ? -2.413  12.500  -5.190  1.00 82.00  ? 170 GLN A CD  1 
ATOM   587  O OE1 . GLN A 1 77  ? -2.250  13.622  -4.701  1.00 86.16  ? 170 GLN A OE1 1 
ATOM   588  N NE2 . GLN A 1 77  ? -1.424  11.793  -5.714  1.00 94.07  ? 170 GLN A NE2 1 
ATOM   589  N N   . LEU A 1 78  ? -5.298  10.546  -8.150  1.00 48.20  ? 171 LEU A N   1 
ATOM   590  C CA  . LEU A 1 78  ? -5.247  9.187   -8.572  1.00 51.10  ? 171 LEU A CA  1 
ATOM   591  C C   . LEU A 1 78  ? -4.097  8.490   -7.827  1.00 42.94  ? 171 LEU A C   1 
ATOM   592  O O   . LEU A 1 78  ? -3.026  9.038   -7.775  1.00 39.69  ? 171 LEU A O   1 
ATOM   593  C CB  . LEU A 1 78  ? -4.978  9.160   -10.057 1.00 61.78  ? 171 LEU A CB  1 
ATOM   594  C CG  . LEU A 1 78  ? -5.282  7.856   -10.782 1.00 74.90  ? 171 LEU A CG  1 
ATOM   595  C CD1 . LEU A 1 78  ? -6.730  7.882   -11.289 1.00 79.09  ? 171 LEU A CD1 1 
ATOM   596  C CD2 . LEU A 1 78  ? -4.255  7.650   -11.912 1.00 83.22  ? 171 LEU A CD2 1 
ATOM   597  N N   . ALA A 1 79  ? -4.376  7.320   -7.231  1.00 38.02  ? 172 ALA A N   1 
ATOM   598  C CA  . ALA A 1 79  ? -3.359  6.420   -6.645  1.00 39.75  ? 172 ALA A CA  1 
ATOM   599  C C   . ALA A 1 79  ? -3.458  5.022   -7.284  1.00 39.36  ? 172 ALA A C   1 
ATOM   600  O O   . ALA A 1 79  ? -4.522  4.363   -7.262  1.00 36.44  ? 172 ALA A O   1 
ATOM   601  C CB  . ALA A 1 79  ? -3.493  6.340   -5.134  1.00 38.88  ? 172 ALA A CB  1 
ATOM   602  N N   . ARG A 1 80  ? -2.328  4.584   -7.876  1.00 36.78  ? 173 ARG A N   1 
ATOM   603  C CA  . ARG A 1 80  ? -2.232  3.280   -8.500  1.00 33.77  ? 173 ARG A CA  1 
ATOM   604  C C   . ARG A 1 80  ? -1.167  2.386   -7.834  1.00 31.16  ? 173 ARG A C   1 
ATOM   605  O O   . ARG A 1 80  ? 0.033   2.722   -7.843  1.00 32.76  ? 173 ARG A O   1 
ATOM   606  C CB  . ARG A 1 80  ? -1.907  3.407   -9.982  1.00 36.80  ? 173 ARG A CB  1 
ATOM   607  C CG  . ARG A 1 80  ? -1.833  2.060   -10.672 1.00 38.46  ? 173 ARG A CG  1 
ATOM   608  C CD  . ARG A 1 80  ? -1.248  2.199   -12.048 1.00 43.59  ? 173 ARG A CD  1 
ATOM   609  N NE  . ARG A 1 80  ? -2.206  2.892   -12.905 1.00 44.23  ? 173 ARG A NE  1 
ATOM   610  C CZ  . ARG A 1 80  ? -2.019  3.100   -14.212 1.00 50.47  ? 173 ARG A CZ  1 
ATOM   611  N NH1 . ARG A 1 80  ? -0.922  2.697   -14.849 1.00 44.46  ? 173 ARG A NH1 1 
ATOM   612  N NH2 . ARG A 1 80  ? -2.933  3.745   -14.872 1.00 49.10  ? 173 ARG A NH2 1 
ATOM   613  N N   . LEU A 1 81  ? -1.611  1.217   -7.357  1.00 28.02  ? 174 LEU A N   1 
ATOM   614  C CA  . LEU A 1 81  ? -0.713  0.199   -6.694  1.00 30.01  ? 174 LEU A CA  1 
ATOM   615  C C   . LEU A 1 81  ? -0.646  -1.068  -7.513  1.00 28.62  ? 174 LEU A C   1 
ATOM   616  O O   . LEU A 1 81  ? -1.677  -1.781  -7.697  1.00 28.61  ? 174 LEU A O   1 
ATOM   617  C CB  . LEU A 1 81  ? -1.196  -0.098  -5.273  1.00 28.26  ? 174 LEU A CB  1 
ATOM   618  C CG  . LEU A 1 81  ? -1.333  1.116   -4.343  1.00 29.24  ? 174 LEU A CG  1 
ATOM   619  C CD1 . LEU A 1 81  ? -2.002  0.718   -3.023  1.00 29.00  ? 174 LEU A CD1 1 
ATOM   620  C CD2 . LEU A 1 81  ? 0.000   1.804   -4.064  1.00 30.58  ? 174 LEU A CD2 1 
ATOM   621  N N   . TYR A 1 82  ? 0.549   -1.351  -8.046  1.00 25.19  ? 175 TYR A N   1 
ATOM   622  C CA  . TYR A 1 82  ? 0.814   -2.577  -8.762  1.00 26.96  ? 175 TYR A CA  1 
ATOM   623  C C   . TYR A 1 82  ? 0.818   -3.762  -7.765  1.00 29.53  ? 175 TYR A C   1 
ATOM   624  O O   . TYR A 1 82  ? 1.345   -3.636  -6.670  1.00 28.99  ? 175 TYR A O   1 
ATOM   625  C CB  . TYR A 1 82  ? 2.171   -2.460  -9.568  1.00 26.98  ? 175 TYR A CB  1 
ATOM   626  C CG  . TYR A 1 82  ? 2.048   -1.507  -10.728 1.00 30.78  ? 175 TYR A CG  1 
ATOM   627  C CD1 . TYR A 1 82  ? 1.574   -1.952  -11.976 1.00 30.61  ? 175 TYR A CD1 1 
ATOM   628  C CD2 . TYR A 1 82  ? 2.327   -0.141  -10.578 1.00 32.11  ? 175 TYR A CD2 1 
ATOM   629  C CE1 . TYR A 1 82  ? 1.409   -1.063  -13.041 1.00 34.29  ? 175 TYR A CE1 1 
ATOM   630  C CE2 . TYR A 1 82  ? 2.172   0.737   -11.643 1.00 35.99  ? 175 TYR A CE2 1 
ATOM   631  C CZ  . TYR A 1 82  ? 1.722   0.259   -12.881 1.00 33.20  ? 175 TYR A CZ  1 
ATOM   632  O OH  . TYR A 1 82  ? 1.511   1.172   -13.882 1.00 43.05  ? 175 TYR A OH  1 
ATOM   633  N N   . ILE A 1 83  ? 0.199   -4.886  -8.159  1.00 26.96  ? 176 ILE A N   1 
ATOM   634  C CA  . ILE A 1 83  ? 0.117   -6.095  -7.396  1.00 25.79  ? 176 ILE A CA  1 
ATOM   635  C C   . ILE A 1 83  ? 1.275   -7.038  -7.669  1.00 26.05  ? 176 ILE A C   1 
ATOM   636  O O   . ILE A 1 83  ? 1.520   -7.440  -8.785  1.00 31.39  ? 176 ILE A O   1 
ATOM   637  C CB  . ILE A 1 83  ? -1.275  -6.749  -7.540  1.00 29.21  ? 176 ILE A CB  1 
ATOM   638  C CG1 . ILE A 1 83  ? -2.308  -5.753  -7.003  1.00 35.97  ? 176 ILE A CG1 1 
ATOM   639  C CG2 . ILE A 1 83  ? -1.382  -7.950  -6.664  1.00 28.54  ? 176 ILE A CG2 1 
ATOM   640  C CD1 . ILE A 1 83  ? -3.595  -5.911  -7.716  1.00 44.31  ? 176 ILE A CD1 1 
ATOM   641  N N   . ILE A 1 84  ? 2.007   -7.346  -6.604  1.00 26.69  ? 177 ILE A N   1 
ATOM   642  C CA  . ILE A 1 84  ? 3.239   -8.107  -6.620  1.00 28.58  ? 177 ILE A CA  1 
ATOM   643  C C   . ILE A 1 84  ? 3.135   -9.307  -5.670  1.00 25.62  ? 177 ILE A C   1 
ATOM   644  O O   . ILE A 1 84  ? 3.580   -9.244  -4.533  1.00 27.66  ? 177 ILE A O   1 
ATOM   645  C CB  . ILE A 1 84  ? 4.418   -7.247  -6.212  1.00 29.77  ? 177 ILE A CB  1 
ATOM   646  C CG1 . ILE A 1 84  ? 4.435   -5.900  -6.997  1.00 33.89  ? 177 ILE A CG1 1 
ATOM   647  C CG2 . ILE A 1 84  ? 5.701   -8.040  -6.371  1.00 33.28  ? 177 ILE A CG2 1 
ATOM   648  C CD1 . ILE A 1 84  ? 4.887   -6.034  -8.414  1.00 37.05  ? 177 ILE A CD1 1 
ATOM   649  N N   . PRO A 1 85  ? 2.590   -10.443 -6.151  1.00 28.85  ? 178 PRO A N   1 
ATOM   650  C CA  . PRO A 1 85  ? 2.524   -11.608 -5.220  1.00 29.00  ? 178 PRO A CA  1 
ATOM   651  C C   . PRO A 1 85  ? 3.788   -12.460 -5.090  1.00 29.81  ? 178 PRO A C   1 
ATOM   652  O O   . PRO A 1 85  ? 4.732   -12.350 -5.877  1.00 31.60  ? 178 PRO A O   1 
ATOM   653  C CB  . PRO A 1 85  ? 1.413   -12.480 -5.793  1.00 30.46  ? 178 PRO A CB  1 
ATOM   654  C CG  . PRO A 1 85  ? 0.879   -11.769 -6.989  1.00 28.54  ? 178 PRO A CG  1 
ATOM   655  C CD  . PRO A 1 85  ? 1.834   -10.658 -7.385  1.00 29.43  ? 178 PRO A CD  1 
ATOM   656  N N   . GLY A 1 86  ? 3.767   -13.328 -4.107  1.00 30.44  ? 179 GLY A N   1 
ATOM   657  C CA  . GLY A 1 86  ? 4.791   -14.377 -3.943  1.00 31.87  ? 179 GLY A CA  1 
ATOM   658  C C   . GLY A 1 86  ? 6.150   -13.981 -3.434  1.00 36.76  ? 179 GLY A C   1 
ATOM   659  O O   . GLY A 1 86  ? 7.108   -14.625 -3.756  1.00 36.63  ? 179 GLY A O   1 
ATOM   660  N N   . ILE A 1 87  ? 6.268   -12.912 -2.662  1.00 34.03  ? 180 ILE A N   1 
ATOM   661  C CA  . ILE A 1 87  ? 7.535   -12.444 -2.200  1.00 35.21  ? 180 ILE A CA  1 
ATOM   662  C C   . ILE A 1 87  ? 7.767   -13.085 -0.820  1.00 36.36  ? 180 ILE A C   1 
ATOM   663  O O   . ILE A 1 87  ? 6.980   -12.926 0.050   1.00 36.11  ? 180 ILE A O   1 
ATOM   664  C CB  . ILE A 1 87  ? 7.585   -10.892 -2.121  1.00 31.96  ? 180 ILE A CB  1 
ATOM   665  C CG1 . ILE A 1 87  ? 7.419   -10.221 -3.485  1.00 35.21  ? 180 ILE A CG1 1 
ATOM   666  C CG2 . ILE A 1 87  ? 8.829   -10.412 -1.415  1.00 35.88  ? 180 ILE A CG2 1 
ATOM   667  C CD1 . ILE A 1 87  ? 8.244   -10.772 -4.661  1.00 36.46  ? 180 ILE A CD1 1 
ATOM   668  N N   . PRO A 1 88  ? 8.865   -13.830 -0.623  1.00 40.61  ? 181 PRO A N   1 
ATOM   669  C CA  . PRO A 1 88  ? 8.992   -14.568 0.695   1.00 41.80  ? 181 PRO A CA  1 
ATOM   670  C C   . PRO A 1 88  ? 8.974   -13.685 1.982   1.00 39.75  ? 181 PRO A C   1 
ATOM   671  O O   . PRO A 1 88  ? 9.543   -12.532 2.042   1.00 38.19  ? 181 PRO A O   1 
ATOM   672  C CB  . PRO A 1 88  ? 10.347  -15.326 0.555   1.00 43.71  ? 181 PRO A CB  1 
ATOM   673  C CG  . PRO A 1 88  ? 10.633  -15.351 -0.941  1.00 47.28  ? 181 PRO A CG  1 
ATOM   674  C CD  . PRO A 1 88  ? 10.014  -14.082 -1.517  1.00 44.22  ? 181 PRO A CD  1 
ATOM   675  N N   . LYS A 1 89  ? 8.311   -14.220 3.006   1.00 40.37  ? 182 LYS A N   1 
ATOM   676  C CA  . LYS A 1 89  ? 8.167   -13.547 4.284   1.00 43.24  ? 182 LYS A CA  1 
ATOM   677  C C   . LYS A 1 89  ? 9.476   -13.324 4.978   1.00 44.38  ? 182 LYS A C   1 
ATOM   678  O O   . LYS A 1 89  ? 9.567   -12.416 5.792   1.00 50.18  ? 182 LYS A O   1 
ATOM   679  C CB  . LYS A 1 89  ? 7.193   -14.287 5.242   1.00 51.17  ? 182 LYS A CB  1 
ATOM   680  C CG  . LYS A 1 89  ? 5.878   -13.541 5.436   1.00 57.44  ? 182 LYS A CG  1 
ATOM   681  C CD  . LYS A 1 89  ? 4.983   -14.062 6.548   1.00 59.96  ? 182 LYS A CD  1 
ATOM   682  C CE  . LYS A 1 89  ? 4.730   -15.570 6.508   1.00 67.14  ? 182 LYS A CE  1 
ATOM   683  N NZ  . LYS A 1 89  ? 4.141   -16.113 5.229   1.00 70.52  ? 182 LYS A NZ  1 
ATOM   684  N N   . ASP A 1 90  ? 10.506  -14.118 4.668   1.00 49.25  ? 183 ASP A N   1 
ATOM   685  C CA  . ASP A 1 90  ? 11.838  -13.859 5.245   1.00 48.83  ? 183 ASP A CA  1 
ATOM   686  C C   . ASP A 1 90  ? 12.734  -12.911 4.478   1.00 51.65  ? 183 ASP A C   1 
ATOM   687  O O   . ASP A 1 90  ? 13.910  -12.770 4.817   1.00 52.86  ? 183 ASP A O   1 
ATOM   688  C CB  . ASP A 1 90  ? 12.559  -15.160 5.618   1.00 53.02  ? 183 ASP A CB  1 
ATOM   689  C CG  . ASP A 1 90  ? 13.057  -15.927 4.431   1.00 62.33  ? 183 ASP A CG  1 
ATOM   690  O OD1 . ASP A 1 90  ? 12.555  -15.748 3.311   1.00 62.48  ? 183 ASP A OD1 1 
ATOM   691  O OD2 . ASP A 1 90  ? 13.948  -16.763 4.621   1.00 73.82  ? 183 ASP A OD2 1 
ATOM   692  N N   . THR A 1 91  ? 12.186  -12.214 3.483   1.00 43.27  ? 184 THR A N   1 
ATOM   693  C CA  . THR A 1 91  ? 12.899  -11.075 2.850   1.00 40.48  ? 184 THR A CA  1 
ATOM   694  C C   . THR A 1 91  ? 13.225  -9.962  3.848   1.00 44.10  ? 184 THR A C   1 
ATOM   695  O O   . THR A 1 91  ? 12.383  -9.581  4.681   1.00 49.57  ? 184 THR A O   1 
ATOM   696  C CB  . THR A 1 91  ? 12.079  -10.493 1.674   1.00 41.66  ? 184 THR A CB  1 
ATOM   697  O OG1 . THR A 1 91  ? 11.699  -11.556 0.763   1.00 38.46  ? 184 THR A OG1 1 
ATOM   698  C CG2 . THR A 1 91  ? 12.857  -9.409  0.905   1.00 39.07  ? 184 THR A CG2 1 
ATOM   699  N N   . LYS A 1 92  ? 14.430  -9.418  3.727   1.00 50.12  ? 185 LYS A N   1 
ATOM   700  C CA  . LYS A 1 92  ? 14.904  -8.319  4.553   1.00 51.00  ? 185 LYS A CA  1 
ATOM   701  C C   . LYS A 1 92  ? 14.782  -6.996  3.811   1.00 46.65  ? 185 LYS A C   1 
ATOM   702  O O   . LYS A 1 92  ? 15.238  -6.854  2.694   1.00 44.01  ? 185 LYS A O   1 
ATOM   703  C CB  . LYS A 1 92  ? 16.368  -8.594  5.022   1.00 57.31  ? 185 LYS A CB  1 
ATOM   704  C CG  . LYS A 1 92  ? 16.522  -9.711  6.099   1.00 55.19  ? 185 LYS A CG  1 
ATOM   705  C CD  . LYS A 1 92  ? 15.275  -10.022 6.976   1.00 58.45  ? 185 LYS A CD  1 
ATOM   706  N N   . PHE A 1 93  ? 14.134  -6.032  4.454   1.00 43.30  ? 186 PHE A N   1 
ATOM   707  C CA  . PHE A 1 93  ? 13.724  -4.810  3.845   1.00 43.69  ? 186 PHE A CA  1 
ATOM   708  C C   . PHE A 1 93  ? 14.513  -3.702  4.561   1.00 46.26  ? 186 PHE A C   1 
ATOM   709  O O   . PHE A 1 93  ? 14.459  -3.626  5.764   1.00 54.00  ? 186 PHE A O   1 
ATOM   710  C CB  . PHE A 1 93  ? 12.192  -4.648  4.057   1.00 41.56  ? 186 PHE A CB  1 
ATOM   711  C CG  . PHE A 1 93  ? 11.356  -5.633  3.269   1.00 40.14  ? 186 PHE A CG  1 
ATOM   712  C CD1 . PHE A 1 93  ? 11.269  -5.515  1.877   1.00 39.17  ? 186 PHE A CD1 1 
ATOM   713  C CD2 . PHE A 1 93  ? 10.696  -6.673  3.891   1.00 34.18  ? 186 PHE A CD2 1 
ATOM   714  C CE1 . PHE A 1 93  ? 10.536  -6.420  1.136   1.00 36.85  ? 186 PHE A CE1 1 
ATOM   715  C CE2 . PHE A 1 93  ? 9.971   -7.583  3.180   1.00 33.96  ? 186 PHE A CE2 1 
ATOM   716  C CZ  . PHE A 1 93  ? 9.855   -7.461  1.795   1.00 33.74  ? 186 PHE A CZ  1 
ATOM   717  N N   . ASN A 1 94  ? 15.228  -2.861  3.834   1.00 56.76  ? 187 ASN A N   1 
ATOM   718  C CA  . ASN A 1 94  ? 16.050  -1.767  4.409   1.00 62.66  ? 187 ASN A CA  1 
ATOM   719  C C   . ASN A 1 94  ? 16.060  -0.479  3.537   1.00 51.46  ? 187 ASN A C   1 
ATOM   720  O O   . ASN A 1 94  ? 16.786  -0.398  2.545   1.00 67.88  ? 187 ASN A O   1 
ATOM   721  C CB  . ASN A 1 94  ? 17.473  -2.304  4.681   1.00 67.43  ? 187 ASN A CB  1 
ATOM   722  C CG  . ASN A 1 94  ? 17.571  -2.985  6.055   1.00 83.58  ? 187 ASN A CG  1 
ATOM   723  O OD1 . ASN A 1 94  ? 17.581  -4.227  6.188   1.00 75.79  ? 187 ASN A OD1 1 
ATOM   724  N ND2 . ASN A 1 94  ? 17.570  -2.160  7.096   1.00 90.95  ? 187 ASN A ND2 1 
ATOM   725  N N   . PRO A 1 95  ? 15.257  0.522   3.896   1.00 55.20  ? 188 PRO A N   1 
ATOM   726  C CA  . PRO A 1 95  ? 15.311  1.750   3.116   1.00 59.97  ? 188 PRO A CA  1 
ATOM   727  C C   . PRO A 1 95  ? 16.601  2.495   3.099   1.00 65.18  ? 188 PRO A C   1 
ATOM   728  O O   . PRO A 1 95  ? 17.496  2.286   3.938   1.00 70.13  ? 188 PRO A O   1 
ATOM   729  C CB  . PRO A 1 95  ? 14.249  2.648   3.784   1.00 56.50  ? 188 PRO A CB  1 
ATOM   730  C CG  . PRO A 1 95  ? 13.776  1.925   4.972   1.00 58.60  ? 188 PRO A CG  1 
ATOM   731  C CD  . PRO A 1 95  ? 13.955  0.483   4.549   1.00 65.04  ? 188 PRO A CD  1 
ATOM   732  N N   . LYS A 1 96  ? 16.611  3.410   2.147   1.00 71.28  ? 189 LYS A N   1 
ATOM   733  C CA  . LYS A 1 96  ? 17.572  4.467   2.074   1.00 85.66  ? 189 LYS A CA  1 
ATOM   734  C C   . LYS A 1 96  ? 17.132  5.502   3.162   1.00 89.13  ? 189 LYS A C   1 
ATOM   735  O O   . LYS A 1 96  ? 17.841  5.739   4.140   1.00 86.58  ? 189 LYS A O   1 
ATOM   736  C CB  . LYS A 1 96  ? 17.599  5.107   0.651   1.00 94.98  ? 189 LYS A CB  1 
ATOM   737  C CG  . LYS A 1 96  ? 17.203  4.248   -0.574  1.00 98.28  ? 189 LYS A CG  1 
ATOM   738  C CD  . LYS A 1 96  ? 18.047  2.992   -0.743  1.00 99.06  ? 189 LYS A CD  1 
ATOM   739  C CE  . LYS A 1 96  ? 17.295  1.692   -0.449  1.00 99.53  ? 189 LYS A CE  1 
ATOM   740  N NZ  . LYS A 1 96  ? 18.220  0.540   -0.172  1.00 95.91  ? 189 LYS A NZ  1 
ATOM   741  N N   . THR A 1 97  ? 15.914  6.008   2.980   0.74 90.56  ? 190 THR A N   1 
ATOM   742  C CA  . THR A 1 97  ? 15.362  7.130   3.736   0.74 87.84  ? 190 THR A CA  1 
ATOM   743  C C   . THR A 1 97  ? 14.783  6.746   5.113   0.74 83.92  ? 190 THR A C   1 
ATOM   744  O O   . THR A 1 97  ? 13.550  6.604   5.260   0.74 68.64  ? 190 THR A O   1 
ATOM   745  C CB  . THR A 1 97  ? 14.243  7.820   2.902   0.74 89.91  ? 190 THR A CB  1 
ATOM   746  O OG1 . THR A 1 97  ? 13.204  6.873   2.584   0.74 79.53  ? 190 THR A OG1 1 
ATOM   747  C CG2 . THR A 1 97  ? 14.806  8.402   1.600   0.74 88.09  ? 190 THR A CG2 1 
ATOM   748  N N   . ARG A 1 98  ? 15.647  6.611   6.127   0.74 76.22  ? 191 ARG A N   1 
ATOM   749  C CA  . ARG A 1 98  ? 15.146  6.395   7.501   0.74 71.35  ? 191 ARG A CA  1 
ATOM   750  C C   . ARG A 1 98  ? 14.615  7.670   8.185   0.74 63.94  ? 191 ARG A C   1 
ATOM   751  O O   . ARG A 1 98  ? 14.010  7.579   9.269   0.74 56.49  ? 191 ARG A O   1 
ATOM   752  C CB  . ARG A 1 98  ? 16.139  5.628   8.402   0.74 75.21  ? 191 ARG A CB  1 
ATOM   753  C CG  . ARG A 1 98  ? 15.618  4.251   8.861   0.74 79.41  ? 191 ARG A CG  1 
ATOM   754  C CD  . ARG A 1 98  ? 15.573  4.089   10.388  0.74 78.92  ? 191 ARG A CD  1 
ATOM   755  N NE  . ARG A 1 98  ? 14.470  3.238   10.879  0.74 75.88  ? 191 ARG A NE  1 
ATOM   756  C CZ  . ARG A 1 98  ? 14.323  2.846   12.151  0.74 76.61  ? 191 ARG A CZ  1 
ATOM   757  N NH1 . ARG A 1 98  ? 15.198  3.225   13.083  0.74 77.62  ? 191 ARG A NH1 1 
ATOM   758  N NH2 . ARG A 1 98  ? 13.302  2.064   12.510  0.74 66.50  ? 191 ARG A NH2 1 
ATOM   759  N N   . ARG A 1 99  ? 14.787  8.833   7.545   1.00 56.58  ? 192 ARG A N   1 
ATOM   760  C CA  . ARG A 1 99  ? 14.086  10.059  7.947   1.00 49.33  ? 192 ARG A CA  1 
ATOM   761  C C   . ARG A 1 99  ? 12.601  10.026  7.646   1.00 48.80  ? 192 ARG A C   1 
ATOM   762  O O   . ARG A 1 99  ? 11.858  10.844  8.205   1.00 43.12  ? 192 ARG A O   1 
ATOM   763  C CB  . ARG A 1 99  ? 14.737  11.281  7.261   1.00 53.24  ? 192 ARG A CB  1 
ATOM   764  C CG  . ARG A 1 99  ? 16.176  11.507  7.732   1.00 61.81  ? 192 ARG A CG  1 
ATOM   765  C CD  . ARG A 1 99  ? 16.836  12.741  7.092   1.00 70.81  ? 192 ARG A CD  1 
ATOM   766  N NE  . ARG A 1 99  ? 17.566  13.580  8.051   1.00 68.17  ? 192 ARG A NE  1 
ATOM   767  C CZ  . ARG A 1 99  ? 18.735  13.284  8.612   1.00 70.19  ? 192 ARG A CZ  1 
ATOM   768  N NH1 . ARG A 1 99  ? 19.365  12.153  8.340   1.00 78.46  ? 192 ARG A NH1 1 
ATOM   769  N NH2 . ARG A 1 99  ? 19.292  14.138  9.464   1.00 73.08  ? 192 ARG A NH2 1 
ATOM   770  N N   . GLU A 1 100 ? 12.148  9.092   6.765   1.00 44.72  ? 193 GLU A N   1 
ATOM   771  C CA  . GLU A 1 100 ? 10.757  9.020   6.356   1.00 43.65  ? 193 GLU A CA  1 
ATOM   772  C C   . GLU A 1 100 ? 9.969   7.797   6.856   1.00 35.16  ? 193 GLU A C   1 
ATOM   773  O O   . GLU A 1 100 ? 8.737   7.885   6.930   1.00 42.65  ? 193 GLU A O   1 
ATOM   774  C CB  . GLU A 1 100 ? 10.682  9.123   4.809   1.00 54.98  ? 193 GLU A CB  1 
ATOM   775  C CG  . GLU A 1 100 ? 11.520  10.317  4.309   1.00 66.99  ? 193 GLU A CG  1 
ATOM   776  C CD  . GLU A 1 100 ? 11.350  10.693  2.828   1.00 74.01  ? 193 GLU A CD  1 
ATOM   777  O OE1 . GLU A 1 100 ? 10.236  10.508  2.278   1.00 72.41  ? 193 GLU A OE1 1 
ATOM   778  O OE2 . GLU A 1 100 ? 12.338  11.223  2.229   1.00 81.78  ? 193 GLU A OE2 1 
ATOM   779  N N   . ILE A 1 101 ? 10.659  6.699   7.139   1.00 32.38  ? 194 ILE A N   1 
ATOM   780  C CA  . ILE A 1 101 ? 10.016  5.405   7.400   1.00 34.35  ? 194 ILE A CA  1 
ATOM   781  C C   . ILE A 1 101 ? 10.461  4.911   8.768   1.00 36.59  ? 194 ILE A C   1 
ATOM   782  O O   . ILE A 1 101 ? 11.648  4.609   8.982   1.00 33.75  ? 194 ILE A O   1 
ATOM   783  C CB  . ILE A 1 101 ? 10.320  4.288   6.315   1.00 34.85  ? 194 ILE A CB  1 
ATOM   784  C CG1 . ILE A 1 101 ? 9.824   4.687   4.891   1.00 32.24  ? 194 ILE A CG1 1 
ATOM   785  C CG2 . ILE A 1 101 ? 9.735   2.910   6.707   1.00 35.60  ? 194 ILE A CG2 1 
ATOM   786  C CD1 . ILE A 1 101 ? 8.330   5.077   4.779   1.00 32.70  ? 194 ILE A CD1 1 
ATOM   787  N N   . ARG A 1 102 ? 9.491   4.810   9.664   1.00 35.76  ? 195 ARG A N   1 
ATOM   788  C CA  . ARG A 1 102 ? 9.717   4.306   11.063  1.00 36.93  ? 195 ARG A CA  1 
ATOM   789  C C   . ARG A 1 102 ? 9.912   2.794   11.094  1.00 38.76  ? 195 ARG A C   1 
ATOM   790  O O   . ARG A 1 102 ? 10.801  2.254   11.786  1.00 38.78  ? 195 ARG A O   1 
ATOM   791  C CB  . ARG A 1 102 ? 8.568   4.755   11.988  1.00 33.14  ? 195 ARG A CB  1 
ATOM   792  C CG  . ARG A 1 102 ? 8.912   4.654   13.499  1.00 34.64  ? 195 ARG A CG  1 
ATOM   793  C CD  . ARG A 1 102 ? 7.691   4.635   14.364  1.00 29.14  ? 195 ARG A CD  1 
ATOM   794  N NE  . ARG A 1 102 ? 7.141   5.961   14.471  1.00 35.08  ? 195 ARG A NE  1 
ATOM   795  C CZ  . ARG A 1 102 ? 7.616   6.933   15.265  1.00 31.72  ? 195 ARG A CZ  1 
ATOM   796  N NH1 . ARG A 1 102 ? 8.664   6.704   16.045  1.00 33.36  ? 195 ARG A NH1 1 
ATOM   797  N NH2 . ARG A 1 102 ? 7.032   8.113   15.287  1.00 36.09  ? 195 ARG A NH2 1 
ATOM   798  N N   . ASN A 1 103 ? 9.084   2.084   10.339  1.00 31.92  ? 196 ASN A N   1 
ATOM   799  C CA  . ASN A 1 103 ? 9.029   0.637   10.455  1.00 33.07  ? 196 ASN A CA  1 
ATOM   800  C C   . ASN A 1 103 ? 8.326   0.026   9.188   1.00 31.35  ? 196 ASN A C   1 
ATOM   801  O O   . ASN A 1 103 ? 7.597   0.765   8.475   1.00 28.95  ? 196 ASN A O   1 
ATOM   802  C CB  . ASN A 1 103 ? 8.219   0.253   11.752  1.00 30.83  ? 196 ASN A CB  1 
ATOM   803  C CG  . ASN A 1 103 ? 8.540   -1.135  12.262  1.00 34.42  ? 196 ASN A CG  1 
ATOM   804  O OD1 . ASN A 1 103 ? 9.380   -1.830  11.716  1.00 33.33  ? 196 ASN A OD1 1 
ATOM   805  N ND2 . ASN A 1 103 ? 7.873   -1.549  13.313  1.00 36.88  ? 196 ASN A ND2 1 
ATOM   806  N N   . ILE A 1 104 ? 8.567   -1.275  8.946   1.00 29.45  ? 197 ILE A N   1 
ATOM   807  C CA  . ILE A 1 104 ? 8.080   -2.077  7.816   1.00 30.77  ? 197 ILE A CA  1 
ATOM   808  C C   . ILE A 1 104 ? 7.604   -3.433  8.411   1.00 32.82  ? 197 ILE A C   1 
ATOM   809  O O   . ILE A 1 104 ? 8.363   -4.072  9.139   1.00 35.60  ? 197 ILE A O   1 
ATOM   810  C CB  . ILE A 1 104 ? 9.223   -2.356  6.781   1.00 31.50  ? 197 ILE A CB  1 
ATOM   811  C CG1 . ILE A 1 104 ? 9.698   -1.056  6.196   1.00 29.60  ? 197 ILE A CG1 1 
ATOM   812  C CG2 . ILE A 1 104 ? 8.680   -3.166  5.595   1.00 29.91  ? 197 ILE A CG2 1 
ATOM   813  C CD1 . ILE A 1 104 ? 10.956  -1.135  5.346   1.00 35.32  ? 197 ILE A CD1 1 
ATOM   814  N N   . GLU A 1 105 ? 6.391   -3.870  8.090   0.74 31.50  ? 198 GLU A N   1 
ATOM   815  C CA  . GLU A 1 105 ? 5.881   -5.126  8.660   0.74 33.15  ? 198 GLU A CA  1 
ATOM   816  C C   . GLU A 1 105 ? 4.847   -5.775  7.770   0.74 32.56  ? 198 GLU A C   1 
ATOM   817  O O   . GLU A 1 105 ? 4.152   -5.083  7.013   0.74 29.58  ? 198 GLU A O   1 
ATOM   818  C CB  . GLU A 1 105 ? 5.308   -4.881  10.070  0.74 36.57  ? 198 GLU A CB  1 
ATOM   819  C CG  . GLU A 1 105 ? 5.044   -6.111  10.929  0.74 41.72  ? 198 GLU A CG  1 
ATOM   820  C CD  . GLU A 1 105 ? 6.293   -6.968  11.133  0.74 46.02  ? 198 GLU A CD  1 
ATOM   821  O OE1 . GLU A 1 105 ? 6.323   -8.107  10.603  0.74 51.23  ? 198 GLU A OE1 1 
ATOM   822  O OE2 . GLU A 1 105 ? 7.256   -6.484  11.780  0.74 50.60  ? 198 GLU A OE2 1 
ATOM   823  N N   . TRP A 1 106 ? 4.713   -7.096  7.926   1.00 31.19  ? 199 TRP A N   1 
ATOM   824  C CA  . TRP A 1 106 ? 3.665   -7.896  7.261   1.00 30.85  ? 199 TRP A CA  1 
ATOM   825  C C   . TRP A 1 106 ? 2.421   -7.897  8.149   1.00 32.13  ? 199 TRP A C   1 
ATOM   826  O O   . TRP A 1 106 ? 2.533   -8.039  9.380   1.00 32.90  ? 199 TRP A O   1 
ATOM   827  C CB  . TRP A 1 106 ? 4.099   -9.373  7.104   1.00 34.45  ? 199 TRP A CB  1 
ATOM   828  C CG  . TRP A 1 106 ? 5.215   -9.626  6.159   1.00 32.35  ? 199 TRP A CG  1 
ATOM   829  C CD1 . TRP A 1 106 ? 6.574   -9.855  6.501   1.00 36.33  ? 199 TRP A CD1 1 
ATOM   830  C CD2 . TRP A 1 106 ? 5.161   -9.692  4.707   1.00 33.52  ? 199 TRP A CD2 1 
ATOM   831  N NE1 . TRP A 1 106 ? 7.322   -10.003 5.340   1.00 37.39  ? 199 TRP A NE1 1 
ATOM   832  C CE2 . TRP A 1 106 ? 6.499   -9.902  4.239   1.00 32.51  ? 199 TRP A CE2 1 
ATOM   833  C CE3 . TRP A 1 106 ? 4.148   -9.483  3.754   1.00 33.82  ? 199 TRP A CE3 1 
ATOM   834  C CZ2 . TRP A 1 106 ? 6.816   -10.001 2.862   1.00 34.17  ? 199 TRP A CZ2 1 
ATOM   835  C CZ3 . TRP A 1 106 ? 4.460   -9.581  2.385   1.00 33.82  ? 199 TRP A CZ3 1 
ATOM   836  C CH2 . TRP A 1 106 ? 5.785   -9.863  1.949   1.00 35.63  ? 199 TRP A CH2 1 
ATOM   837  N N   . PHE A 1 107 ? 1.245   -7.767  7.540   1.00 32.14  ? 200 PHE A N   1 
ATOM   838  C CA  . PHE A 1 107 ? -0.016  -7.768  8.230   1.00 30.59  ? 200 PHE A CA  1 
ATOM   839  C C   . PHE A 1 107 ? -0.950  -8.710  7.536   1.00 33.05  ? 200 PHE A C   1 
ATOM   840  O O   . PHE A 1 107 ? -0.980  -8.802  6.270   1.00 31.16  ? 200 PHE A O   1 
ATOM   841  C CB  . PHE A 1 107 ? -0.678  -6.342  8.277   1.00 30.70  ? 200 PHE A CB  1 
ATOM   842  C CG  . PHE A 1 107 ? 0.057   -5.339  9.170   1.00 28.69  ? 200 PHE A CG  1 
ATOM   843  C CD1 . PHE A 1 107 ? 1.145   -4.591  8.668   1.00 29.12  ? 200 PHE A CD1 1 
ATOM   844  C CD2 . PHE A 1 107 ? -0.273  -5.202  10.540  1.00 30.51  ? 200 PHE A CD2 1 
ATOM   845  C CE1 . PHE A 1 107 ? 1.795   -3.661  9.499   1.00 29.03  ? 200 PHE A CE1 1 
ATOM   846  C CE2 . PHE A 1 107 ? 0.434   -4.328  11.394  1.00 28.59  ? 200 PHE A CE2 1 
ATOM   847  C CZ  . PHE A 1 107 ? 1.458   -3.519  10.848  1.00 26.78  ? 200 PHE A CZ  1 
ATOM   848  N N   . SER A 1 108 ? -1.758  -9.386  8.358   1.00 33.15  ? 201 SER A N   1 
ATOM   849  C CA  . SER A 1 108 ? -2.753  -10.327 7.883   1.00 33.81  ? 201 SER A CA  1 
ATOM   850  C C   . SER A 1 108 ? -3.887  -9.569  7.190   1.00 32.05  ? 201 SER A C   1 
ATOM   851  O O   . SER A 1 108 ? -4.565  -8.684  7.793   1.00 31.24  ? 201 SER A O   1 
ATOM   852  C CB  . SER A 1 108 ? -3.311  -11.234 9.058   1.00 33.67  ? 201 SER A CB  1 
ATOM   853  O OG  . SER A 1 108 ? -4.542  -11.838 8.635   1.00 37.97  ? 201 SER A OG  1 
ATOM   854  N N   . ILE A 1 109 ? -4.162  -9.954  5.925   1.00 31.95  ? 202 ILE A N   1 
ATOM   855  C CA  . ILE A 1 109 ? -5.246  -9.336  5.133   1.00 32.48  ? 202 ILE A CA  1 
ATOM   856  C C   . ILE A 1 109 ? -6.647  -9.524  5.753   1.00 38.67  ? 202 ILE A C   1 
ATOM   857  O O   . ILE A 1 109 ? -7.514  -8.629  5.667   1.00 34.94  ? 202 ILE A O   1 
ATOM   858  C CB  . ILE A 1 109 ? -5.252  -9.832  3.671   1.00 37.84  ? 202 ILE A CB  1 
ATOM   859  C CG1 . ILE A 1 109 ? -4.004  -9.340  2.931   1.00 41.33  ? 202 ILE A CG1 1 
ATOM   860  C CG2 . ILE A 1 109 ? -6.462  -9.249  2.929   1.00 41.68  ? 202 ILE A CG2 1 
ATOM   861  C CD1 . ILE A 1 109 ? -3.834  -9.951  1.536   1.00 43.96  ? 202 ILE A CD1 1 
ATOM   862  N N   . GLU A 1 110 ? -6.891  -10.692 6.331   1.00 35.34  ? 203 GLU A N   1 
ATOM   863  C CA  . GLU A 1 110 ? -8.222  -10.925 6.914   1.00 37.19  ? 203 GLU A CA  1 
ATOM   864  C C   . GLU A 1 110 ? -8.484  -10.156 8.216   1.00 31.78  ? 203 GLU A C   1 
ATOM   865  O O   . GLU A 1 110 ? -9.629  -9.841  8.560   1.00 36.17  ? 203 GLU A O   1 
ATOM   866  C CB  . GLU A 1 110 ? -8.487  -12.452 7.028   1.00 43.77  ? 203 GLU A CB  1 
ATOM   867  C CG  . GLU A 1 110 ? -7.722  -13.220 8.091   1.00 48.52  ? 203 GLU A CG  1 
ATOM   868  C CD  . GLU A 1 110 ? -8.332  -14.639 8.326   1.00 57.75  ? 203 GLU A CD  1 
ATOM   869  O OE1 . GLU A 1 110 ? -8.774  -15.304 7.366   1.00 55.52  ? 203 GLU A OE1 1 
ATOM   870  O OE2 . GLU A 1 110 ? -8.421  -15.069 9.488   1.00 66.08  ? 203 GLU A OE2 1 
ATOM   871  N N   . LYS A 1 111 ? -7.412  -9.774  8.884   1.00 31.82  ? 204 LYS A N   1 
ATOM   872  C CA  . LYS A 1 111 ? -7.467  -8.971  10.100  1.00 33.34  ? 204 LYS A CA  1 
ATOM   873  C C   . LYS A 1 111 ? -7.453  -7.473  9.909   1.00 35.58  ? 204 LYS A C   1 
ATOM   874  O O   . LYS A 1 111 ? -7.789  -6.768  10.847  1.00 34.78  ? 204 LYS A O   1 
ATOM   875  C CB  . LYS A 1 111 ? -6.294  -9.332  10.973  1.00 37.44  ? 204 LYS A CB  1 
ATOM   876  C CG  . LYS A 1 111 ? -6.552  -10.677 11.606  1.00 39.03  ? 204 LYS A CG  1 
ATOM   877  C CD  . LYS A 1 111 ? -5.431  -10.945 12.564  1.00 48.31  ? 204 LYS A CD  1 
ATOM   878  C CE  . LYS A 1 111 ? -5.777  -12.247 13.292  1.00 53.93  ? 204 LYS A CE  1 
ATOM   879  N NZ  . LYS A 1 111 ? -4.501  -12.657 13.853  1.00 64.60  ? 204 LYS A NZ  1 
ATOM   880  N N   . LEU A 1 112 ? -7.074  -6.988  8.719   1.00 35.58  ? 205 LEU A N   1 
ATOM   881  C CA  . LEU A 1 112 ? -7.060  -5.527  8.435   1.00 33.39  ? 205 LEU A CA  1 
ATOM   882  C C   . LEU A 1 112 ? -8.479  -5.047  8.252   1.00 32.38  ? 205 LEU A C   1 
ATOM   883  O O   . LEU A 1 112 ? -9.300  -5.772  7.687   1.00 39.57  ? 205 LEU A O   1 
ATOM   884  C CB  . LEU A 1 112 ? -6.225  -5.212  7.173   1.00 31.19  ? 205 LEU A CB  1 
ATOM   885  C CG  . LEU A 1 112 ? -4.716  -5.404  7.276   1.00 30.92  ? 205 LEU A CG  1 
ATOM   886  C CD1 . LEU A 1 112 ? -4.044  -5.326  5.894   1.00 33.06  ? 205 LEU A CD1 1 
ATOM   887  C CD2 . LEU A 1 112 ? -4.101  -4.405  8.252   1.00 33.03  ? 205 LEU A CD2 1 
ATOM   888  N N   . PRO A 1 113 ? -8.818  -3.819  8.748   1.00 38.37  ? 206 PRO A N   1 
ATOM   889  C CA  . PRO A 1 113 ? -10.173 -3.245  8.526   1.00 41.19  ? 206 PRO A CA  1 
ATOM   890  C C   . PRO A 1 113 ? -10.370 -2.804  7.080   1.00 42.27  ? 206 PRO A C   1 
ATOM   891  O O   . PRO A 1 113 ? -9.386  -2.421  6.420   1.00 36.03  ? 206 PRO A O   1 
ATOM   892  C CB  . PRO A 1 113 ? -10.217 -2.024  9.479   1.00 40.43  ? 206 PRO A CB  1 
ATOM   893  C CG  . PRO A 1 113 ? -8.798  -1.699  9.749   1.00 44.57  ? 206 PRO A CG  1 
ATOM   894  C CD  . PRO A 1 113 ? -7.925  -2.889  9.453   1.00 42.05  ? 206 PRO A CD  1 
ATOM   895  N N   . CYS A 1 114 ? -11.596 -2.876  6.587   1.00 39.05  ? 207 CYS A N   1 
ATOM   896  C CA  . CYS A 1 114 ? -11.963 -2.284  5.300   1.00 49.54  ? 207 CYS A CA  1 
ATOM   897  C C   . CYS A 1 114 ? -12.818 -0.983  5.455   1.00 48.16  ? 207 CYS A C   1 
ATOM   898  O O   . CYS A 1 114 ? -13.271 -0.465  4.486   1.00 47.37  ? 207 CYS A O   1 
ATOM   899  C CB  . CYS A 1 114 ? -12.669 -3.289  4.398   1.00 51.94  ? 207 CYS A CB  1 
ATOM   900  S SG  . CYS A 1 114 ? -14.247 -3.893  5.045   1.00 67.50  ? 207 CYS A SG  1 
ATOM   901  N N   . HIS A 1 115 ? -12.953 -0.451  6.670   1.00 47.43  ? 208 HIS A N   1 
ATOM   902  C CA  . HIS A 1 115 ? -13.629 0.847   6.923   1.00 49.62  ? 208 HIS A CA  1 
ATOM   903  C C   . HIS A 1 115 ? -13.229 1.198   8.342   1.00 54.63  ? 208 HIS A C   1 
ATOM   904  O O   . HIS A 1 115 ? -12.854 0.301   9.106   1.00 50.26  ? 208 HIS A O   1 
ATOM   905  C CB  . HIS A 1 115 ? -15.162 0.659   6.817   1.00 55.46  ? 208 HIS A CB  1 
ATOM   906  C CG  . HIS A 1 115 ? -15.704 -0.317  7.817   1.00 55.63  ? 208 HIS A CG  1 
ATOM   907  N ND1 . HIS A 1 115 ? -15.951 0.022   9.128   1.00 63.68  ? 208 HIS A ND1 1 
ATOM   908  C CD2 . HIS A 1 115 ? -15.959 -1.645  7.722   1.00 63.71  ? 208 HIS A CD2 1 
ATOM   909  C CE1 . HIS A 1 115 ? -16.355 -1.045  9.795   1.00 55.81  ? 208 HIS A CE1 1 
ATOM   910  N NE2 . HIS A 1 115 ? -16.363 -2.069  8.965   1.00 61.67  ? 208 HIS A NE2 1 
ATOM   911  N N   . ARG A 1 116 ? -13.269 2.477   8.713   0.50 56.03  ? 209 ARG A N   1 
ATOM   912  C CA  . ARG A 1 116 ? -13.096 2.856   10.123  0.50 58.55  ? 209 ARG A CA  1 
ATOM   913  C C   . ARG A 1 116 ? -14.440 2.814   10.833  0.50 57.70  ? 209 ARG A C   1 
ATOM   914  O O   . ARG A 1 116 ? -15.489 2.899   10.201  0.50 57.01  ? 209 ARG A O   1 
ATOM   915  C CB  . ARG A 1 116 ? -12.456 4.230   10.246  0.50 61.63  ? 209 ARG A CB  1 
ATOM   916  C CG  . ARG A 1 116 ? -11.024 4.233   9.759   0.50 64.80  ? 209 ARG A CG  1 
ATOM   917  C CD  . ARG A 1 116 ? -10.625 5.596   9.254   0.50 68.27  ? 209 ARG A CD  1 
ATOM   918  N NE  . ARG A 1 116 ? -10.477 6.555   10.334  0.50 72.07  ? 209 ARG A NE  1 
ATOM   919  C CZ  . ARG A 1 116 ? -10.486 7.870   10.153  0.50 77.82  ? 209 ARG A CZ  1 
ATOM   920  N NH1 . ARG A 1 116 ? -10.654 8.365   8.932   0.50 81.75  ? 209 ARG A NH1 1 
ATOM   921  N NH2 . ARG A 1 116 ? -10.333 8.687   11.188  0.50 76.64  ? 209 ARG A NH2 1 
ATOM   922  N N   . ASN A 1 117 ? -14.391 2.659   12.149  1.00 61.21  ? 210 ASN A N   1 
ATOM   923  C CA  . ASN A 1 117 ? -15.588 2.559   12.990  1.00 62.47  ? 210 ASN A CA  1 
ATOM   924  C C   . ASN A 1 117 ? -16.129 3.930   13.283  1.00 58.38  ? 210 ASN A C   1 
ATOM   925  O O   . ASN A 1 117 ? -15.342 4.879   13.474  1.00 49.70  ? 210 ASN A O   1 
ATOM   926  C CB  . ASN A 1 117 ? -15.232 1.870   14.306  1.00 66.53  ? 210 ASN A CB  1 
ATOM   927  C CG  . ASN A 1 117 ? -14.685 0.487   14.085  1.00 66.22  ? 210 ASN A CG  1 
ATOM   928  O OD1 . ASN A 1 117 ? -15.158 -0.227  13.203  1.00 63.11  ? 210 ASN A OD1 1 
ATOM   929  N ND2 . ASN A 1 117 ? -13.694 0.103   14.872  1.00 71.04  ? 210 ASN A ND2 1 
ATOM   930  N N   . ASP A 1 118 ? -17.470 4.019   13.336  1.00 66.59  ? 211 ASP A N   1 
ATOM   931  C CA  . ASP A 1 118 ? -18.177 5.261   13.721  1.00 67.58  ? 211 ASP A CA  1 
ATOM   932  C C   . ASP A 1 118 ? -18.009 5.488   15.248  1.00 64.96  ? 211 ASP A C   1 
ATOM   933  O O   . ASP A 1 118 ? -17.222 4.779   15.893  1.00 56.20  ? 211 ASP A O   1 
ATOM   934  C CB  . ASP A 1 118 ? -19.664 5.275   13.234  1.00 62.52  ? 211 ASP A CB  1 
ATOM   935  C CG  . ASP A 1 118 ? -20.522 4.132   13.795  1.00 69.16  ? 211 ASP A CG  1 
ATOM   936  O OD1 . ASP A 1 118 ? -20.385 3.748   14.980  1.00 59.71  ? 211 ASP A OD1 1 
ATOM   937  O OD2 . ASP A 1 118 ? -21.395 3.639   13.042  1.00 81.05  ? 211 ASP A OD2 1 
ATOM   938  N N   . MET A 1 119 ? -18.697 6.500   15.796  1.00 66.49  ? 212 MET A N   1 
ATOM   939  C CA  . MET A 1 119 ? -18.752 6.753   17.254  1.00 65.23  ? 212 MET A CA  1 
ATOM   940  C C   . MET A 1 119 ? -20.215 6.848   17.704  1.00 69.19  ? 212 MET A C   1 
ATOM   941  O O   . MET A 1 119 ? -20.553 7.535   18.667  1.00 77.30  ? 212 MET A O   1 
ATOM   942  C CB  . MET A 1 119 ? -17.942 8.004   17.599  1.00 60.23  ? 212 MET A CB  1 
ATOM   943  C CG  . MET A 1 119 ? -16.550 7.891   17.013  1.00 61.80  ? 212 MET A CG  1 
ATOM   944  S SD  . MET A 1 119 ? -15.285 9.025   17.546  1.00 64.54  ? 212 MET A SD  1 
ATOM   945  C CE  . MET A 1 119 ? -15.674 10.510  16.622  1.00 71.65  ? 212 MET A CE  1 
ATOM   946  N N   . THR A 1 120 ? -21.069 6.073   17.041  1.00 68.41  ? 213 THR A N   1 
ATOM   947  C CA  . THR A 1 120 ? -22.482 5.962   17.399  1.00 73.95  ? 213 THR A CA  1 
ATOM   948  C C   . THR A 1 120 ? -22.771 5.487   18.866  1.00 78.04  ? 213 THR A C   1 
ATOM   949  O O   . THR A 1 120 ? -23.900 5.707   19.326  1.00 82.82  ? 213 THR A O   1 
ATOM   950  C CB  . THR A 1 120 ? -23.275 5.081   16.375  1.00 74.85  ? 213 THR A CB  1 
ATOM   951  O OG1 . THR A 1 120 ? -22.696 3.774   16.308  1.00 90.56  ? 213 THR A OG1 1 
ATOM   952  C CG2 . THR A 1 120 ? -23.272 5.652   14.944  1.00 72.92  ? 213 THR A CG2 1 
ATOM   953  N N   . PRO A 1 121 ? -21.789 4.840   19.592  1.00 80.55  ? 214 PRO A N   1 
ATOM   954  C CA  . PRO A 1 121 ? -22.057 4.619   21.036  1.00 81.41  ? 214 PRO A CA  1 
ATOM   955  C C   . PRO A 1 121 ? -21.876 5.903   21.900  1.00 80.59  ? 214 PRO A C   1 
ATOM   956  O O   . PRO A 1 121 ? -22.492 6.038   22.968  1.00 71.40  ? 214 PRO A O   1 
ATOM   957  C CB  . PRO A 1 121 ? -21.055 3.505   21.418  1.00 80.02  ? 214 PRO A CB  1 
ATOM   958  C CG  . PRO A 1 121 ? -19.920 3.685   20.482  1.00 79.61  ? 214 PRO A CG  1 
ATOM   959  C CD  . PRO A 1 121 ? -20.570 4.088   19.184  1.00 85.23  ? 214 PRO A CD  1 
ATOM   960  N N   . LYS A 1 122 ? -21.065 6.843   21.412  1.00 76.68  ? 215 LYS A N   1 
ATOM   961  C CA  . LYS A 1 122 ? -20.925 8.163   22.013  1.00 69.64  ? 215 LYS A CA  1 
ATOM   962  C C   . LYS A 1 122 ? -21.933 9.236   21.452  1.00 69.56  ? 215 LYS A C   1 
ATOM   963  O O   . LYS A 1 122 ? -21.720 10.415  21.709  1.00 72.79  ? 215 LYS A O   1 
ATOM   964  C CB  . LYS A 1 122 ? -19.467 8.637   21.822  1.00 65.71  ? 215 LYS A CB  1 
ATOM   965  C CG  . LYS A 1 122 ? -18.832 9.245   23.050  1.00 70.25  ? 215 LYS A CG  1 
ATOM   966  N N   . SER A 1 123 ? -23.008 8.863   20.723  1.00 64.15  ? 216 SER A N   1 
ATOM   967  C CA  . SER A 1 123 ? -23.867 9.845   19.945  1.00 62.44  ? 216 SER A CA  1 
ATOM   968  C C   . SER A 1 123 ? -23.093 11.059  19.320  1.00 56.95  ? 216 SER A C   1 
ATOM   969  O O   . SER A 1 123 ? -23.529 12.199  19.376  1.00 56.03  ? 216 SER A O   1 
ATOM   970  C CB  . SER A 1 123 ? -25.035 10.362  20.808  1.00 65.47  ? 216 SER A CB  1 
ATOM   971  O OG  . SER A 1 123 ? -25.860 9.318   21.266  1.00 66.36  ? 216 SER A OG  1 
ATOM   972  N N   . LYS A 1 124 ? -21.912 10.782  18.769  1.00 49.21  ? 217 LYS A N   1 
ATOM   973  C CA  . LYS A 1 124 ? -21.039 11.762  18.178  1.00 45.70  ? 217 LYS A CA  1 
ATOM   974  C C   . LYS A 1 124 ? -20.776 11.420  16.642  1.00 46.99  ? 217 LYS A C   1 
ATOM   975  O O   . LYS A 1 124 ? -20.666 10.225  16.259  1.00 42.34  ? 217 LYS A O   1 
ATOM   976  C CB  . LYS A 1 124 ? -19.738 11.782  18.958  1.00 47.24  ? 217 LYS A CB  1 
ATOM   977  C CG  . LYS A 1 124 ? -18.837 12.975  18.661  1.00 54.36  ? 217 LYS A CG  1 
ATOM   978  C CD  . LYS A 1 124 ? -17.716 13.106  19.710  1.00 54.14  ? 217 LYS A CD  1 
ATOM   979  N N   . LEU A 1 125 ? -20.648 12.474  15.814  1.00 38.99  ? 218 LEU A N   1 
ATOM   980  C CA  . LEU A 1 125 ? -20.412 12.339  14.362  1.00 43.30  ? 218 LEU A CA  1 
ATOM   981  C C   . LEU A 1 125 ? -18.936 12.096  14.051  1.00 39.70  ? 218 LEU A C   1 
ATOM   982  O O   . LEU A 1 125 ? -18.057 12.697  14.670  1.00 40.49  ? 218 LEU A O   1 
ATOM   983  C CB  . LEU A 1 125 ? -20.807 13.606  13.599  1.00 40.31  ? 218 LEU A CB  1 
ATOM   984  C CG  . LEU A 1 125 ? -22.290 14.065  13.619  1.00 45.12  ? 218 LEU A CG  1 
ATOM   985  C CD1 . LEU A 1 125 ? -22.503 15.274  12.729  1.00 50.55  ? 218 LEU A CD1 1 
ATOM   986  C CD2 . LEU A 1 125 ? -23.298 13.001  13.311  1.00 43.68  ? 218 LEU A CD2 1 
ATOM   987  N N   . GLY A 1 126 ? -18.707 11.325  12.987  1.00 37.16  ? 219 GLY A N   1 
ATOM   988  C CA  . GLY A 1 126 ? -17.372 11.239  12.416  1.00 39.35  ? 219 GLY A CA  1 
ATOM   989  C C   . GLY A 1 126 ? -16.796 9.862   12.712  1.00 35.29  ? 219 GLY A C   1 
ATOM   990  O O   . GLY A 1 126 ? -17.538 8.899   12.960  1.00 37.56  ? 219 GLY A O   1 
ATOM   991  N N   . LEU A 1 127 ? -15.486 9.748   12.610  1.00 39.02  ? 220 LEU A N   1 
ATOM   992  C CA  . LEU A 1 127 ? -14.839 8.413   12.685  1.00 46.87  ? 220 LEU A CA  1 
ATOM   993  C C   . LEU A 1 127 ? -13.841 8.363   13.811  1.00 38.45  ? 220 LEU A C   1 
ATOM   994  O O   . LEU A 1 127 ? -13.181 9.328   14.016  1.00 42.46  ? 220 LEU A O   1 
ATOM   995  C CB  . LEU A 1 127 ? -14.092 8.167   11.340  1.00 49.88  ? 220 LEU A CB  1 
ATOM   996  C CG  . LEU A 1 127 ? -14.982 7.861   10.114  1.00 53.94  ? 220 LEU A CG  1 
ATOM   997  C CD1 . LEU A 1 127 ? -14.130 7.902   8.848   1.00 55.52  ? 220 LEU A CD1 1 
ATOM   998  C CD2 . LEU A 1 127 ? -15.741 6.525   10.297  1.00 59.87  ? 220 LEU A CD2 1 
ATOM   999  N N   . ALA A 1 128 ? -13.667 7.210   14.436  1.00 44.10  ? 221 ALA A N   1 
ATOM   1000 C CA  . ALA A 1 128 ? -12.588 6.995   15.416  1.00 47.88  ? 221 ALA A CA  1 
ATOM   1001 C C   . ALA A 1 128 ? -11.217 6.930   14.710  1.00 43.34  ? 221 ALA A C   1 
ATOM   1002 O O   . ALA A 1 128 ? -11.133 6.575   13.546  1.00 36.62  ? 221 ALA A O   1 
ATOM   1003 C CB  . ALA A 1 128 ? -12.864 5.705   16.178  1.00 52.45  ? 221 ALA A CB  1 
ATOM   1004 N N   . PRO A 1 129 ? -10.131 7.305   15.390  1.00 48.91  ? 222 PRO A N   1 
ATOM   1005 C CA  . PRO A 1 129 ? -8.859  7.189   14.673  1.00 47.77  ? 222 PRO A CA  1 
ATOM   1006 C C   . PRO A 1 129 ? -8.500  5.722   14.491  1.00 40.67  ? 222 PRO A C   1 
ATOM   1007 O O   . PRO A 1 129 ? -9.070  4.876   15.160  1.00 35.73  ? 222 PRO A O   1 
ATOM   1008 C CB  . PRO A 1 129 ? -7.860  7.924   15.571  1.00 49.83  ? 222 PRO A CB  1 
ATOM   1009 C CG  . PRO A 1 129 ? -8.417  7.744   16.931  1.00 54.22  ? 222 PRO A CG  1 
ATOM   1010 C CD  . PRO A 1 129 ? -9.933  7.778   16.771  1.00 56.23  ? 222 PRO A CD  1 
ATOM   1011 N N   . ASN A 1 130 ? -7.679  5.448   13.479  1.00 37.33  ? 223 ASN A N   1 
ATOM   1012 C CA  . ASN A 1 130 ? -7.305  4.109   13.130  1.00 36.85  ? 223 ASN A CA  1 
ATOM   1013 C C   . ASN A 1 130 ? -5.932  4.230   12.476  1.00 35.27  ? 223 ASN A C   1 
ATOM   1014 O O   . ASN A 1 130 ? -5.772  5.011   11.565  1.00 34.05  ? 223 ASN A O   1 
ATOM   1015 C CB  . ASN A 1 130 ? -8.287  3.545   12.128  1.00 40.30  ? 223 ASN A CB  1 
ATOM   1016 C CG  . ASN A 1 130 ? -8.103  2.046   11.902  1.00 43.40  ? 223 ASN A CG  1 
ATOM   1017 O OD1 . ASN A 1 130 ? -7.049  1.597   11.432  1.00 37.00  ? 223 ASN A OD1 1 
ATOM   1018 N ND2 . ASN A 1 130 ? -9.095  1.261   12.287  1.00 42.80  ? 223 ASN A ND2 1 
ATOM   1019 N N   . LYS A 1 131 ? -4.974  3.463   12.957  1.00 34.27  ? 224 LYS A N   1 
ATOM   1020 C CA  . LYS A 1 131 ? -3.595  3.508   12.456  1.00 32.28  ? 224 LYS A CA  1 
ATOM   1021 C C   . LYS A 1 131 ? -3.409  2.944   11.044  1.00 30.76  ? 224 LYS A C   1 
ATOM   1022 O O   . LYS A 1 131 ? -2.349  3.137   10.499  1.00 31.73  ? 224 LYS A O   1 
ATOM   1023 C CB  . LYS A 1 131 ? -2.624  2.772   13.427  1.00 32.67  ? 224 LYS A CB  1 
ATOM   1024 C CG  . LYS A 1 131 ? -2.837  1.285   13.579  1.00 33.22  ? 224 LYS A CG  1 
ATOM   1025 C CD  . LYS A 1 131 ? -1.726  0.709   14.453  1.00 39.40  ? 224 LYS A CD  1 
ATOM   1026 C CE  . LYS A 1 131 ? -1.887  -0.771  14.827  1.00 37.91  ? 224 LYS A CE  1 
ATOM   1027 N NZ  . LYS A 1 131 ? -0.613  -1.207  15.621  1.00 41.51  ? 224 LYS A NZ  1 
ATOM   1028 N N   . PHE A 1 132 ? -4.430  2.235   10.499  1.00 28.10  ? 225 PHE A N   1 
ATOM   1029 C CA  . PHE A 1 132 ? -4.450  1.767   9.132   1.00 29.82  ? 225 PHE A CA  1 
ATOM   1030 C C   . PHE A 1 132 ? -5.200  2.700   8.144   1.00 30.45  ? 225 PHE A C   1 
ATOM   1031 O O   . PHE A 1 132 ? -5.449  2.295   6.995   1.00 29.92  ? 225 PHE A O   1 
ATOM   1032 C CB  . PHE A 1 132 ? -5.059  0.353   9.113   1.00 27.07  ? 225 PHE A CB  1 
ATOM   1033 C CG  . PHE A 1 132 ? -4.268  -0.639  9.892   1.00 29.74  ? 225 PHE A CG  1 
ATOM   1034 C CD1 . PHE A 1 132 ? -2.965  -1.016  9.469   1.00 25.96  ? 225 PHE A CD1 1 
ATOM   1035 C CD2 . PHE A 1 132 ? -4.750  -1.137  11.105  1.00 34.01  ? 225 PHE A CD2 1 
ATOM   1036 C CE1 . PHE A 1 132 ? -2.221  -1.884  10.226  1.00 28.99  ? 225 PHE A CE1 1 
ATOM   1037 C CE2 . PHE A 1 132 ? -3.998  -2.052  11.837  1.00 33.39  ? 225 PHE A CE2 1 
ATOM   1038 C CZ  . PHE A 1 132 ? -2.748  -2.408  11.409  1.00 34.34  ? 225 PHE A CZ  1 
ATOM   1039 N N   . PHE A 1 133 ? -5.534  3.916   8.582   0.50 33.00  ? 226 PHE A N   1 
ATOM   1040 C CA  . PHE A 1 133 ? -6.297  4.891   7.785   0.50 35.00  ? 226 PHE A CA  1 
ATOM   1041 C C   . PHE A 1 133 ? -5.898  4.962   6.301   0.50 32.73  ? 226 PHE A C   1 
ATOM   1042 O O   . PHE A 1 133 ? -6.759  4.866   5.427   0.50 30.49  ? 226 PHE A O   1 
ATOM   1043 C CB  . PHE A 1 133 ? -6.167  6.275   8.438   0.50 38.26  ? 226 PHE A CB  1 
ATOM   1044 C CG  . PHE A 1 133 ? -6.709  7.404   7.608   0.50 40.75  ? 226 PHE A CG  1 
ATOM   1045 C CD1 . PHE A 1 133 ? -8.078  7.597   7.480   0.50 44.13  ? 226 PHE A CD1 1 
ATOM   1046 C CD2 . PHE A 1 133 ? -5.851  8.288   6.980   0.50 42.72  ? 226 PHE A CD2 1 
ATOM   1047 C CE1 . PHE A 1 133 ? -8.583  8.644   6.722   0.50 45.60  ? 226 PHE A CE1 1 
ATOM   1048 C CE2 . PHE A 1 133 ? -6.344  9.332   6.216   0.50 45.97  ? 226 PHE A CE2 1 
ATOM   1049 C CZ  . PHE A 1 133 ? -7.711  9.513   6.085   0.50 46.21  ? 226 PHE A CZ  1 
ATOM   1050 N N   . MET A 1 134 ? -4.602  5.093   6.019   1.00 30.36  ? 227 MET A N   1 
ATOM   1051 C CA  . MET A 1 134 ? -4.120  5.183   4.624   1.00 30.74  ? 227 MET A CA  1 
ATOM   1052 C C   . MET A 1 134 ? -4.251  3.920   3.774   1.00 31.13  ? 227 MET A C   1 
ATOM   1053 O O   . MET A 1 134 ? -4.353  4.000   2.542   1.00 30.40  ? 227 MET A O   1 
ATOM   1054 C CB  . MET A 1 134 ? -2.669  5.701   4.618   1.00 36.03  ? 227 MET A CB  1 
ATOM   1055 C CG  . MET A 1 134 ? -2.548  7.160   5.068   1.00 44.84  ? 227 MET A CG  1 
ATOM   1056 S SD  . MET A 1 134 ? -0.802  7.586   5.093   1.00 50.25  ? 227 MET A SD  1 
ATOM   1057 C CE  . MET A 1 134 ? -0.132  6.726   6.548   1.00 58.72  ? 227 MET A CE  1 
ATOM   1058 N N   . ALA A 1 135 ? -4.234  2.740   4.409   1.00 32.34  ? 228 ALA A N   1 
ATOM   1059 C CA  . ALA A 1 135 ? -4.384  1.456   3.711   1.00 28.97  ? 228 ALA A CA  1 
ATOM   1060 C C   . ALA A 1 135 ? -5.817  1.081   3.441   1.00 29.36  ? 228 ALA A C   1 
ATOM   1061 O O   . ALA A 1 135 ? -6.141  0.351   2.467   1.00 28.39  ? 228 ALA A O   1 
ATOM   1062 C CB  . ALA A 1 135 ? -3.765  0.361   4.522   1.00 28.89  ? 228 ALA A CB  1 
ATOM   1063 N N   . ILE A 1 136 ? -6.689  1.504   4.341   1.00 30.81  ? 229 ILE A N   1 
ATOM   1064 C CA  . ILE A 1 136 ? -8.094  1.093   4.323   1.00 29.58  ? 229 ILE A CA  1 
ATOM   1065 C C   . ILE A 1 136 ? -8.832  1.128   2.978   1.00 29.52  ? 229 ILE A C   1 
ATOM   1066 O O   . ILE A 1 136 ? -9.456  0.142   2.595   1.00 28.12  ? 229 ILE A O   1 
ATOM   1067 C CB  . ILE A 1 136 ? -8.838  1.790   5.480   1.00 33.00  ? 229 ILE A CB  1 
ATOM   1068 C CG1 . ILE A 1 136 ? -8.610  0.973   6.769   1.00 34.90  ? 229 ILE A CG1 1 
ATOM   1069 C CG2 . ILE A 1 136 ? -10.307 1.902   5.235   1.00 34.25  ? 229 ILE A CG2 1 
ATOM   1070 C CD1 . ILE A 1 136 ? -8.929  1.711   8.108   1.00 32.43  ? 229 ILE A CD1 1 
ATOM   1071 N N   . PRO A 1 137 ? -8.700  2.226   2.198   1.00 31.57  ? 230 PRO A N   1 
ATOM   1072 C CA  . PRO A 1 137 ? -9.475  2.295   0.940   1.00 31.31  ? 230 PRO A CA  1 
ATOM   1073 C C   . PRO A 1 137 ? -9.162  1.167   -0.052  1.00 32.18  ? 230 PRO A C   1 
ATOM   1074 O O   . PRO A 1 137 ? -9.995  0.840   -0.912  1.00 33.82  ? 230 PRO A O   1 
ATOM   1075 C CB  . PRO A 1 137 ? -9.050  3.664   0.349   1.00 31.19  ? 230 PRO A CB  1 
ATOM   1076 C CG  . PRO A 1 137 ? -8.534  4.457   1.488   1.00 34.18  ? 230 PRO A CG  1 
ATOM   1077 C CD  . PRO A 1 137 ? -7.998  3.476   2.506   1.00 31.74  ? 230 PRO A CD  1 
ATOM   1078 N N   . PHE A 1 138 ? -7.948  0.558   0.031   1.00 29.51  ? 231 PHE A N   1 
ATOM   1079 C CA  . PHE A 1 138 ? -7.553  -0.525  -0.898  1.00 30.10  ? 231 PHE A CA  1 
ATOM   1080 C C   . PHE A 1 138 ? -7.937  -1.956  -0.502  1.00 30.43  ? 231 PHE A C   1 
ATOM   1081 O O   . PHE A 1 138 ? -7.804  -2.827  -1.299  1.00 28.84  ? 231 PHE A O   1 
ATOM   1082 C CB  . PHE A 1 138 ? -6.025  -0.487  -1.087  1.00 31.76  ? 231 PHE A CB  1 
ATOM   1083 C CG  . PHE A 1 138 ? -5.537  0.813   -1.710  1.00 31.84  ? 231 PHE A CG  1 
ATOM   1084 C CD1 . PHE A 1 138 ? -5.474  0.954   -3.099  1.00 35.46  ? 231 PHE A CD1 1 
ATOM   1085 C CD2 . PHE A 1 138 ? -5.169  1.883   -0.918  1.00 32.45  ? 231 PHE A CD2 1 
ATOM   1086 C CE1 . PHE A 1 138 ? -5.037  2.149   -3.649  1.00 32.08  ? 231 PHE A CE1 1 
ATOM   1087 C CE2 . PHE A 1 138 ? -4.679  3.045   -1.476  1.00 33.96  ? 231 PHE A CE2 1 
ATOM   1088 C CZ  . PHE A 1 138 ? -4.658  3.181   -2.834  1.00 31.03  ? 231 PHE A CZ  1 
ATOM   1089 N N   . ILE A 1 139 ? -8.439  -2.179  0.704   1.00 30.22  ? 232 ILE A N   1 
ATOM   1090 C CA  . ILE A 1 139 ? -8.539  -3.511  1.263   1.00 31.69  ? 232 ILE A CA  1 
ATOM   1091 C C   . ILE A 1 139 ? -9.650  -4.327  0.603   1.00 36.50  ? 232 ILE A C   1 
ATOM   1092 O O   . ILE A 1 139 ? -9.416  -5.419  0.078   1.00 34.23  ? 232 ILE A O   1 
ATOM   1093 C CB  . ILE A 1 139 ? -8.725  -3.469  2.800   1.00 32.66  ? 232 ILE A CB  1 
ATOM   1094 C CG1 . ILE A 1 139 ? -7.507  -2.859  3.466   1.00 35.43  ? 232 ILE A CG1 1 
ATOM   1095 C CG2 . ILE A 1 139 ? -9.000  -4.869  3.359   1.00 37.16  ? 232 ILE A CG2 1 
ATOM   1096 C CD1 . ILE A 1 139 ? -6.166  -3.520  3.150   1.00 32.01  ? 232 ILE A CD1 1 
ATOM   1097 N N   . ARG A 1 140 ? -10.859 -3.789  0.571   1.00 38.84  ? 233 ARG A N   1 
ATOM   1098 C CA  . ARG A 1 140 ? -11.920 -4.446  -0.185  1.00 37.85  ? 233 ARG A CA  1 
ATOM   1099 C C   . ARG A 1 140 ? -11.625 -4.647  -1.661  1.00 38.21  ? 233 ARG A C   1 
ATOM   1100 O O   . ARG A 1 140 ? -11.815 -5.739  -2.155  1.00 37.29  ? 233 ARG A O   1 
ATOM   1101 C CB  . ARG A 1 140 ? -13.274 -3.715  -0.028  1.00 46.94  ? 233 ARG A CB  1 
ATOM   1102 C CG  . ARG A 1 140 ? -14.445 -4.347  -0.747  1.00 51.49  ? 233 ARG A CG  1 
ATOM   1103 C CD  . ARG A 1 140 ? -14.616 -5.833  -0.399  1.00 69.55  ? 233 ARG A CD  1 
ATOM   1104 N NE  . ARG A 1 140 ? -14.638 -6.122  1.060   1.00 85.09  ? 233 ARG A NE  1 
ATOM   1105 C CZ  . ARG A 1 140 ? -14.652 -7.347  1.617   1.00 89.83  ? 233 ARG A CZ  1 
ATOM   1106 N NH1 . ARG A 1 140 ? -14.636 -8.466  0.884   1.00 98.48  ? 233 ARG A NH1 1 
ATOM   1107 N NH2 . ARG A 1 140 ? -14.695 -7.462  2.934   1.00 93.91  ? 233 ARG A NH2 1 
ATOM   1108 N N   . PRO A 1 141 ? -11.191 -3.609  -2.399  1.00 32.88  ? 234 PRO A N   1 
ATOM   1109 C CA  . PRO A 1 141 ? -10.802 -3.912  -3.791  1.00 36.18  ? 234 PRO A CA  1 
ATOM   1110 C C   . PRO A 1 141 ? -9.686  -4.976  -3.965  1.00 33.55  ? 234 PRO A C   1 
ATOM   1111 O O   . PRO A 1 141 ? -9.632  -5.724  -4.986  1.00 36.19  ? 234 PRO A O   1 
ATOM   1112 C CB  . PRO A 1 141 ? -10.290 -2.573  -4.302  1.00 34.99  ? 234 PRO A CB  1 
ATOM   1113 C CG  . PRO A 1 141 ? -10.989 -1.592  -3.454  1.00 35.59  ? 234 PRO A CG  1 
ATOM   1114 C CD  . PRO A 1 141 ? -11.068 -2.192  -2.111  1.00 37.30  ? 234 PRO A CD  1 
ATOM   1115 N N   . LEU A 1 142 ? -8.783  -5.040  -3.005  1.00 34.24  ? 235 LEU A N   1 
ATOM   1116 C CA  . LEU A 1 142 ? -7.726  -6.087  -3.070  1.00 33.85  ? 235 LEU A CA  1 
ATOM   1117 C C   . LEU A 1 142 ? -8.333  -7.491  -2.859  1.00 34.74  ? 235 LEU A C   1 
ATOM   1118 O O   . LEU A 1 142 ? -8.004  -8.417  -3.583  1.00 34.04  ? 235 LEU A O   1 
ATOM   1119 C CB  . LEU A 1 142 ? -6.594  -5.815  -2.069  1.00 28.88  ? 235 LEU A CB  1 
ATOM   1120 C CG  . LEU A 1 142 ? -5.559  -6.923  -1.877  1.00 31.71  ? 235 LEU A CG  1 
ATOM   1121 C CD1 . LEU A 1 142 ? -4.802  -7.139  -3.173  1.00 31.39  ? 235 LEU A CD1 1 
ATOM   1122 C CD2 . LEU A 1 142 ? -4.641  -6.630  -0.683  1.00 33.70  ? 235 LEU A CD2 1 
ATOM   1123 N N   . ARG A 1 143 ? -9.161  -7.645  -1.849  1.00 35.30  ? 236 ARG A N   1 
ATOM   1124 C CA  . ARG A 1 143 ? -9.805  -8.956  -1.577  1.00 39.07  ? 236 ARG A CA  1 
ATOM   1125 C C   . ARG A 1 143 ? -10.592 -9.412  -2.828  1.00 39.03  ? 236 ARG A C   1 
ATOM   1126 O O   . ARG A 1 143 ? -10.504 -10.556 -3.198  1.00 39.25  ? 236 ARG A O   1 
ATOM   1127 C CB  . ARG A 1 143 ? -10.760 -8.854  -0.375  1.00 39.20  ? 236 ARG A CB  1 
ATOM   1128 C CG  . ARG A 1 143 ? -10.073 -8.772  0.995   1.00 41.91  ? 236 ARG A CG  1 
ATOM   1129 C CD  . ARG A 1 143 ? -11.073 -8.613  2.145   1.00 43.55  ? 236 ARG A CD  1 
ATOM   1130 N NE  . ARG A 1 143 ? -10.355 -8.456  3.412   1.00 48.15  ? 236 ARG A NE  1 
ATOM   1131 C CZ  . ARG A 1 143 ? -10.797 -7.786  4.487   1.00 47.55  ? 236 ARG A CZ  1 
ATOM   1132 N NH1 . ARG A 1 143 ? -12.000 -7.189  4.456   1.00 50.23  ? 236 ARG A NH1 1 
ATOM   1133 N NH2 . ARG A 1 143 ? -10.031 -7.664  5.587   1.00 42.29  ? 236 ARG A NH2 1 
ATOM   1134 N N   . ASP A 1 144 ? -11.302 -8.491  -3.493  1.00 42.73  ? 237 ASP A N   1 
ATOM   1135 C CA  . ASP A 1 144 ? -12.038 -8.799  -4.741  1.00 42.86  ? 237 ASP A CA  1 
ATOM   1136 C C   . ASP A 1 144 ? -11.154 -9.167  -5.924  1.00 46.43  ? 237 ASP A C   1 
ATOM   1137 O O   . ASP A 1 144 ? -11.444 -10.073 -6.689  1.00 46.19  ? 237 ASP A O   1 
ATOM   1138 C CB  . ASP A 1 144 ? -12.914 -7.609  -5.144  1.00 44.64  ? 237 ASP A CB  1 
ATOM   1139 C CG  . ASP A 1 144 ? -14.175 -7.463  -4.240  1.00 55.48  ? 237 ASP A CG  1 
ATOM   1140 O OD1 . ASP A 1 144 ? -14.388 -8.256  -3.284  1.00 55.71  ? 237 ASP A OD1 1 
ATOM   1141 O OD2 . ASP A 1 144 ? -14.933 -6.517  -4.462  1.00 52.25  ? 237 ASP A OD2 1 
ATOM   1142 N N   . TRP A 1 145 ? -10.075 -8.418  -6.094  1.00 41.64  ? 238 TRP A N   1 
ATOM   1143 C CA  . TRP A 1 145 ? -9.097  -8.746  -7.090  1.00 39.62  ? 238 TRP A CA  1 
ATOM   1144 C C   . TRP A 1 145 ? -8.464  -10.150 -6.878  1.00 38.62  ? 238 TRP A C   1 
ATOM   1145 O O   . TRP A 1 145 ? -8.415  -10.953 -7.832  1.00 41.84  ? 238 TRP A O   1 
ATOM   1146 C CB  . TRP A 1 145 ? -8.083  -7.601  -7.168  1.00 41.07  ? 238 TRP A CB  1 
ATOM   1147 C CG  . TRP A 1 145 ? -7.153  -7.627  -8.348  1.00 42.85  ? 238 TRP A CG  1 
ATOM   1148 C CD1 . TRP A 1 145 ? -7.187  -6.803  -9.476  1.00 42.44  ? 238 TRP A CD1 1 
ATOM   1149 C CD2 . TRP A 1 145 ? -6.019  -8.477  -8.500  1.00 39.37  ? 238 TRP A CD2 1 
ATOM   1150 N NE1 . TRP A 1 145 ? -6.129  -7.108  -10.309 1.00 40.45  ? 238 TRP A NE1 1 
ATOM   1151 C CE2 . TRP A 1 145 ? -5.409  -8.138  -9.734  1.00 42.95  ? 238 TRP A CE2 1 
ATOM   1152 C CE3 . TRP A 1 145 ? -5.434  -9.493  -7.687  1.00 38.15  ? 238 TRP A CE3 1 
ATOM   1153 C CZ2 . TRP A 1 145 ? -4.275  -8.782  -10.180 1.00 41.55  ? 238 TRP A CZ2 1 
ATOM   1154 C CZ3 . TRP A 1 145 ? -4.294  -10.109 -8.116  1.00 35.71  ? 238 TRP A CZ3 1 
ATOM   1155 C CH2 . TRP A 1 145 ? -3.732  -9.775  -9.370  1.00 38.77  ? 238 TRP A CH2 1 
ATOM   1156 N N   . LEU A 1 146 ? -8.054  -10.482 -5.659  1.00 35.31  ? 239 LEU A N   1 
ATOM   1157 C CA  . LEU A 1 146 ? -7.508  -11.839 -5.324  1.00 35.45  ? 239 LEU A CA  1 
ATOM   1158 C C   . LEU A 1 146 ? -8.526  -12.995 -5.528  1.00 44.19  ? 239 LEU A C   1 
ATOM   1159 O O   . LEU A 1 146 ? -8.161  -14.040 -6.050  1.00 43.73  ? 239 LEU A O   1 
ATOM   1160 C CB  . LEU A 1 146 ? -6.987  -11.930 -3.895  1.00 37.58  ? 239 LEU A CB  1 
ATOM   1161 C CG  . LEU A 1 146 ? -5.813  -10.948 -3.562  1.00 37.99  ? 239 LEU A CG  1 
ATOM   1162 C CD1 . LEU A 1 146 ? -5.501  -10.859 -2.077  1.00 35.46  ? 239 LEU A CD1 1 
ATOM   1163 C CD2 . LEU A 1 146 ? -4.592  -11.434 -4.323  1.00 37.42  ? 239 LEU A CD2 1 
ATOM   1164 N N   . SER A 1 147 ? -9.755  -12.824 -5.092  1.00 44.49  ? 240 SER A N   1 
ATOM   1165 C CA  . SER A 1 147 ? -10.878 -13.713 -5.511  1.00 49.59  ? 240 SER A CA  1 
ATOM   1166 C C   . SER A 1 147 ? -10.976 -13.964 -7.020  1.00 50.39  ? 240 SER A C   1 
ATOM   1167 O O   . SER A 1 147 ? -10.879 -15.109 -7.457  1.00 52.07  ? 240 SER A O   1 
ATOM   1168 C CB  . SER A 1 147 ? -12.228 -13.144 -5.069  1.00 54.75  ? 240 SER A CB  1 
ATOM   1169 O OG  . SER A 1 147 ? -12.296 -13.182 -3.671  1.00 65.63  ? 240 SER A OG  1 
ATOM   1170 N N   . ARG A 1 148 ? -11.172 -12.916 -7.812  1.00 48.28  ? 241 ARG A N   1 
ATOM   1171 C CA  . ARG A 1 148 ? -11.229 -13.066 -9.259  1.00 53.01  ? 241 ARG A CA  1 
ATOM   1172 C C   . ARG A 1 148 ? -9.972  -13.782 -9.857  1.00 61.25  ? 241 ARG A C   1 
ATOM   1173 O O   . ARG A 1 148 ? -10.116 -14.794 -10.535 1.00 71.33  ? 241 ARG A O   1 
ATOM   1174 C CB  . ARG A 1 148 ? -11.491 -11.711 -10.007 1.00 53.15  ? 241 ARG A CB  1 
ATOM   1175 C CG  . ARG A 1 148 ? -12.791 -10.976 -9.650  1.00 56.62  ? 241 ARG A CG  1 
ATOM   1176 N N   . ARG A 1 149 ? -8.782  -13.244 -9.584  0.50 58.18  ? 242 ARG A N   1 
ATOM   1177 C CA  . ARG A 1 149 ? -7.528  -13.744 -10.152 0.50 56.59  ? 242 ARG A CA  1 
ATOM   1178 C C   . ARG A 1 149 ? -7.193  -15.165 -9.717  0.50 59.03  ? 242 ARG A C   1 
ATOM   1179 O O   . ARG A 1 149 ? -6.845  -15.994 -10.556 0.50 60.75  ? 242 ARG A O   1 
ATOM   1180 C CB  . ARG A 1 149 ? -6.375  -12.816 -9.770  0.50 57.53  ? 242 ARG A CB  1 
ATOM   1181 C CG  . ARG A 1 149 ? -4.983  -13.416 -9.948  0.50 57.30  ? 242 ARG A CG  1 
ATOM   1182 C CD  . ARG A 1 149 ? -4.617  -13.580 -11.410 0.50 57.70  ? 242 ARG A CD  1 
ATOM   1183 N NE  . ARG A 1 149 ? -5.194  -12.512 -12.219 0.50 59.96  ? 242 ARG A NE  1 
ATOM   1184 C CZ  . ARG A 1 149 ? -4.479  -11.621 -12.890 0.50 58.16  ? 242 ARG A CZ  1 
ATOM   1185 N NH1 . ARG A 1 149 ? -5.091  -10.681 -13.594 0.50 61.32  ? 242 ARG A NH1 1 
ATOM   1186 N NH2 . ARG A 1 149 ? -3.157  -11.679 -12.859 0.50 56.40  ? 242 ARG A NH2 1 
ATOM   1187 N N   . PHE A 1 150 ? -7.319  -15.444 -8.419  1.00 61.11  ? 243 PHE A N   1 
ATOM   1188 C CA  . PHE A 1 150 ? -6.958  -16.789 -7.832  1.00 56.72  ? 243 PHE A CA  1 
ATOM   1189 C C   . PHE A 1 150 ? -8.102  -17.667 -7.341  1.00 66.97  ? 243 PHE A C   1 
ATOM   1190 O O   . PHE A 1 150 ? -8.042  -18.874 -7.530  1.00 76.41  ? 243 PHE A O   1 
ATOM   1191 C CB  . PHE A 1 150 ? -5.960  -16.663 -6.658  1.00 57.55  ? 243 PHE A CB  1 
ATOM   1192 C CG  . PHE A 1 150 ? -4.661  -15.986 -7.031  1.00 62.36  ? 243 PHE A CG  1 
ATOM   1193 C CD1 . PHE A 1 150 ? -3.609  -16.707 -7.608  1.00 63.53  ? 243 PHE A CD1 1 
ATOM   1194 C CD2 . PHE A 1 150 ? -4.480  -14.624 -6.807  1.00 49.44  ? 243 PHE A CD2 1 
ATOM   1195 C CE1 . PHE A 1 150 ? -2.423  -16.069 -7.959  1.00 66.20  ? 243 PHE A CE1 1 
ATOM   1196 C CE2 . PHE A 1 150 ? -3.296  -13.992 -7.156  1.00 51.43  ? 243 PHE A CE2 1 
ATOM   1197 C CZ  . PHE A 1 150 ? -2.273  -14.701 -7.751  1.00 58.62  ? 243 PHE A CZ  1 
ATOM   1198 N N   . GLY A 1 151 ? -9.100  -17.100 -6.667  1.00 75.82  ? 244 GLY A N   1 
ATOM   1199 C CA  . GLY A 1 151 ? -10.188 -17.881 -6.047  1.00 73.48  ? 244 GLY A CA  1 
ATOM   1200 C C   . GLY A 1 151 ? -9.734  -18.564 -4.764  1.00 74.91  ? 244 GLY A C   1 
ATOM   1201 O O   . GLY A 1 151 ? -10.383 -19.491 -4.268  1.00 86.52  ? 244 GLY A O   1 
HETATM 1202 C C1  . EDO B 2 .   ? 14.169  1.445   -8.998  1.00 65.51  ? 301 EDO A C1  1 
HETATM 1203 O O1  . EDO B 2 .   ? 15.498  1.606   -8.491  1.00 67.13  ? 301 EDO A O1  1 
HETATM 1204 C C2  . EDO B 2 .   ? 14.102  0.201   -9.907  1.00 65.80  ? 301 EDO A C2  1 
HETATM 1205 O O2  . EDO B 2 .   ? 13.713  0.562   -11.260 1.00 69.15  ? 301 EDO A O2  1 
HETATM 1206 C C1  . EDO C 2 .   ? -3.882  6.411   14.794  1.00 69.49  ? 302 EDO A C1  1 
HETATM 1207 O O1  . EDO C 2 .   ? -4.604  7.270   13.885  1.00 73.06  ? 302 EDO A O1  1 
HETATM 1208 C C2  . EDO C 2 .   ? -4.487  6.222   16.193  1.00 65.03  ? 302 EDO A C2  1 
HETATM 1209 O O2  . EDO C 2 .   ? -4.912  4.856   16.461  1.00 64.52  ? 302 EDO A O2  1 
HETATM 1210 S S   . DMS D 3 .   ? 2.486   -12.301 9.791   1.00 77.64  ? 303 DMS A S   1 
HETATM 1211 O O   . DMS D 3 .   ? 1.331   -11.416 9.497   1.00 71.75  ? 303 DMS A O   1 
HETATM 1212 C C1  . DMS D 3 .   ? 3.385   -11.574 11.041  1.00 68.40  ? 303 DMS A C1  1 
HETATM 1213 C C2  . DMS D 3 .   ? 1.856   -13.731 10.471  1.00 80.07  ? 303 DMS A C2  1 
HETATM 1214 C C   . ACT E 4 .   ? 3.057   10.675  15.760  1.00 67.49  ? 304 ACT A C   1 
HETATM 1215 O O   . ACT E 4 .   ? 2.789   11.514  14.859  1.00 70.56  ? 304 ACT A O   1 
HETATM 1216 O OXT . ACT E 4 .   ? 3.753   9.667   15.491  1.00 74.67  ? 304 ACT A OXT 1 
HETATM 1217 C CH3 . ACT E 4 .   ? 2.586   10.852  17.185  1.00 62.78  ? 304 ACT A CH3 1 
HETATM 1218 C C   . ACT F 4 .   ? -6.475  9.075   11.374  1.00 66.31  ? 305 ACT A C   1 
HETATM 1219 O O   . ACT F 4 .   ? -7.156  8.100   11.767  1.00 53.62  ? 305 ACT A O   1 
HETATM 1220 O OXT . ACT F 4 .   ? -5.242  9.142   11.616  1.00 77.25  ? 305 ACT A OXT 1 
HETATM 1221 C CH3 . ACT F 4 .   ? -7.131  10.190  10.598  1.00 66.16  ? 305 ACT A CH3 1 
HETATM 1222 C C1  . PEG G 5 .   ? 2.734   5.828   4.717   1.00 72.54  ? 306 PEG A C1  1 
HETATM 1223 O O1  . PEG G 5 .   ? 2.562   5.297   6.033   1.00 73.56  ? 306 PEG A O1  1 
HETATM 1224 C C2  . PEG G 5 .   ? 4.228   6.080   4.572   1.00 80.01  ? 306 PEG A C2  1 
HETATM 1225 O O2  . PEG G 5 .   ? 4.481   6.899   3.448   1.00 93.80  ? 306 PEG A O2  1 
HETATM 1226 C C3  . PEG G 5 .   ? 4.253   6.262   2.184   1.00 103.18 ? 306 PEG A C3  1 
HETATM 1227 C C4  . PEG G 5 .   ? 3.159   7.035   1.460   1.00 114.44 ? 306 PEG A C4  1 
HETATM 1228 O O4  . PEG G 5 .   ? 3.697   8.263   0.952   1.00 119.03 ? 306 PEG A O4  1 
HETATM 1229 N N1  . LDV H 6 .   ? 12.214  -5.528  8.624   0.74 54.85  ? 307 LDV A N1  1 
HETATM 1230 C C4  . LDV H 6 .   ? 12.484  -6.733  7.768   0.74 50.29  ? 307 LDV A C4  1 
HETATM 1231 C C5  . LDV H 6 .   ? 10.726  -5.414  8.772   0.74 57.02  ? 307 LDV A C5  1 
HETATM 1232 C C6  . LDV H 6 .   ? 10.206  -6.612  9.555   0.74 57.34  ? 307 LDV A C6  1 
HETATM 1233 C C7  . LDV H 6 .   ? 12.874  -4.271  8.091   0.74 52.37  ? 307 LDV A C7  1 
HETATM 1234 C C8  . LDV H 6 .   ? 12.555  -2.991  8.818   0.74 54.79  ? 307 LDV A C8  1 
HETATM 1235 C C10 . LDV H 6 .   ? 12.514  -0.776  9.429   0.74 60.17  ? 307 LDV A C10 1 
HETATM 1236 C C13 . LDV H 6 .   ? 14.358  0.145   7.641   0.74 68.85  ? 307 LDV A C13 1 
HETATM 1237 C C15 . LDV H 6 .   ? 12.816  0.582   9.440   0.74 64.32  ? 307 LDV A C15 1 
HETATM 1238 C C1  . LDV H 6 .   ? 9.472   -7.923  7.562   0.74 53.09  ? 307 LDV A C1  1 
HETATM 1239 C C11 . LDV H 6 .   ? 13.106  -1.691  8.535   0.74 60.94  ? 307 LDV A C11 1 
HETATM 1240 C C12 . LDV H 6 .   ? 14.039  -1.197  7.619   0.74 65.48  ? 307 LDV A C12 1 
HETATM 1241 C C14 . LDV H 6 .   ? 13.741  1.026   8.526   0.74 68.26  ? 307 LDV A C14 1 
HETATM 1242 C C2  . LDV H 6 .   ? 10.408  -7.881  8.764   0.74 51.99  ? 307 LDV A C2  1 
HETATM 1243 C C3  . LDV H 6 .   ? 11.883  -8.000  8.386   0.74 53.44  ? 307 LDV A C3  1 
HETATM 1244 C C9  . LDV H 6 .   ? 11.692  -2.802  9.853   0.74 55.17  ? 307 LDV A C9  1 
HETATM 1245 N N2  . LDV H 6 .   ? 11.658  -1.487  10.214  0.74 62.96  ? 307 LDV A N2  1 
HETATM 1246 O O   . HOH I 7 .   ? 13.204  6.211   11.347  1.00 53.12  ? 401 HOH A O   1 
HETATM 1247 O O   . HOH I 7 .   ? -4.239  -17.962 0.413   1.00 54.03  ? 402 HOH A O   1 
HETATM 1248 O O   . HOH I 7 .   ? 12.365  3.327   -11.363 1.00 52.03  ? 403 HOH A O   1 
HETATM 1249 O O   . HOH I 7 .   ? 1.331   9.726   -14.242 1.00 46.10  ? 404 HOH A O   1 
HETATM 1250 O O   . HOH I 7 .   ? 6.321   0.518   14.702  1.00 45.46  ? 405 HOH A O   1 
HETATM 1251 O O   . HOH I 7 .   ? 10.056  8.003   1.786   1.00 52.45  ? 406 HOH A O   1 
HETATM 1252 O O   . HOH I 7 .   ? -14.294 11.747  11.450  1.00 53.40  ? 407 HOH A O   1 
HETATM 1253 O O   . HOH I 7 .   ? 10.409  6.744   -16.529 1.00 46.99  ? 408 HOH A O   1 
HETATM 1254 O O   . HOH I 7 .   ? 17.532  -8.359  -13.565 1.00 58.73  ? 409 HOH A O   1 
HETATM 1255 O O   . HOH I 7 .   ? -12.241 1.955   -1.672  1.00 34.53  ? 410 HOH A O   1 
HETATM 1256 O O   . HOH I 7 .   ? -5.951  -13.699 0.844   1.00 55.23  ? 411 HOH A O   1 
HETATM 1257 O O   . HOH I 7 .   ? -19.838 8.551   14.193  1.00 51.46  ? 412 HOH A O   1 
HETATM 1258 O O   . HOH I 7 .   ? 14.521  -7.545  -6.312  1.00 41.07  ? 413 HOH A O   1 
HETATM 1259 O O   . HOH I 7 .   ? 5.559   10.913  14.014  1.00 43.96  ? 414 HOH A O   1 
HETATM 1260 O O   . HOH I 7 .   ? 11.311  -9.589  -15.438 1.00 30.65  ? 415 HOH A O   1 
HETATM 1261 O O   . HOH I 7 .   ? 11.784  0.305   -13.656 1.00 51.05  ? 416 HOH A O   1 
HETATM 1262 O O   . HOH I 7 .   ? 8.466   -6.692  -14.853 1.00 53.69  ? 417 HOH A O   1 
HETATM 1263 O O   . HOH I 7 .   ? -7.975  -3.188  -10.796 1.00 54.33  ? 418 HOH A O   1 
HETATM 1264 O O   . HOH I 7 .   ? -10.814 -4.940  -7.264  1.00 41.29  ? 419 HOH A O   1 
HETATM 1265 O O   . HOH I 7 .   ? 4.958   7.163   13.242  1.00 37.01  ? 420 HOH A O   1 
HETATM 1266 O O   . HOH I 7 .   ? 3.715   -9.545  -10.191 1.00 30.41  ? 421 HOH A O   1 
HETATM 1267 O O   . HOH I 7 .   ? -9.284  5.826   5.052   1.00 52.23  ? 422 HOH A O   1 
HETATM 1268 O O   . HOH I 7 .   ? 9.900   7.637   -0.985  1.00 52.93  ? 423 HOH A O   1 
HETATM 1269 O O   . HOH I 7 .   ? 11.109  -1.412  -6.030  1.00 37.50  ? 424 HOH A O   1 
HETATM 1270 O O   . HOH I 7 .   ? 0.448   4.905   1.733   1.00 37.61  ? 425 HOH A O   1 
HETATM 1271 O O   . HOH I 7 .   ? 3.057   -3.471  -0.244  1.00 24.63  ? 426 HOH A O   1 
HETATM 1272 O O   . HOH I 7 .   ? -16.779 3.641   7.902   1.00 55.24  ? 427 HOH A O   1 
HETATM 1273 O O   . HOH I 7 .   ? 9.665   -4.567  11.606  0.74 60.93  ? 428 HOH A O   1 
HETATM 1274 O O   . HOH I 7 .   ? 12.981  -5.596  -16.000 1.00 71.29  ? 429 HOH A O   1 
HETATM 1275 O O   . HOH I 7 .   ? -5.268  -13.075 5.580   1.00 35.74  ? 430 HOH A O   1 
HETATM 1276 O O   . HOH I 7 .   ? -3.289  -20.218 7.742   1.00 60.06  ? 431 HOH A O   1 
HETATM 1277 O O   . HOH I 7 .   ? 9.760   16.073  -11.384 1.00 59.37  ? 432 HOH A O   1 
HETATM 1278 O O   . HOH I 7 .   ? -1.920  -14.205 8.279   1.00 47.36  ? 433 HOH A O   1 
HETATM 1279 O O   . HOH I 7 .   ? -11.726 -1.222  1.670   1.00 32.79  ? 434 HOH A O   1 
HETATM 1280 O O   . HOH I 7 .   ? 2.167   -5.806  -10.974 1.00 28.30  ? 435 HOH A O   1 
HETATM 1281 O O   . HOH I 7 .   ? -5.004  6.291   1.045   1.00 49.79  ? 436 HOH A O   1 
HETATM 1282 O O   . HOH I 7 .   ? -3.937  12.501  -9.816  1.00 55.44  ? 437 HOH A O   1 
HETATM 1283 O O   . HOH I 7 .   ? -25.610 13.876  20.275  1.00 46.59  ? 438 HOH A O   1 
HETATM 1284 O O   . HOH I 7 .   ? -12.095 12.084  -6.270  1.00 44.90  ? 439 HOH A O   1 
HETATM 1285 O O   . HOH I 7 .   ? -13.446 14.578  0.719   1.00 55.63  ? 440 HOH A O   1 
HETATM 1286 O O   . HOH I 7 .   ? -2.540  5.014   7.981   1.00 33.79  ? 441 HOH A O   1 
HETATM 1287 O O   . HOH I 7 .   ? -9.381  4.891   17.993  1.00 61.86  ? 442 HOH A O   1 
HETATM 1288 O O   . HOH I 7 .   ? 13.582  -6.707  -9.780  1.00 36.16  ? 443 HOH A O   1 
HETATM 1289 O O   . HOH I 7 .   ? 12.561  6.205   -12.208 1.00 58.81  ? 444 HOH A O   1 
HETATM 1290 O O   . HOH I 7 .   ? 0.789   -9.675  -10.484 1.00 40.27  ? 445 HOH A O   1 
HETATM 1291 O O   . HOH I 7 .   ? 0.712   -16.309 7.554   1.00 60.26  ? 446 HOH A O   1 
HETATM 1292 O O   . HOH I 7 .   ? -9.914  -12.520 -1.127  1.00 44.96  ? 447 HOH A O   1 
HETATM 1293 O O   . HOH I 7 .   ? -5.912  -5.240  -12.959 1.00 48.25  ? 448 HOH A O   1 
HETATM 1294 O O   . HOH I 7 .   ? -1.765  3.256   1.374   1.00 33.99  ? 449 HOH A O   1 
HETATM 1295 O O   . HOH I 7 .   ? 9.575   -2.790  -14.654 1.00 47.45  ? 450 HOH A O   1 
HETATM 1296 O O   . HOH I 7 .   ? -9.956  -0.121  -8.277  1.00 64.34  ? 451 HOH A O   1 
HETATM 1297 O O   . HOH I 7 .   ? 9.554   -0.690  -13.256 1.00 42.73  ? 452 HOH A O   1 
HETATM 1298 O O   . HOH I 7 .   ? -1.717  -8.982  11.300  1.00 31.12  ? 453 HOH A O   1 
HETATM 1299 O O   . HOH I 7 .   ? -8.514  -0.458  -10.468 1.00 49.04  ? 454 HOH A O   1 
HETATM 1300 O O   . HOH I 7 .   ? -18.187 -3.810  10.566  1.00 71.25  ? 455 HOH A O   1 
HETATM 1301 O O   . HOH I 7 .   ? 15.563  -6.476  -4.186  1.00 43.73  ? 456 HOH A O   1 
HETATM 1302 O O   . HOH I 7 .   ? -5.789  2.096   15.592  1.00 43.54  ? 457 HOH A O   1 
HETATM 1303 O O   . HOH I 7 .   ? -14.402 -10.804 -6.597  1.00 64.36  ? 458 HOH A O   1 
HETATM 1304 O O   . HOH I 7 .   ? 16.444  -10.302 1.602   1.00 58.52  ? 459 HOH A O   1 
HETATM 1305 O O   . HOH I 7 .   ? 2.093   -7.552  12.391  1.00 52.58  ? 460 HOH A O   1 
HETATM 1306 O O   . HOH I 7 .   ? 5.350   11.452  -2.421  1.00 54.43  ? 461 HOH A O   1 
HETATM 1307 O O   . HOH I 7 .   ? 4.183   -6.573  -17.920 1.00 49.06  ? 462 HOH A O   1 
HETATM 1308 O O   . HOH I 7 .   ? 0.537   4.232   14.009  1.00 52.33  ? 463 HOH A O   1 
HETATM 1309 O O   . HOH I 7 .   ? -11.362 11.763  11.106  1.00 60.66  ? 464 HOH A O   1 
HETATM 1310 O O   . HOH I 7 .   ? -12.151 5.202   -6.877  1.00 48.94  ? 465 HOH A O   1 
HETATM 1311 O O   . HOH I 7 .   ? -16.470 9.671   -11.872 1.00 50.85  ? 466 HOH A O   1 
HETATM 1312 O O   . HOH I 7 .   ? -6.921  -3.146  -14.228 1.00 64.46  ? 467 HOH A O   1 
HETATM 1313 O O   . HOH I 7 .   ? -13.202 -3.704  -6.820  1.00 54.58  ? 468 HOH A O   1 
HETATM 1314 O O   . HOH I 7 .   ? -12.601 3.464   2.619   1.00 59.56  ? 469 HOH A O   1 
HETATM 1315 O O   . HOH I 7 .   ? -10.317 -3.016  -8.113  1.00 59.07  ? 470 HOH A O   1 
HETATM 1316 O O   . HOH I 7 .   ? -4.030  -5.818  12.931  1.00 54.53  ? 471 HOH A O   1 
HETATM 1317 O O   . HOH I 7 .   ? 18.119  -4.800  -5.298  1.00 57.38  ? 472 HOH A O   1 
# 
